data_7P39
#
_entry.id   7P39
#
_cell.length_a   107.219
_cell.length_b   133.806
_cell.length_c   147.866
_cell.angle_alpha   90.000
_cell.angle_beta   90.000
_cell.angle_gamma   90.000
#
_symmetry.space_group_name_H-M   'P 21 21 21'
#
loop_
_entity.id
_entity.type
_entity.pdbx_description
1 polymer Dextransucrase
2 branched 4,6-dideoxy-4-{[(1S,4R,5S,6S)-4,5,6-trihydroxy-3-(hydroxymethyl)cyclohex-2-en-1-yl]amino}-alpha-D-glucopyranose-(1-4)-alpha-D-glucopyranose-(1-4)-beta-D-glucopyranose
3 non-polymer 'CALCIUM ION'
4 non-polymer 'SULFATE ION'
5 water water
#
_entity_poly.entity_id   1
_entity_poly.type   'polypeptide(L)'
_entity_poly.pdbx_seq_one_letter_code
;MAHHHHHHSAALEVLFQGPGGHLLGNRYGKIENGKLNIYSLADNSLIKTVEAGPWENMAYSMDSNSINNIDGYISYTGWY
RPYGTSQDGKTWYPTTVADWRPILMYVWPSKDVQAKFIQYFVNHGYENSNYGLTTGSVKDLSENTASIKLNEVAQNLRYV
IEQHIVAAKSTSQLANDINNFITTIPELSASSELPYGQVIFVNNDNTSYADSKYRLMSRTINNQTGNDNDNSDNGYEFLT
GIDIDNSNPVVQAENLNWEYFLLNYGKLMGYNPDGNFDGFRIDAADHIDADVLDQTGQLMDDMYHMKGNPQNANNHLSYN
EGYRSSAARMLNKKGNPQLYMDYVGSTLGNVLGRANNRDTISNLVTGSIVNRQNDVTENEATPNWSYVTNHDSRANLING
LISKDHPGAYKAEYANQAWQEFYADQKKTDKQYAQYNVPAQYAILLSNKDTVPQIYYGDLYNETAQYMQEKSIYYDAITT
LMKARKQFVSGGQTMTKLSDNLIASVRYGKGVTNANSEGTDSLSRTSGMAVIVGNNPQMAEQTISINMGRAHANEQYRNL
LDTTDNGLTYNADGAENPETLTTDDNGILKVTVKGYSNPYVSGYLGVWVPVVSGNQDVTTNAATVSADSNKIFESNAALD
SHMIYQDFSLYQPEPTSTENHAYNTIAQNAELFNNLGITDFWMAPPYTQYSESRYNDGYSVTDRYNLGTNANPTKYGSGE
ELANAIAALHSAGLKVQVDIVMNQMIGLPGQEAVTVTRADNRGIQTYVNGKTYANQMYFAYTTGGGNGQETYGGKYLSEL
QSKYPDLFTTRAISTGVAPDPTTRITKWSAKYENGTSLQNIGIGLAVKLPNGEYAYLRSSDNKAFNTTLPETMSSADYYA
N
;
_entity_poly.pdbx_strand_id   A,B
#
loop_
_chem_comp.id
_chem_comp.type
_chem_comp.name
_chem_comp.formula
AC1 D-saccharide 4,6-dideoxy-4-{[(1S,4R,5S,6S)-4,5,6-trihydroxy-3-(hydroxymethyl)cyclohex-2-en-1-yl]amino}-alpha-D-glucopyranose 'C13 H23 N O8'
BGC D-saccharide, beta linking beta-D-glucopyranose 'C6 H12 O6'
CA non-polymer 'CALCIUM ION' 'Ca 2'
GLC D-saccharide, alpha linking alpha-D-glucopyranose 'C6 H12 O6'
SO4 non-polymer 'SULFATE ION' 'O4 S -2'
#
# COMPACT_ATOMS: atom_id res chain seq x y z
N VAL A 50 24.63 -51.41 0.88
CA VAL A 50 25.01 -50.24 0.02
C VAL A 50 26.01 -49.34 0.76
N GLU A 51 27.28 -49.76 0.74
CA GLU A 51 28.37 -49.01 1.39
C GLU A 51 28.90 -47.86 0.52
N ALA A 52 28.64 -47.92 -0.79
CA ALA A 52 29.01 -46.84 -1.72
C ALA A 52 27.85 -46.56 -2.66
N GLY A 53 27.36 -45.32 -2.68
CA GLY A 53 26.23 -44.97 -3.53
C GLY A 53 25.74 -43.52 -3.45
N PRO A 54 24.62 -43.21 -4.14
CA PRO A 54 24.02 -41.87 -4.17
C PRO A 54 23.56 -41.30 -2.81
N TRP A 55 23.41 -42.14 -1.79
CA TRP A 55 23.19 -41.66 -0.41
C TRP A 55 24.28 -40.71 0.09
N GLU A 56 25.47 -40.82 -0.47
CA GLU A 56 26.59 -39.91 -0.16
C GLU A 56 26.37 -38.45 -0.61
N ASN A 57 25.33 -38.21 -1.42
CA ASN A 57 24.82 -36.85 -1.67
C ASN A 57 24.31 -36.14 -0.41
N MET A 58 23.97 -36.90 0.64
CA MET A 58 23.60 -36.32 1.94
C MET A 58 24.71 -35.44 2.50
N ALA A 59 24.32 -34.40 3.24
CA ALA A 59 25.27 -33.49 3.87
C ALA A 59 26.22 -34.26 4.79
N TYR A 60 27.48 -33.86 4.79
CA TYR A 60 28.51 -34.49 5.63
C TYR A 60 28.08 -34.49 7.09
N SER A 61 27.63 -33.33 7.56
CA SER A 61 26.93 -33.20 8.84
C SER A 61 25.75 -32.25 8.68
N MET A 62 24.75 -32.40 9.55
CA MET A 62 23.53 -31.61 9.50
C MET A 62 23.66 -30.40 10.43
N ASP A 63 24.58 -29.50 10.07
CA ASP A 63 24.82 -28.28 10.84
C ASP A 63 25.57 -27.25 9.98
N SER A 64 25.82 -26.07 10.55
CA SER A 64 26.50 -24.97 9.83
C SER A 64 27.93 -25.29 9.35
N ASN A 65 28.59 -26.28 9.97
CA ASN A 65 29.93 -26.72 9.54
C ASN A 65 29.98 -27.34 8.15
N SER A 66 28.85 -27.88 7.66
CA SER A 66 28.77 -28.45 6.30
C SER A 66 27.62 -27.93 5.41
N ILE A 67 26.78 -27.03 5.92
CA ILE A 67 25.65 -26.48 5.15
C ILE A 67 25.53 -24.97 5.39
N ASN A 68 25.68 -24.17 4.33
CA ASN A 68 25.50 -22.70 4.41
C ASN A 68 24.07 -22.35 4.82
N ASN A 69 23.94 -21.42 5.77
CA ASN A 69 22.63 -20.94 6.21
C ASN A 69 22.68 -19.54 6.81
N ILE A 70 21.60 -18.78 6.63
CA ILE A 70 21.42 -17.47 7.25
C ILE A 70 20.20 -17.58 8.18
N ASP A 71 20.45 -17.49 9.48
CA ASP A 71 19.45 -17.71 10.54
C ASP A 71 18.73 -19.07 10.42
N GLY A 72 19.46 -20.08 9.93
CA GLY A 72 18.90 -21.42 9.68
C GLY A 72 18.32 -21.65 8.30
N TYR A 73 18.11 -20.59 7.51
CA TYR A 73 17.51 -20.72 6.18
C TYR A 73 18.57 -20.86 5.08
N ILE A 74 18.28 -21.75 4.12
CA ILE A 74 19.22 -22.15 3.08
C ILE A 74 18.94 -21.35 1.80
N SER A 75 20.00 -21.08 1.04
CA SER A 75 19.92 -20.30 -0.21
C SER A 75 20.21 -21.15 -1.44
N TYR A 76 19.62 -20.79 -2.58
CA TYR A 76 19.94 -21.42 -3.87
C TYR A 76 21.28 -20.96 -4.44
N THR A 77 21.75 -19.79 -4.01
CA THR A 77 23.12 -19.33 -4.30
C THR A 77 24.15 -19.96 -3.34
N GLY A 78 23.69 -20.57 -2.25
CA GLY A 78 24.55 -21.18 -1.23
C GLY A 78 25.10 -22.56 -1.60
N TRP A 79 26.05 -23.00 -0.78
CA TRP A 79 26.84 -24.21 -1.03
C TRP A 79 26.79 -25.11 0.22
N TYR A 80 27.09 -26.40 0.03
CA TYR A 80 27.17 -27.35 1.13
C TYR A 80 28.20 -28.45 0.84
N ARG A 81 28.62 -29.16 1.88
CA ARG A 81 29.56 -30.28 1.76
C ARG A 81 28.78 -31.60 1.83
N PRO A 82 28.63 -32.29 0.69
CA PRO A 82 28.06 -33.63 0.76
C PRO A 82 29.05 -34.62 1.37
N TYR A 83 28.57 -35.76 1.83
CA TYR A 83 29.45 -36.78 2.42
C TYR A 83 30.48 -37.28 1.40
N GLY A 84 30.02 -37.56 0.19
CA GLY A 84 30.90 -37.99 -0.90
C GLY A 84 30.41 -37.55 -2.27
N THR A 85 31.22 -37.86 -3.28
CA THR A 85 30.93 -37.48 -4.66
C THR A 85 31.42 -38.54 -5.65
N SER A 86 30.89 -38.51 -6.87
CA SER A 86 31.23 -39.48 -7.92
C SER A 86 31.23 -38.87 -9.32
N GLN A 87 32.11 -39.38 -10.16
CA GLN A 87 32.24 -38.95 -11.56
C GLN A 87 31.61 -39.93 -12.55
N ASP A 88 31.24 -41.13 -12.09
CA ASP A 88 30.61 -42.16 -12.94
C ASP A 88 29.37 -42.87 -12.38
N GLY A 89 29.10 -42.75 -11.08
CA GLY A 89 28.02 -43.50 -10.42
C GLY A 89 28.45 -44.77 -9.72
N LYS A 90 29.56 -45.38 -10.13
CA LYS A 90 30.05 -46.62 -9.52
C LYS A 90 31.02 -46.35 -8.37
N THR A 91 32.05 -45.55 -8.65
CA THR A 91 33.09 -45.21 -7.66
C THR A 91 32.74 -43.90 -6.95
N TRP A 92 32.64 -43.97 -5.62
CA TRP A 92 32.28 -42.82 -4.77
C TRP A 92 33.41 -42.52 -3.80
N TYR A 93 33.85 -41.26 -3.77
CA TYR A 93 34.95 -40.85 -2.90
C TYR A 93 34.46 -39.85 -1.82
N PRO A 94 34.90 -40.04 -0.55
CA PRO A 94 34.56 -39.07 0.49
C PRO A 94 35.14 -37.68 0.25
N THR A 95 34.38 -36.65 0.61
CA THR A 95 34.85 -35.27 0.55
C THR A 95 35.80 -35.00 1.70
N THR A 96 36.74 -34.08 1.49
CA THR A 96 37.47 -33.44 2.58
C THR A 96 36.71 -32.16 2.95
N VAL A 97 37.20 -31.44 3.95
CA VAL A 97 36.57 -30.18 4.39
C VAL A 97 36.54 -29.07 3.34
N ALA A 98 37.42 -29.14 2.33
CA ALA A 98 37.46 -28.16 1.24
C ALA A 98 36.50 -28.46 0.07
N ASP A 99 35.95 -29.68 0.01
CA ASP A 99 35.11 -30.10 -1.12
C ASP A 99 33.62 -29.78 -0.88
N TRP A 100 33.24 -28.54 -1.20
CA TRP A 100 31.86 -28.08 -1.14
C TRP A 100 31.30 -27.96 -2.56
N ARG A 101 29.97 -28.03 -2.67
CA ARG A 101 29.30 -27.96 -3.96
C ARG A 101 28.09 -27.01 -3.89
N PRO A 102 27.73 -26.36 -5.03
CA PRO A 102 26.58 -25.46 -5.06
C PRO A 102 25.26 -26.22 -4.94
N ILE A 103 24.33 -25.67 -4.16
CA ILE A 103 23.04 -26.34 -3.90
C ILE A 103 22.17 -26.49 -5.15
N LEU A 104 22.33 -25.60 -6.14
CA LEU A 104 21.60 -25.70 -7.43
C LEU A 104 21.95 -26.94 -8.29
N MET A 105 23.03 -27.65 -7.97
CA MET A 105 23.27 -28.99 -8.53
C MET A 105 22.29 -30.04 -8.00
N TYR A 106 21.79 -29.82 -6.77
CA TYR A 106 21.02 -30.82 -6.03
C TYR A 106 19.54 -30.48 -5.82
N VAL A 107 19.21 -29.20 -5.61
CA VAL A 107 17.84 -28.76 -5.28
C VAL A 107 17.44 -27.56 -6.13
N TRP A 108 16.14 -27.46 -6.42
CA TRP A 108 15.58 -26.39 -7.25
C TRP A 108 14.24 -25.93 -6.68
N PRO A 109 13.83 -24.67 -6.95
CA PRO A 109 12.52 -24.18 -6.47
C PRO A 109 11.31 -24.87 -7.12
N SER A 110 11.50 -25.42 -8.33
CA SER A 110 10.46 -26.17 -9.00
C SER A 110 11.04 -27.09 -10.08
N LYS A 111 10.19 -27.98 -10.59
CA LYS A 111 10.58 -28.89 -11.68
C LYS A 111 10.96 -28.12 -12.96
N ASP A 112 10.29 -26.98 -13.18
CA ASP A 112 10.60 -26.10 -14.32
C ASP A 112 12.06 -25.63 -14.30
N VAL A 113 12.50 -25.13 -13.16
CA VAL A 113 13.88 -24.64 -12.99
C VAL A 113 14.89 -25.80 -13.04
N GLN A 114 14.50 -26.96 -12.48
CA GLN A 114 15.32 -28.17 -12.56
C GLN A 114 15.60 -28.55 -14.01
N ALA A 115 14.54 -28.58 -14.83
CA ALA A 115 14.67 -28.86 -16.27
C ALA A 115 15.54 -27.83 -16.98
N LYS A 116 15.35 -26.56 -16.64
CA LYS A 116 16.16 -25.48 -17.23
C LYS A 116 17.63 -25.51 -16.77
N PHE A 117 17.87 -25.99 -15.55
CA PHE A 117 19.25 -26.23 -15.06
C PHE A 117 19.94 -27.28 -15.91
N ILE A 118 19.26 -28.42 -16.11
CA ILE A 118 19.78 -29.53 -16.93
C ILE A 118 20.05 -29.04 -18.35
N GLN A 119 19.05 -28.41 -18.96
CA GLN A 119 19.14 -27.88 -20.32
C GLN A 119 20.28 -26.87 -20.47
N TYR A 120 20.38 -25.93 -19.53
CA TYR A 120 21.43 -24.90 -19.57
C TYR A 120 22.82 -25.52 -19.48
N PHE A 121 23.05 -26.38 -18.49
CA PHE A 121 24.38 -26.97 -18.28
C PHE A 121 24.84 -27.84 -19.45
N VAL A 122 23.93 -28.66 -19.99
CA VAL A 122 24.23 -29.47 -21.18
C VAL A 122 24.58 -28.59 -22.39
N ASN A 123 23.87 -27.48 -22.55
CA ASN A 123 24.15 -26.53 -23.65
C ASN A 123 25.38 -25.65 -23.45
N HIS A 124 25.87 -25.52 -22.21
CA HIS A 124 27.02 -24.67 -21.88
C HIS A 124 28.21 -25.48 -21.32
N GLY A 125 28.62 -26.52 -22.07
CA GLY A 125 29.86 -27.25 -21.79
C GLY A 125 29.75 -28.66 -21.23
N TYR A 126 28.64 -28.99 -20.58
CA TYR A 126 28.52 -30.23 -19.80
C TYR A 126 27.70 -31.29 -20.55
N GLU A 127 28.06 -31.53 -21.81
CA GLU A 127 27.42 -32.57 -22.63
C GLU A 127 28.23 -33.86 -22.55
N ASN A 128 27.54 -34.99 -22.44
CA ASN A 128 28.19 -36.31 -22.43
C ASN A 128 27.19 -37.41 -22.84
N SER A 129 27.33 -37.90 -24.07
CA SER A 129 26.41 -38.89 -24.65
C SER A 129 26.37 -40.22 -23.90
N ASN A 130 27.47 -40.57 -23.24
CA ASN A 130 27.54 -41.82 -22.45
C ASN A 130 26.67 -41.77 -21.19
N TYR A 131 26.33 -40.59 -20.72
CA TYR A 131 25.44 -40.41 -19.55
C TYR A 131 24.06 -39.86 -19.93
N GLY A 132 23.67 -40.04 -21.19
CA GLY A 132 22.34 -39.64 -21.69
C GLY A 132 22.09 -38.13 -21.77
N LEU A 133 23.16 -37.36 -21.89
CA LEU A 133 23.08 -35.90 -21.83
C LEU A 133 23.70 -35.26 -23.06
N THR A 134 22.86 -35.05 -24.08
CA THR A 134 23.23 -34.30 -25.28
C THR A 134 22.17 -33.23 -25.52
N THR A 135 22.48 -32.27 -26.39
CA THR A 135 21.57 -31.15 -26.68
C THR A 135 20.16 -31.52 -27.14
N GLY A 136 19.93 -32.76 -27.60
CA GLY A 136 18.63 -33.26 -28.01
C GLY A 136 18.00 -34.29 -27.08
N SER A 137 18.80 -34.93 -26.23
CA SER A 137 18.28 -35.84 -25.20
C SER A 137 17.53 -35.07 -24.09
N VAL A 138 18.01 -33.86 -23.78
CA VAL A 138 17.39 -32.99 -22.78
C VAL A 138 16.50 -31.88 -23.34
N LYS A 139 16.46 -31.74 -24.68
CA LYS A 139 15.73 -30.65 -25.35
C LYS A 139 14.25 -30.55 -24.98
N ASP A 140 13.59 -31.69 -24.81
CA ASP A 140 12.14 -31.75 -24.55
C ASP A 140 11.74 -31.89 -23.07
N LEU A 141 12.73 -31.88 -22.17
CA LEU A 141 12.44 -31.87 -20.72
C LEU A 141 11.71 -30.58 -20.33
N SER A 142 10.85 -30.69 -19.34
CA SER A 142 10.11 -29.53 -18.80
C SER A 142 9.61 -29.87 -17.39
N GLU A 143 8.76 -29.02 -16.83
CA GLU A 143 8.13 -29.30 -15.53
C GLU A 143 7.14 -30.49 -15.58
N ASN A 144 6.52 -30.71 -16.74
CA ASN A 144 5.60 -31.84 -16.93
C ASN A 144 6.27 -33.20 -17.11
N THR A 145 7.60 -33.22 -17.31
CA THR A 145 8.37 -34.47 -17.29
C THR A 145 8.21 -35.16 -15.94
N ALA A 146 8.21 -36.49 -15.94
CA ALA A 146 8.12 -37.28 -14.72
C ALA A 146 9.24 -36.93 -13.74
N SER A 147 8.91 -36.90 -12.45
CA SER A 147 9.84 -36.45 -11.40
C SER A 147 11.08 -37.32 -11.28
N ILE A 148 10.88 -38.64 -11.28
CA ILE A 148 11.98 -39.60 -11.16
C ILE A 148 12.92 -39.56 -12.38
N LYS A 149 12.36 -39.28 -13.57
CA LYS A 149 13.16 -39.10 -14.80
C LYS A 149 14.07 -37.88 -14.69
N LEU A 150 13.51 -36.76 -14.23
CA LEU A 150 14.30 -35.53 -14.02
C LEU A 150 15.38 -35.71 -12.94
N ASN A 151 15.03 -36.39 -11.85
CA ASN A 151 16.01 -36.73 -10.80
C ASN A 151 17.16 -37.57 -11.33
N GLU A 152 16.84 -38.57 -12.15
CA GLU A 152 17.85 -39.42 -12.80
C GLU A 152 18.74 -38.65 -13.78
N VAL A 153 18.13 -37.79 -14.60
CA VAL A 153 18.87 -36.94 -15.54
C VAL A 153 19.77 -35.94 -14.78
N ALA A 154 19.26 -35.41 -13.67
CA ALA A 154 20.04 -34.52 -12.79
C ALA A 154 21.20 -35.23 -12.11
N GLN A 155 20.99 -36.49 -11.70
CA GLN A 155 22.06 -37.30 -11.09
C GLN A 155 23.18 -37.57 -12.11
N ASN A 156 22.80 -37.88 -13.34
CA ASN A 156 23.78 -38.07 -14.42
C ASN A 156 24.59 -36.81 -14.71
N LEU A 157 23.93 -35.65 -14.65
CA LEU A 157 24.61 -34.36 -14.84
C LEU A 157 25.63 -34.09 -13.73
N ARG A 158 25.27 -34.48 -12.50
CA ARG A 158 26.17 -34.42 -11.34
C ARG A 158 27.51 -35.11 -11.64
N TYR A 159 27.43 -36.31 -12.21
CA TYR A 159 28.61 -37.08 -12.59
C TYR A 159 29.44 -36.33 -13.65
N VAL A 160 28.75 -35.76 -14.64
CA VAL A 160 29.41 -34.99 -15.71
C VAL A 160 30.03 -33.69 -15.16
N ILE A 161 29.38 -33.07 -14.17
CA ILE A 161 29.94 -31.90 -13.47
C ILE A 161 31.20 -32.29 -12.70
N GLU A 162 31.17 -33.41 -11.99
CA GLU A 162 32.34 -33.91 -11.28
C GLU A 162 33.52 -34.25 -12.21
N GLN A 163 33.20 -34.73 -13.42
CA GLN A 163 34.22 -34.91 -14.47
C GLN A 163 34.83 -33.58 -14.87
N HIS A 164 33.99 -32.54 -15.03
CA HIS A 164 34.47 -31.18 -15.31
C HIS A 164 35.35 -30.62 -14.19
N ILE A 165 34.92 -30.81 -12.94
CA ILE A 165 35.67 -30.39 -11.74
C ILE A 165 37.07 -31.01 -11.72
N VAL A 166 37.16 -32.30 -12.00
CA VAL A 166 38.44 -33.01 -11.99
C VAL A 166 39.33 -32.59 -13.17
N ALA A 167 38.73 -32.29 -14.32
CA ALA A 167 39.45 -31.77 -15.49
C ALA A 167 40.05 -30.39 -15.26
N ALA A 168 39.38 -29.57 -14.43
CA ALA A 168 39.82 -28.22 -14.10
C ALA A 168 40.57 -28.11 -12.76
N LYS A 169 40.58 -29.18 -11.97
CA LYS A 169 41.18 -29.19 -10.62
C LYS A 169 40.64 -28.11 -9.66
N SER A 170 39.39 -27.67 -9.88
CA SER A 170 38.73 -26.69 -9.03
C SER A 170 37.25 -26.55 -9.37
N THR A 171 36.51 -25.84 -8.53
CA THR A 171 35.10 -25.53 -8.74
C THR A 171 34.86 -24.13 -9.32
N SER A 172 35.92 -23.42 -9.72
CA SER A 172 35.83 -22.02 -10.16
C SER A 172 34.90 -21.85 -11.38
N GLN A 173 35.08 -22.71 -12.37
CA GLN A 173 34.26 -22.68 -13.58
C GLN A 173 32.81 -23.03 -13.28
N LEU A 174 32.60 -24.07 -12.45
CA LEU A 174 31.25 -24.45 -11.99
C LEU A 174 30.53 -23.28 -11.31
N ALA A 175 31.22 -22.62 -10.37
CA ALA A 175 30.69 -21.45 -9.66
C ALA A 175 30.23 -20.35 -10.61
N ASN A 176 31.03 -20.10 -11.65
CA ASN A 176 30.71 -19.10 -12.67
C ASN A 176 29.49 -19.53 -13.49
N ASP A 177 29.43 -20.80 -13.89
CA ASP A 177 28.29 -21.35 -14.64
C ASP A 177 26.99 -21.32 -13.84
N ILE A 178 27.07 -21.61 -12.53
CA ILE A 178 25.93 -21.50 -11.62
C ILE A 178 25.42 -20.05 -11.57
N ASN A 179 26.34 -19.11 -11.39
CA ASN A 179 26.01 -17.67 -11.37
C ASN A 179 25.41 -17.20 -12.69
N ASN A 180 25.98 -17.65 -13.81
CA ASN A 180 25.46 -17.32 -15.14
C ASN A 180 24.07 -17.92 -15.39
N PHE A 181 23.87 -19.17 -14.93
CA PHE A 181 22.55 -19.81 -15.01
C PHE A 181 21.49 -19.06 -14.20
N ILE A 182 21.83 -18.70 -12.96
CA ILE A 182 20.92 -17.96 -12.08
C ILE A 182 20.36 -16.69 -12.75
N THR A 183 21.22 -15.94 -13.45
CA THR A 183 20.80 -14.69 -14.09
C THR A 183 19.77 -14.89 -15.21
N THR A 184 19.73 -16.07 -15.82
CA THR A 184 18.74 -16.39 -16.87
C THR A 184 17.35 -16.78 -16.36
N ILE A 185 17.23 -17.12 -15.07
CA ILE A 185 15.93 -17.40 -14.46
C ILE A 185 15.39 -16.14 -13.80
N PRO A 186 14.20 -15.65 -14.23
CA PRO A 186 13.58 -14.48 -13.61
C PRO A 186 13.52 -14.54 -12.08
N GLU A 187 13.03 -15.66 -11.53
CA GLU A 187 12.81 -15.78 -10.08
C GLU A 187 14.08 -15.91 -9.23
N LEU A 188 15.20 -16.37 -9.82
CA LEU A 188 16.46 -16.55 -9.08
C LEU A 188 17.41 -15.35 -9.14
N SER A 189 17.36 -14.59 -10.23
CA SER A 189 18.25 -13.43 -10.41
C SER A 189 17.94 -12.30 -9.44
N ALA A 190 18.83 -11.31 -9.38
CA ALA A 190 18.64 -10.12 -8.57
C ALA A 190 17.44 -9.29 -9.06
N SER A 191 17.24 -9.25 -10.39
CA SER A 191 16.14 -8.49 -11.01
C SER A 191 14.73 -8.86 -10.53
N SER A 192 14.58 -10.02 -9.89
CA SER A 192 13.33 -10.41 -9.20
C SER A 192 12.84 -9.38 -8.16
N GLU A 193 13.76 -8.67 -7.52
CA GLU A 193 13.39 -7.65 -6.52
C GLU A 193 12.81 -6.35 -7.11
N LEU A 194 12.81 -6.24 -8.44
CA LEU A 194 12.09 -5.18 -9.18
C LEU A 194 12.70 -3.79 -8.95
N PRO A 195 13.84 -3.50 -9.61
CA PRO A 195 14.43 -2.17 -9.49
C PRO A 195 13.58 -1.08 -10.17
N TYR A 196 13.57 0.17 -9.68
CA TYR A 196 14.43 0.68 -8.58
C TYR A 196 13.57 1.25 -7.46
N GLY A 197 14.00 1.03 -6.22
CA GLY A 197 13.24 1.46 -5.05
C GLY A 197 13.68 0.76 -3.77
N GLN A 198 12.69 0.32 -2.98
CA GLN A 198 12.89 -0.19 -1.63
C GLN A 198 11.98 -1.38 -1.33
N VAL A 199 12.22 -2.02 -0.19
CA VAL A 199 11.31 -3.02 0.39
C VAL A 199 11.09 -2.70 1.87
N ILE A 200 9.91 -3.03 2.39
CA ILE A 200 9.61 -2.91 3.82
C ILE A 200 9.70 -4.27 4.49
N PHE A 201 10.23 -4.32 5.71
CA PHE A 201 10.23 -5.54 6.50
C PHE A 201 8.86 -5.71 7.14
N VAL A 202 8.32 -6.93 7.06
CA VAL A 202 6.98 -7.24 7.58
C VAL A 202 7.01 -8.47 8.49
N ASN A 203 5.94 -8.64 9.25
CA ASN A 203 5.84 -9.70 10.25
C ASN A 203 5.65 -11.06 9.58
N ASN A 204 6.30 -12.08 10.14
CA ASN A 204 6.20 -13.45 9.65
C ASN A 204 6.70 -14.42 10.72
N ASP A 205 6.01 -15.55 10.87
CA ASP A 205 6.39 -16.55 11.87
C ASP A 205 7.71 -17.27 11.52
N ASN A 206 8.07 -17.28 10.24
CA ASN A 206 9.38 -17.79 9.80
C ASN A 206 10.52 -16.88 10.25
N THR A 207 10.32 -15.56 10.13
CA THR A 207 11.30 -14.57 10.60
C THR A 207 10.77 -13.86 11.85
N SER A 208 10.42 -14.67 12.86
CA SER A 208 9.74 -14.20 14.09
C SER A 208 10.59 -13.24 14.92
N TYR A 209 11.88 -13.53 15.01
CA TYR A 209 12.90 -12.59 15.57
C TYR A 209 12.85 -11.17 14.99
N ALA A 210 12.49 -11.05 13.70
CA ALA A 210 12.38 -9.76 13.02
C ALA A 210 10.98 -9.11 13.05
N ASP A 211 10.06 -9.65 13.87
CA ASP A 211 8.72 -9.08 14.00
C ASP A 211 8.73 -7.74 14.72
N SER A 212 7.64 -6.99 14.53
CA SER A 212 7.45 -5.71 15.17
C SER A 212 5.97 -5.33 15.23
N LYS A 213 5.57 -4.72 16.35
CA LYS A 213 4.25 -4.13 16.50
C LYS A 213 4.17 -2.74 15.89
N TYR A 214 5.33 -2.11 15.64
CA TYR A 214 5.39 -0.67 15.48
C TYR A 214 5.48 -0.33 13.99
N ARG A 215 6.65 -0.31 13.36
CA ARG A 215 6.77 0.07 11.92
C ARG A 215 5.68 1.00 11.33
N LEU A 216 5.39 2.08 12.07
CA LEU A 216 4.39 3.08 11.65
C LEU A 216 5.07 3.99 10.63
N MET A 217 4.73 3.79 9.35
CA MET A 217 5.50 4.35 8.24
C MET A 217 4.97 5.73 7.84
N SER A 218 5.91 6.62 7.48
CA SER A 218 5.62 7.96 6.94
C SER A 218 4.79 8.83 7.90
N ARG A 219 5.11 8.73 9.19
CA ARG A 219 4.51 9.57 10.22
C ARG A 219 5.31 10.86 10.32
N THR A 220 5.33 11.60 9.21
CA THR A 220 6.28 12.66 8.95
C THR A 220 5.58 14.01 8.90
N ILE A 221 6.18 15.00 9.55
CA ILE A 221 5.67 16.37 9.57
C ILE A 221 4.27 16.37 10.23
N ASN A 222 3.20 16.72 9.51
CA ASN A 222 1.86 16.79 10.10
C ASN A 222 1.13 15.43 10.10
N ASN A 223 1.74 14.41 9.50
CA ASN A 223 1.16 13.05 9.46
C ASN A 223 1.52 12.16 10.66
N GLN A 224 2.02 12.74 11.76
CA GLN A 224 2.30 12.00 13.00
C GLN A 224 1.20 11.03 13.45
N THR A 225 -0.04 11.50 13.44
CA THR A 225 -1.19 10.69 13.86
C THR A 225 -1.61 9.63 12.83
N GLY A 226 -0.97 9.61 11.66
CA GLY A 226 -1.55 9.04 10.45
C GLY A 226 -2.46 10.15 9.96
N ASN A 227 -3.48 9.77 9.20
CA ASN A 227 -4.51 10.70 8.70
C ASN A 227 -3.99 11.95 8.00
N ASP A 228 -3.66 11.78 6.72
CA ASP A 228 -3.22 12.89 5.87
C ASP A 228 -4.49 13.53 5.29
N ASN A 229 -4.88 14.67 5.85
CA ASN A 229 -6.01 15.48 5.34
C ASN A 229 -5.61 16.91 4.95
N ASP A 230 -4.34 17.27 5.17
CA ASP A 230 -3.71 18.46 4.64
C ASP A 230 -3.49 18.04 3.20
N ASN A 231 -3.90 18.87 2.25
CA ASN A 231 -3.57 18.66 0.83
C ASN A 231 -2.22 19.34 0.56
N SER A 232 -1.17 18.82 1.18
CA SER A 232 0.16 19.42 1.18
C SER A 232 1.24 18.32 1.26
N ASP A 233 2.40 18.63 0.71
CA ASP A 233 3.54 17.70 0.73
C ASP A 233 4.09 17.60 2.16
N ASN A 234 3.87 16.45 2.79
CA ASN A 234 4.43 16.15 4.11
C ASN A 234 5.62 15.18 4.13
N GLY A 235 6.19 14.77 3.00
CA GLY A 235 7.31 13.83 3.06
C GLY A 235 6.95 12.38 3.37
N TYR A 236 7.96 11.53 3.33
CA TYR A 236 7.81 10.06 3.20
C TYR A 236 8.95 9.36 3.92
N GLU A 237 8.73 8.10 4.31
CA GLU A 237 9.68 7.39 5.21
C GLU A 237 11.06 7.15 4.60
N PHE A 238 11.11 6.59 3.39
CA PHE A 238 12.34 6.06 2.80
C PHE A 238 13.12 7.08 1.95
N LEU A 239 14.43 7.13 2.17
CA LEU A 239 15.37 7.86 1.32
C LEU A 239 16.29 6.86 0.61
N THR A 240 17.28 6.32 1.34
CA THR A 240 18.23 5.34 0.81
C THR A 240 18.93 4.67 1.99
N GLY A 241 19.26 3.38 1.81
CA GLY A 241 19.87 2.58 2.87
C GLY A 241 18.86 2.00 3.83
N ILE A 242 19.38 1.46 4.93
CA ILE A 242 18.58 0.70 5.90
C ILE A 242 17.82 1.67 6.82
N ASP A 243 16.51 1.77 6.62
CA ASP A 243 15.69 2.76 7.29
C ASP A 243 15.37 2.36 8.73
N ILE A 244 15.71 3.24 9.67
CA ILE A 244 15.52 2.98 11.10
C ILE A 244 14.06 3.26 11.47
N ASP A 245 13.44 2.34 12.20
CA ASP A 245 12.06 2.51 12.66
C ASP A 245 12.03 3.42 13.89
N ASN A 246 11.94 4.72 13.62
CA ASN A 246 11.83 5.74 14.68
C ASN A 246 10.42 5.84 15.30
N SER A 247 9.51 4.94 14.89
CA SER A 247 8.23 4.74 15.58
C SER A 247 8.35 3.75 16.75
N ASN A 248 9.38 2.91 16.74
CA ASN A 248 9.57 1.89 17.79
C ASN A 248 9.98 2.56 19.11
N PRO A 249 9.19 2.36 20.20
CA PRO A 249 9.51 2.95 21.50
C PRO A 249 10.93 2.69 22.01
N VAL A 250 11.46 1.50 21.74
CA VAL A 250 12.83 1.16 22.15
C VAL A 250 13.86 1.97 21.35
N VAL A 251 13.59 2.17 20.06
CA VAL A 251 14.43 3.02 19.20
C VAL A 251 14.34 4.48 19.64
N GLN A 252 13.13 4.94 19.98
CA GLN A 252 12.93 6.30 20.48
C GLN A 252 13.71 6.58 21.76
N ALA A 253 13.75 5.60 22.66
CA ALA A 253 14.59 5.67 23.87
C ALA A 253 16.08 5.71 23.52
N GLU A 254 16.49 4.91 22.54
CA GLU A 254 17.87 4.88 22.08
C GLU A 254 18.33 6.22 21.47
N ASN A 255 17.45 6.91 20.76
CA ASN A 255 17.76 8.26 20.24
C ASN A 255 18.06 9.25 21.36
N LEU A 256 17.29 9.19 22.45
CA LEU A 256 17.52 10.02 23.62
C LEU A 256 18.86 9.69 24.28
N ASN A 257 19.19 8.40 24.36
CA ASN A 257 20.52 7.95 24.80
C ASN A 257 21.62 8.54 23.93
N TRP A 258 21.44 8.42 22.62
CA TRP A 258 22.41 8.88 21.63
C TRP A 258 22.61 10.40 21.73
N GLU A 259 21.51 11.13 21.86
CA GLU A 259 21.54 12.59 22.01
C GLU A 259 22.23 13.02 23.30
N TYR A 260 21.92 12.37 24.42
CA TYR A 260 22.60 12.61 25.70
C TYR A 260 24.12 12.39 25.60
N PHE A 261 24.50 11.33 24.89
CA PHE A 261 25.92 11.01 24.64
C PHE A 261 26.63 12.15 23.90
N LEU A 262 26.03 12.61 22.79
CA LEU A 262 26.60 13.71 22.00
C LEU A 262 26.64 15.03 22.78
N LEU A 263 25.59 15.32 23.55
CA LEU A 263 25.54 16.52 24.38
C LEU A 263 26.54 16.53 25.56
N ASN A 264 27.09 15.36 25.91
CA ASN A 264 28.11 15.21 26.96
C ASN A 264 29.35 14.45 26.45
N TYR A 265 29.65 14.57 25.15
CA TYR A 265 30.65 13.69 24.49
C TYR A 265 32.02 13.63 25.17
N GLY A 266 32.69 14.78 25.25
CA GLY A 266 34.02 14.87 25.83
C GLY A 266 34.11 14.38 27.27
N LYS A 267 33.11 14.77 28.07
CA LYS A 267 33.00 14.32 29.46
C LYS A 267 32.92 12.80 29.56
N LEU A 268 32.01 12.21 28.79
CA LEU A 268 31.74 10.78 28.85
C LEU A 268 32.86 9.89 28.29
N MET A 269 33.63 10.40 27.32
CA MET A 269 34.80 9.69 26.77
C MET A 269 36.07 9.86 27.62
N GLY A 270 36.08 10.83 28.53
CA GLY A 270 37.29 11.18 29.27
C GLY A 270 38.31 11.92 28.43
N TYR A 271 37.85 12.60 27.38
CA TYR A 271 38.68 13.48 26.57
C TYR A 271 38.61 14.87 27.20
N ASN A 272 38.72 15.94 26.41
CA ASN A 272 38.48 17.30 26.90
C ASN A 272 37.18 17.31 27.72
N PRO A 273 37.21 17.81 28.98
CA PRO A 273 35.98 17.85 29.79
C PRO A 273 34.94 18.89 29.31
N ASP A 274 35.41 19.99 28.72
CA ASP A 274 34.58 20.82 27.84
C ASP A 274 34.64 20.12 26.49
N GLY A 275 34.04 20.69 25.45
CA GLY A 275 34.07 20.04 24.15
C GLY A 275 32.89 19.11 23.88
N ASN A 276 31.76 19.40 24.52
CA ASN A 276 30.54 18.63 24.36
C ASN A 276 29.63 19.44 23.44
N PHE A 277 28.81 18.76 22.63
CA PHE A 277 27.92 19.48 21.69
C PHE A 277 26.81 20.23 22.43
N ASP A 278 26.42 21.37 21.87
CA ASP A 278 25.42 22.25 22.48
C ASP A 278 24.01 22.06 21.88
N GLY A 279 23.94 21.58 20.64
CA GLY A 279 22.65 21.33 19.98
C GLY A 279 22.74 20.34 18.83
N PHE A 280 21.75 20.39 17.94
CA PHE A 280 21.63 19.43 16.83
C PHE A 280 21.20 20.08 15.52
N ARG A 281 21.89 19.76 14.44
CA ARG A 281 21.36 19.92 13.10
C ARG A 281 20.73 18.57 12.78
N ILE A 282 19.41 18.53 12.59
CA ILE A 282 18.68 17.27 12.44
C ILE A 282 18.55 16.87 10.96
N ASP A 283 19.30 15.85 10.58
CA ASP A 283 19.31 15.32 9.20
C ASP A 283 18.00 14.61 8.88
N ALA A 284 17.51 14.85 7.67
CA ALA A 284 16.33 14.15 7.13
C ALA A 284 15.10 14.25 8.04
N ALA A 285 14.86 15.45 8.58
CA ALA A 285 13.74 15.69 9.50
C ALA A 285 12.37 15.52 8.83
N ASP A 286 12.33 15.65 7.50
CA ASP A 286 11.12 15.36 6.72
C ASP A 286 10.90 13.87 6.42
N HIS A 287 11.79 12.98 6.89
CA HIS A 287 11.72 11.56 6.55
C HIS A 287 11.89 10.63 7.75
N ILE A 288 11.56 11.12 8.94
CA ILE A 288 11.60 10.33 10.19
C ILE A 288 10.31 10.57 10.97
N ASP A 289 9.90 9.59 11.76
CA ASP A 289 8.72 9.73 12.62
C ASP A 289 8.93 10.97 13.50
N ALA A 290 8.05 11.94 13.35
CA ALA A 290 8.22 13.26 14.01
C ALA A 290 8.11 13.21 15.54
N ASP A 291 7.73 12.07 16.12
CA ASP A 291 7.89 11.80 17.56
C ASP A 291 9.27 12.16 18.08
N VAL A 292 10.30 11.81 17.32
CA VAL A 292 11.70 12.07 17.71
C VAL A 292 12.03 13.57 17.79
N LEU A 293 11.31 14.40 17.03
CA LEU A 293 11.45 15.85 17.10
C LEU A 293 10.86 16.40 18.42
N ASP A 294 9.69 15.89 18.82
CA ASP A 294 9.11 16.20 20.13
C ASP A 294 10.05 15.80 21.25
N GLN A 295 10.57 14.58 21.15
CA GLN A 295 11.41 13.99 22.20
C GLN A 295 12.78 14.64 22.32
N THR A 296 13.38 15.06 21.18
CA THR A 296 14.62 15.86 21.19
C THR A 296 14.43 17.16 21.95
N GLY A 297 13.36 17.88 21.61
CA GLY A 297 12.97 19.11 22.29
C GLY A 297 12.74 18.91 23.78
N GLN A 298 12.05 17.81 24.13
CA GLN A 298 11.79 17.46 25.53
C GLN A 298 13.08 17.25 26.30
N LEU A 299 13.99 16.46 25.74
CA LEU A 299 15.30 16.17 26.37
C LEU A 299 16.08 17.45 26.64
N MET A 300 16.19 18.28 25.60
CA MET A 300 16.97 19.53 25.68
C MET A 300 16.37 20.52 26.68
N ASP A 301 15.04 20.56 26.74
CA ASP A 301 14.32 21.38 27.72
C ASP A 301 14.49 20.85 29.15
N ASP A 302 14.42 19.53 29.30
CA ASP A 302 14.69 18.89 30.60
C ASP A 302 16.10 19.14 31.11
N MET A 303 17.08 18.99 30.23
CA MET A 303 18.50 19.15 30.59
C MET A 303 18.89 20.60 30.85
N TYR A 304 18.42 21.51 29.99
CA TYR A 304 18.90 22.90 29.99
C TYR A 304 17.86 24.00 30.28
N HIS A 305 16.62 23.63 30.57
CA HIS A 305 15.56 24.58 30.97
C HIS A 305 15.37 25.72 29.95
N MET A 306 14.92 25.34 28.76
CA MET A 306 14.82 26.25 27.62
C MET A 306 13.47 26.95 27.50
N LYS A 307 12.39 26.31 27.97
CA LYS A 307 11.04 26.88 27.90
C LYS A 307 10.89 28.22 28.62
N GLY A 308 11.58 28.37 29.75
CA GLY A 308 11.57 29.60 30.53
C GLY A 308 12.46 30.69 29.96
N ASN A 309 13.73 30.35 29.72
CA ASN A 309 14.75 31.31 29.29
C ASN A 309 15.03 31.24 27.79
N PRO A 310 14.75 32.33 27.04
CA PRO A 310 15.32 32.48 25.70
C PRO A 310 16.86 32.40 25.63
N GLN A 311 17.55 32.77 26.70
CA GLN A 311 19.01 32.62 26.78
C GLN A 311 19.43 31.15 26.74
N ASN A 312 18.79 30.32 27.57
CA ASN A 312 19.05 28.87 27.59
C ASN A 312 18.69 28.22 26.25
N ALA A 313 17.55 28.62 25.68
CA ALA A 313 17.13 28.13 24.37
C ALA A 313 18.17 28.46 23.31
N ASN A 314 18.52 29.75 23.20
CA ASN A 314 19.46 30.22 22.17
C ASN A 314 20.89 29.69 22.30
N ASN A 315 21.32 29.35 23.52
CA ASN A 315 22.63 28.70 23.74
C ASN A 315 22.65 27.23 23.31
N HIS A 316 21.47 26.60 23.23
CA HIS A 316 21.31 25.25 22.72
C HIS A 316 20.44 25.25 21.47
N LEU A 317 20.96 25.91 20.43
CA LEU A 317 20.25 26.08 19.16
C LEU A 317 20.20 24.75 18.39
N SER A 318 19.00 24.35 17.99
CA SER A 318 18.80 23.16 17.13
C SER A 318 17.99 23.54 15.89
N TYR A 319 18.28 22.88 14.77
CA TYR A 319 17.65 23.20 13.49
C TYR A 319 17.48 22.00 12.55
N ASN A 320 16.30 21.92 11.93
CA ASN A 320 15.88 20.75 11.16
C ASN A 320 16.09 20.96 9.67
N GLU A 321 16.77 20.01 9.03
CA GLU A 321 16.93 20.01 7.57
C GLU A 321 15.64 19.52 6.91
N GLY A 322 15.10 20.34 6.03
CA GLY A 322 13.90 20.00 5.28
C GLY A 322 13.72 20.85 4.04
N TYR A 323 13.10 20.27 3.01
CA TYR A 323 12.78 20.96 1.76
C TYR A 323 11.27 21.00 1.52
N ARG A 324 10.48 20.97 2.60
CA ARG A 324 9.02 20.97 2.51
C ARG A 324 8.43 22.01 3.49
N SER A 325 7.69 22.97 2.92
CA SER A 325 7.18 24.13 3.67
C SER A 325 6.13 23.79 4.74
N SER A 326 5.50 22.62 4.62
CA SER A 326 4.59 22.11 5.65
C SER A 326 5.25 21.94 7.03
N ALA A 327 6.57 21.80 7.06
CA ALA A 327 7.33 21.74 8.33
C ALA A 327 7.23 23.00 9.19
N ALA A 328 7.04 24.16 8.56
CA ALA A 328 6.86 25.43 9.29
C ALA A 328 5.61 25.36 10.16
N ARG A 329 4.48 24.98 9.55
CA ARG A 329 3.20 24.79 10.26
C ARG A 329 3.36 23.84 11.44
N MET A 330 3.97 22.68 11.17
CA MET A 330 4.23 21.64 12.17
C MET A 330 4.98 22.18 13.37
N LEU A 331 6.11 22.84 13.11
CA LEU A 331 6.96 23.38 14.17
C LEU A 331 6.27 24.49 14.97
N ASN A 332 5.51 25.35 14.29
CA ASN A 332 4.73 26.39 14.97
C ASN A 332 3.72 25.81 15.96
N LYS A 333 3.00 24.78 15.52
CA LYS A 333 2.04 24.07 16.39
C LYS A 333 2.69 23.43 17.62
N LYS A 334 3.96 23.03 17.49
CA LYS A 334 4.72 22.42 18.59
C LYS A 334 5.50 23.43 19.46
N GLY A 335 5.30 24.72 19.22
CA GLY A 335 6.04 25.76 19.94
C GLY A 335 7.49 25.92 19.51
N ASN A 336 7.82 25.46 18.29
CA ASN A 336 9.13 25.65 17.68
C ASN A 336 10.32 25.10 18.49
N PRO A 337 10.35 23.77 18.71
CA PRO A 337 11.49 23.15 19.40
C PRO A 337 12.79 23.17 18.59
N GLN A 338 12.68 23.24 17.27
CA GLN A 338 13.81 23.44 16.36
C GLN A 338 13.46 24.49 15.31
N LEU A 339 14.49 25.02 14.66
CA LEU A 339 14.29 25.98 13.57
C LEU A 339 13.85 25.27 12.28
N TYR A 340 12.96 25.93 11.55
CA TYR A 340 12.49 25.46 10.23
C TYR A 340 13.48 25.89 9.15
N MET A 341 13.82 25.00 8.21
CA MET A 341 14.72 25.38 7.10
C MET A 341 13.95 26.09 5.98
N ASP A 342 14.28 27.37 5.78
CA ASP A 342 13.62 28.22 4.79
C ASP A 342 14.09 27.90 3.37
N TYR A 343 13.24 28.23 2.39
CA TYR A 343 13.47 27.97 0.96
C TYR A 343 13.93 29.22 0.17
N VAL A 344 14.42 30.24 0.87
CA VAL A 344 14.91 31.46 0.20
C VAL A 344 16.17 31.22 -0.65
N GLY A 345 16.90 30.13 -0.38
CA GLY A 345 18.01 29.69 -1.23
C GLY A 345 17.60 29.49 -2.68
N SER A 346 16.51 28.77 -2.91
CA SER A 346 15.96 28.57 -4.26
C SER A 346 15.53 29.88 -4.89
N THR A 347 14.88 30.74 -4.12
CA THR A 347 14.48 32.08 -4.56
C THR A 347 15.68 32.91 -5.00
N LEU A 348 16.71 32.93 -4.15
CA LEU A 348 17.97 33.61 -4.45
C LEU A 348 18.61 33.11 -5.75
N GLY A 349 18.59 31.78 -5.94
CA GLY A 349 19.10 31.15 -7.16
C GLY A 349 18.31 31.50 -8.41
N ASN A 350 16.98 31.47 -8.31
CA ASN A 350 16.10 31.76 -9.45
C ASN A 350 16.11 33.23 -9.85
N VAL A 351 16.29 34.14 -8.89
CA VAL A 351 16.26 35.58 -9.15
C VAL A 351 17.64 36.14 -9.52
N LEU A 352 18.66 35.76 -8.74
CA LEU A 352 20.04 36.31 -8.90
C LEU A 352 21.05 35.35 -9.53
N GLY A 353 20.86 34.04 -9.34
CA GLY A 353 21.85 33.03 -9.68
C GLY A 353 21.86 32.46 -11.09
N ARG A 354 20.71 32.50 -11.76
CA ARG A 354 20.59 32.03 -13.15
C ARG A 354 21.35 32.91 -14.15
N ALA A 355 21.65 32.34 -15.31
CA ALA A 355 22.28 33.07 -16.41
C ALA A 355 21.25 33.91 -17.17
N ASN A 356 20.22 33.24 -17.70
CA ASN A 356 19.10 33.88 -18.37
C ASN A 356 17.77 33.28 -17.85
N ASN A 357 16.67 33.98 -18.10
CA ASN A 357 15.34 33.63 -17.56
C ASN A 357 15.33 33.68 -16.02
N ARG A 358 15.69 34.85 -15.50
CA ARG A 358 15.63 35.14 -14.07
C ARG A 358 14.22 35.55 -13.65
N ASP A 359 13.82 35.12 -12.45
CA ASP A 359 12.57 35.58 -11.85
C ASP A 359 12.72 37.05 -11.47
N THR A 360 11.58 37.75 -11.37
CA THR A 360 11.59 39.19 -11.08
C THR A 360 12.09 39.46 -9.66
N ILE A 361 12.71 40.63 -9.47
CA ILE A 361 13.35 41.02 -8.21
C ILE A 361 12.40 41.01 -7.01
N SER A 362 11.11 41.26 -7.27
CA SER A 362 10.04 41.20 -6.26
C SER A 362 9.95 39.86 -5.52
N ASN A 363 10.34 38.76 -6.17
CA ASN A 363 10.34 37.43 -5.54
C ASN A 363 11.14 37.33 -4.24
N LEU A 364 12.14 38.19 -4.06
CA LEU A 364 12.91 38.25 -2.82
C LEU A 364 12.11 38.75 -1.61
N VAL A 365 11.09 39.58 -1.83
CA VAL A 365 10.26 40.08 -0.72
C VAL A 365 9.25 39.02 -0.25
N THR A 366 8.68 38.27 -1.19
CA THR A 366 7.60 37.31 -0.93
C THR A 366 8.04 35.84 -0.88
N GLY A 367 9.07 35.47 -1.64
CA GLY A 367 9.47 34.06 -1.80
C GLY A 367 10.26 33.50 -0.64
N SER A 368 9.59 33.35 0.50
CA SER A 368 10.22 32.89 1.74
C SER A 368 9.11 32.62 2.76
N ILE A 369 9.45 31.90 3.84
CA ILE A 369 8.50 31.70 4.95
C ILE A 369 8.17 33.03 5.66
N VAL A 370 9.05 34.03 5.52
CA VAL A 370 8.80 35.38 6.02
C VAL A 370 8.65 36.37 4.86
N ASN A 371 7.52 37.10 4.84
CA ASN A 371 7.34 38.22 3.91
C ASN A 371 8.10 39.42 4.48
N ARG A 372 9.08 39.92 3.71
CA ARG A 372 9.98 40.98 4.18
C ARG A 372 9.79 42.31 3.42
N GLN A 373 8.60 42.53 2.87
CA GLN A 373 8.25 43.79 2.21
C GLN A 373 8.26 44.94 3.22
N ASN A 374 7.68 44.69 4.39
CA ASN A 374 7.78 45.61 5.54
C ASN A 374 7.66 44.82 6.86
N ASP A 375 8.77 44.20 7.24
CA ASP A 375 8.85 43.35 8.44
C ASP A 375 9.29 44.21 9.64
N VAL A 376 8.32 44.63 10.44
CA VAL A 376 8.54 45.57 11.54
C VAL A 376 7.96 45.07 12.87
N THR A 377 7.99 43.75 13.07
CA THR A 377 7.41 43.11 14.25
C THR A 377 8.38 42.07 14.80
N GLU A 378 8.08 41.61 16.03
CA GLU A 378 8.89 40.60 16.72
C GLU A 378 7.98 39.43 17.12
N ASN A 379 8.57 38.24 17.19
CA ASN A 379 7.89 37.02 17.69
C ASN A 379 6.66 36.56 16.86
N GLU A 380 6.58 36.98 15.60
CA GLU A 380 5.47 36.57 14.71
C GLU A 380 5.91 35.62 13.60
N ALA A 381 7.08 35.88 13.01
CA ALA A 381 7.64 35.03 11.96
C ALA A 381 8.03 33.66 12.50
N THR A 382 7.97 32.65 11.62
CA THR A 382 8.39 31.29 11.97
C THR A 382 9.90 31.28 12.19
N PRO A 383 10.36 30.91 13.41
CA PRO A 383 11.80 30.79 13.65
C PRO A 383 12.44 29.84 12.63
N ASN A 384 13.41 30.36 11.89
CA ASN A 384 13.95 29.64 10.74
C ASN A 384 15.44 29.85 10.53
N TRP A 385 16.01 28.98 9.70
CA TRP A 385 17.38 29.13 9.21
C TRP A 385 17.37 29.09 7.68
N SER A 386 18.25 29.89 7.08
CA SER A 386 18.28 30.08 5.63
C SER A 386 19.71 29.99 5.10
N TYR A 387 19.84 29.81 3.80
CA TYR A 387 21.14 29.58 3.17
C TYR A 387 21.21 30.10 1.73
N VAL A 388 22.41 30.50 1.31
CA VAL A 388 22.71 30.73 -0.09
C VAL A 388 23.13 29.40 -0.73
N THR A 389 23.94 28.64 -0.01
CA THR A 389 24.40 27.32 -0.45
C THR A 389 24.47 26.35 0.74
N ASN A 390 24.32 25.06 0.45
CA ASN A 390 24.71 23.99 1.37
C ASN A 390 25.35 22.84 0.59
N HIS A 391 25.88 21.85 1.31
CA HIS A 391 26.58 20.71 0.72
C HIS A 391 25.81 19.96 -0.38
N ASP A 392 24.49 19.81 -0.20
CA ASP A 392 23.63 19.17 -1.19
C ASP A 392 23.44 20.03 -2.45
N SER A 393 23.32 21.35 -2.28
CA SER A 393 23.14 22.27 -3.41
C SER A 393 24.33 22.28 -4.35
N ARG A 394 25.54 22.31 -3.77
CA ARG A 394 26.77 22.24 -4.56
C ARG A 394 26.91 20.86 -5.23
N ALA A 395 26.52 19.80 -4.51
CA ALA A 395 26.57 18.43 -5.04
C ALA A 395 25.67 18.21 -6.26
N ASN A 396 24.46 18.76 -6.22
CA ASN A 396 23.52 18.67 -7.35
C ASN A 396 23.97 19.49 -8.57
N LEU A 397 24.81 20.51 -8.35
CA LEU A 397 25.44 21.24 -9.44
C LEU A 397 26.53 20.39 -10.09
N ILE A 398 27.40 19.80 -9.27
CA ILE A 398 28.52 18.98 -9.74
C ILE A 398 28.01 17.68 -10.38
N ASN A 399 27.08 16.99 -9.69
CA ASN A 399 26.45 15.79 -10.24
C ASN A 399 25.55 15.93 -11.49
N GLY A 400 25.34 17.15 -11.98
CA GLY A 400 24.76 17.38 -13.31
C GLY A 400 25.77 17.81 -14.35
N LEU A 401 26.88 18.40 -13.91
CA LEU A 401 28.05 18.59 -14.75
C LEU A 401 28.66 17.23 -15.12
N ILE A 402 28.61 16.26 -14.19
CA ILE A 402 29.01 14.87 -14.48
C ILE A 402 28.24 14.29 -15.67
N SER A 403 26.93 14.55 -15.73
CA SER A 403 26.08 14.03 -16.82
C SER A 403 26.49 14.50 -18.24
N LYS A 404 27.27 15.57 -18.34
CA LYS A 404 27.85 16.01 -19.61
C LYS A 404 29.24 15.42 -19.87
N ASP A 405 30.03 15.23 -18.80
CA ASP A 405 31.40 14.73 -18.90
C ASP A 405 31.50 13.23 -19.12
N HIS A 406 30.77 12.47 -18.28
CA HIS A 406 30.61 11.03 -18.42
C HIS A 406 29.15 10.77 -18.82
N PRO A 407 28.83 10.88 -20.12
CA PRO A 407 27.46 11.13 -20.57
C PRO A 407 26.48 9.97 -20.38
N GLY A 408 25.63 10.09 -19.36
CA GLY A 408 24.67 9.04 -18.99
C GLY A 408 25.30 7.78 -18.37
N ALA A 409 26.59 7.83 -18.07
CA ALA A 409 27.34 6.65 -17.63
C ALA A 409 27.25 6.51 -16.11
N TYR A 410 27.88 5.46 -15.59
CA TYR A 410 27.96 5.25 -14.13
C TYR A 410 29.03 6.17 -13.55
N LYS A 411 28.71 6.87 -12.47
CA LYS A 411 29.61 7.87 -11.89
C LYS A 411 30.80 7.22 -11.19
N ALA A 412 30.51 6.23 -10.33
CA ALA A 412 31.51 5.63 -9.39
C ALA A 412 32.89 5.33 -9.99
N GLU A 413 33.67 6.38 -10.21
CA GLU A 413 34.96 6.40 -10.95
C GLU A 413 35.26 7.82 -11.48
N TYR A 414 36.19 8.50 -10.82
CA TYR A 414 36.74 9.78 -11.30
C TYR A 414 35.69 10.92 -11.48
N ALA A 415 36.20 12.09 -11.82
CA ALA A 415 35.48 13.28 -12.26
C ALA A 415 35.83 14.49 -11.39
N ASN A 416 37.12 14.65 -11.11
CA ASN A 416 37.71 15.88 -10.60
C ASN A 416 37.83 16.88 -11.75
N GLN A 417 37.79 16.38 -12.99
CA GLN A 417 37.69 17.24 -14.19
C GLN A 417 36.47 18.17 -14.16
N ALA A 418 35.37 17.71 -13.57
CA ALA A 418 34.19 18.56 -13.36
C ALA A 418 34.50 19.75 -12.47
N TRP A 419 35.24 19.49 -11.38
CA TRP A 419 35.67 20.55 -10.47
C TRP A 419 36.63 21.54 -11.12
N GLN A 420 37.59 21.05 -11.90
CA GLN A 420 38.49 21.92 -12.67
C GLN A 420 37.70 22.83 -13.61
N GLU A 421 36.68 22.27 -14.27
CA GLU A 421 35.76 23.06 -15.10
C GLU A 421 34.96 24.06 -14.28
N PHE A 422 34.46 23.63 -13.11
CA PHE A 422 33.69 24.51 -12.22
C PHE A 422 34.53 25.70 -11.71
N TYR A 423 35.73 25.41 -11.20
CA TYR A 423 36.64 26.46 -10.69
C TYR A 423 36.96 27.51 -11.75
N ALA A 424 37.22 27.05 -12.97
CA ALA A 424 37.45 27.94 -14.12
C ALA A 424 36.18 28.75 -14.43
N ASP A 425 35.03 28.08 -14.43
CA ASP A 425 33.74 28.72 -14.69
C ASP A 425 33.37 29.77 -13.64
N GLN A 426 33.65 29.46 -12.38
CA GLN A 426 33.40 30.37 -11.25
C GLN A 426 34.08 31.74 -11.41
N LYS A 427 35.28 31.75 -12.01
CA LYS A 427 36.03 32.98 -12.28
C LYS A 427 35.58 33.77 -13.52
N LYS A 428 34.76 33.15 -14.37
CA LYS A 428 34.33 33.77 -15.64
C LYS A 428 33.22 34.80 -15.44
N THR A 429 33.14 35.74 -16.38
CA THR A 429 32.04 36.70 -16.43
C THR A 429 30.77 36.00 -16.91
N ASP A 430 30.85 35.39 -18.09
CA ASP A 430 29.75 34.63 -18.67
C ASP A 430 29.83 33.17 -18.19
N LYS A 431 29.24 32.91 -17.02
CA LYS A 431 29.32 31.58 -16.38
C LYS A 431 28.38 30.58 -17.04
N GLN A 432 28.94 29.44 -17.43
CA GLN A 432 28.17 28.31 -17.98
C GLN A 432 27.35 27.56 -16.92
N TYR A 433 27.96 27.29 -15.78
CA TYR A 433 27.43 26.37 -14.76
C TYR A 433 27.26 27.00 -13.37
N ALA A 434 28.30 27.69 -12.89
CA ALA A 434 28.33 28.27 -11.55
C ALA A 434 27.31 29.40 -11.35
N GLN A 435 27.04 29.69 -10.08
CA GLN A 435 26.04 30.69 -9.72
C GLN A 435 26.50 32.11 -9.99
N TYR A 436 25.61 32.93 -10.56
CA TYR A 436 25.82 34.36 -10.73
C TYR A 436 25.50 35.07 -9.41
N ASN A 437 26.07 36.26 -9.23
CA ASN A 437 25.73 37.16 -8.11
C ASN A 437 25.83 36.53 -6.72
N VAL A 438 26.87 35.72 -6.50
CA VAL A 438 27.08 35.07 -5.19
C VAL A 438 27.19 36.08 -4.04
N PRO A 439 28.02 37.14 -4.19
CA PRO A 439 28.08 38.13 -3.11
C PRO A 439 26.73 38.84 -2.83
N ALA A 440 25.99 39.17 -3.88
CA ALA A 440 24.68 39.80 -3.73
C ALA A 440 23.66 38.87 -3.05
N GLN A 441 23.72 37.58 -3.35
CA GLN A 441 22.90 36.58 -2.67
C GLN A 441 23.19 36.56 -1.17
N TYR A 442 24.48 36.58 -0.81
CA TYR A 442 24.89 36.65 0.60
C TYR A 442 24.53 37.98 1.28
N ALA A 443 24.65 39.08 0.53
CA ALA A 443 24.25 40.41 1.03
C ALA A 443 22.79 40.44 1.47
N ILE A 444 21.92 39.82 0.67
CA ILE A 444 20.50 39.69 1.00
C ILE A 444 20.32 38.74 2.20
N LEU A 445 20.92 37.56 2.12
CA LEU A 445 20.82 36.55 3.19
C LEU A 445 21.24 37.11 4.55
N LEU A 446 22.37 37.82 4.56
CA LEU A 446 22.96 38.32 5.80
C LEU A 446 22.28 39.59 6.35
N SER A 447 21.56 40.33 5.51
CA SER A 447 20.79 41.50 5.97
C SER A 447 19.32 41.18 6.31
N ASN A 448 18.86 39.97 6.01
CA ASN A 448 17.44 39.61 6.23
C ASN A 448 17.08 39.46 7.72
N LYS A 449 15.90 39.98 8.06
CA LYS A 449 15.34 39.91 9.41
C LYS A 449 14.60 38.59 9.58
N ASP A 450 14.37 38.20 10.84
CA ASP A 450 13.61 37.00 11.20
C ASP A 450 14.16 35.75 10.52
N THR A 451 15.40 35.42 10.88
CA THR A 451 16.12 34.26 10.35
C THR A 451 17.46 34.09 11.06
N VAL A 452 18.02 32.90 10.95
CA VAL A 452 19.41 32.63 11.33
C VAL A 452 20.12 32.19 10.05
N PRO A 453 20.89 33.10 9.42
CA PRO A 453 21.61 32.75 8.18
C PRO A 453 22.69 31.68 8.40
N GLN A 454 22.86 30.83 7.39
CA GLN A 454 23.85 29.75 7.41
C GLN A 454 24.83 29.94 6.24
N ILE A 455 26.11 30.12 6.58
CA ILE A 455 27.18 30.31 5.61
C ILE A 455 27.75 28.93 5.26
N TYR A 456 28.13 28.74 3.99
CA TYR A 456 28.67 27.48 3.49
C TYR A 456 30.19 27.54 3.39
N TYR A 457 30.86 26.53 3.97
CA TYR A 457 32.33 26.37 3.89
C TYR A 457 32.88 26.57 2.48
N GLY A 458 32.23 25.93 1.51
CA GLY A 458 32.65 25.99 0.11
C GLY A 458 32.48 27.32 -0.62
N ASP A 459 31.81 28.29 0.00
CA ASP A 459 31.75 29.66 -0.50
C ASP A 459 32.88 30.55 0.05
N LEU A 460 33.44 30.17 1.20
CA LEU A 460 34.62 30.84 1.77
C LEU A 460 35.93 30.21 1.31
N TYR A 461 35.94 28.91 1.07
CA TYR A 461 37.17 28.20 0.71
C TYR A 461 36.97 27.32 -0.52
N ASN A 462 38.05 27.08 -1.27
CA ASN A 462 38.03 26.08 -2.35
C ASN A 462 37.90 24.72 -1.68
N GLU A 463 36.70 24.15 -1.79
CA GLU A 463 36.28 22.99 -0.98
C GLU A 463 37.00 21.66 -1.28
N THR A 464 37.48 21.49 -2.52
CA THR A 464 38.24 20.28 -2.90
C THR A 464 39.74 20.36 -2.58
N ALA A 465 40.22 21.52 -2.17
CA ALA A 465 41.58 21.65 -1.62
C ALA A 465 41.60 21.11 -0.20
N GLN A 466 42.78 20.95 0.38
CA GLN A 466 42.92 20.55 1.77
C GLN A 466 42.23 21.58 2.68
N TYR A 467 41.75 21.11 3.82
CA TYR A 467 40.78 21.86 4.61
C TYR A 467 41.27 23.25 5.06
N MET A 468 40.58 24.29 4.58
CA MET A 468 40.90 25.72 4.81
C MET A 468 42.27 26.21 4.27
N GLN A 469 42.86 25.46 3.34
CA GLN A 469 44.15 25.83 2.76
C GLN A 469 44.02 26.97 1.75
N GLU A 470 42.92 26.96 0.98
CA GLU A 470 42.73 27.89 -0.14
C GLU A 470 41.42 28.65 -0.02
N LYS A 471 41.51 29.98 -0.03
CA LYS A 471 40.34 30.85 0.02
C LYS A 471 39.68 30.93 -1.35
N SER A 472 38.35 31.00 -1.35
CA SER A 472 37.57 31.18 -2.59
C SER A 472 37.69 32.62 -3.07
N ILE A 473 37.38 32.85 -4.35
CA ILE A 473 37.31 34.22 -4.88
C ILE A 473 36.30 35.09 -4.13
N TYR A 474 35.25 34.47 -3.60
CA TYR A 474 34.21 35.18 -2.83
C TYR A 474 34.50 35.36 -1.34
N TYR A 475 35.68 34.93 -0.85
CA TYR A 475 36.02 35.08 0.58
C TYR A 475 35.96 36.53 1.05
N ASP A 476 36.57 37.44 0.29
CA ASP A 476 36.61 38.86 0.67
C ASP A 476 35.22 39.46 0.79
N ALA A 477 34.40 39.26 -0.24
CA ALA A 477 33.04 39.82 -0.28
C ALA A 477 32.15 39.30 0.86
N ILE A 478 32.16 37.98 1.07
CA ILE A 478 31.27 37.34 2.04
C ILE A 478 31.68 37.69 3.48
N THR A 479 32.98 37.59 3.78
CA THR A 479 33.47 37.90 5.13
C THR A 479 33.33 39.39 5.48
N THR A 480 33.47 40.27 4.49
CA THR A 480 33.16 41.70 4.66
C THR A 480 31.70 41.89 5.10
N LEU A 481 30.78 41.21 4.43
CA LEU A 481 29.35 41.25 4.76
C LEU A 481 29.05 40.59 6.11
N MET A 482 29.76 39.51 6.45
CA MET A 482 29.61 38.83 7.74
C MET A 482 29.99 39.71 8.93
N LYS A 483 31.12 40.40 8.83
CA LYS A 483 31.55 41.33 9.89
C LYS A 483 30.64 42.55 10.02
N ALA A 484 30.21 43.07 8.87
CA ALA A 484 29.25 44.19 8.82
C ALA A 484 27.92 43.86 9.48
N ARG A 485 27.45 42.62 9.28
CA ARG A 485 26.25 42.09 9.94
C ARG A 485 26.33 42.24 11.46
N LYS A 486 27.42 41.75 12.06
CA LYS A 486 27.62 41.87 13.50
C LYS A 486 27.62 43.32 13.97
N GLN A 487 28.25 44.20 13.19
CA GLN A 487 28.35 45.63 13.53
C GLN A 487 27.05 46.42 13.34
N PHE A 488 26.27 46.11 12.32
CA PHE A 488 25.23 47.03 11.83
C PHE A 488 23.78 46.53 11.74
N VAL A 489 23.54 45.29 11.30
CA VAL A 489 22.17 44.86 10.97
C VAL A 489 21.35 44.42 12.21
N SER A 490 20.31 45.18 12.49
CA SER A 490 19.37 44.94 13.59
C SER A 490 18.22 45.90 13.24
N GLY A 491 17.04 45.78 13.85
CA GLY A 491 15.94 46.68 13.51
C GLY A 491 14.99 46.10 12.46
N GLY A 492 13.91 46.83 12.19
CA GLY A 492 12.91 46.39 11.23
C GLY A 492 13.44 46.41 9.82
N GLN A 493 12.86 45.57 8.97
CA GLN A 493 13.27 45.47 7.56
C GLN A 493 12.19 45.97 6.62
N THR A 494 12.60 46.69 5.58
CA THR A 494 11.74 47.09 4.48
C THR A 494 12.46 46.82 3.18
N MET A 495 11.82 46.07 2.27
CA MET A 495 12.35 45.79 0.95
C MET A 495 11.50 46.50 -0.09
N THR A 496 12.09 47.53 -0.73
CA THR A 496 11.38 48.40 -1.67
C THR A 496 11.87 48.17 -3.10
N LYS A 497 10.94 47.81 -3.99
CA LYS A 497 11.20 47.65 -5.42
C LYS A 497 11.39 49.03 -6.04
N LEU A 498 12.35 49.15 -6.96
CA LEU A 498 12.71 50.45 -7.55
C LEU A 498 12.47 50.57 -9.06
N SER A 499 12.78 49.53 -9.84
CA SER A 499 12.57 49.58 -11.30
C SER A 499 12.37 48.21 -11.97
N ASP A 500 11.54 47.36 -11.38
CA ASP A 500 11.29 45.96 -11.84
C ASP A 500 12.50 45.01 -11.68
N ASN A 501 13.67 45.53 -11.98
CA ASN A 501 14.95 44.98 -11.53
C ASN A 501 15.32 46.08 -10.52
N LEU A 502 16.24 45.79 -9.60
CA LEU A 502 16.64 46.74 -8.54
C LEU A 502 15.66 46.81 -7.35
N ILE A 503 16.18 46.41 -6.18
CA ILE A 503 15.46 46.43 -4.92
C ILE A 503 16.39 46.92 -3.81
N ALA A 504 15.90 47.84 -2.98
CA ALA A 504 16.62 48.30 -1.80
C ALA A 504 16.09 47.55 -0.58
N SER A 505 16.98 46.88 0.15
CA SER A 505 16.64 46.18 1.39
C SER A 505 17.28 46.93 2.56
N VAL A 506 16.44 47.53 3.41
CA VAL A 506 16.91 48.41 4.49
C VAL A 506 16.63 47.80 5.86
N ARG A 507 17.65 47.79 6.72
CA ARG A 507 17.48 47.51 8.16
C ARG A 507 17.69 48.82 8.91
N TYR A 508 16.79 49.12 9.84
CA TYR A 508 16.73 50.44 10.49
C TYR A 508 17.63 50.62 11.72
N GLY A 509 18.30 49.56 12.17
CA GLY A 509 19.20 49.62 13.32
C GLY A 509 18.59 49.14 14.63
N LYS A 510 19.47 48.74 15.56
CA LYS A 510 19.05 48.20 16.86
C LYS A 510 18.17 49.20 17.61
N GLY A 511 16.98 48.77 17.99
CA GLY A 511 16.00 49.62 18.67
C GLY A 511 15.20 50.54 17.76
N VAL A 512 15.25 50.30 16.45
CA VAL A 512 14.46 51.06 15.48
C VAL A 512 13.52 50.08 14.77
N THR A 513 12.26 50.09 15.18
CA THR A 513 11.29 49.07 14.74
C THR A 513 10.79 49.28 13.31
N ASN A 514 10.63 50.53 12.89
CA ASN A 514 10.19 50.87 11.53
C ASN A 514 10.75 52.23 11.06
N ALA A 515 10.41 52.62 9.83
CA ALA A 515 10.92 53.86 9.21
C ALA A 515 10.60 55.16 9.96
N ASN A 516 9.53 55.17 10.74
CA ASN A 516 9.12 56.38 11.50
C ASN A 516 9.60 56.41 12.97
N SER A 517 10.25 55.36 13.43
CA SER A 517 10.60 55.22 14.85
C SER A 517 11.77 56.11 15.27
N GLU A 518 11.72 56.57 16.52
CA GLU A 518 12.90 57.10 17.20
C GLU A 518 13.68 55.91 17.74
N GLY A 519 14.98 56.07 17.91
CA GLY A 519 15.83 55.03 18.48
C GLY A 519 15.56 54.84 19.97
N THR A 520 15.67 53.60 20.43
CA THR A 520 15.60 53.28 21.88
C THR A 520 16.97 52.92 22.46
N ASP A 521 17.86 52.35 21.63
CA ASP A 521 19.21 51.96 22.03
C ASP A 521 20.20 53.05 21.67
N SER A 522 21.28 53.16 22.44
CA SER A 522 22.36 54.12 22.15
C SER A 522 22.98 53.95 20.76
N LEU A 523 23.01 52.71 20.27
CA LEU A 523 23.53 52.40 18.93
C LEU A 523 22.51 52.58 17.79
N SER A 524 21.24 52.88 18.13
CA SER A 524 20.19 53.14 17.13
C SER A 524 20.60 54.14 16.05
N ARG A 525 21.29 55.20 16.46
CA ARG A 525 21.78 56.23 15.52
C ARG A 525 22.83 55.69 14.56
N THR A 526 23.79 54.92 15.09
CA THR A 526 24.94 54.44 14.30
C THR A 526 24.80 52.99 13.78
N SER A 527 23.57 52.46 13.71
CA SER A 527 23.32 51.10 13.22
C SER A 527 22.31 51.10 12.07
N GLY A 528 22.17 49.93 11.44
CA GLY A 528 21.31 49.76 10.27
C GLY A 528 22.15 49.58 9.01
N MET A 529 21.49 49.20 7.92
CA MET A 529 22.16 48.93 6.65
C MET A 529 21.19 49.12 5.48
N ALA A 530 21.74 49.50 4.33
CA ALA A 530 21.01 49.51 3.06
C ALA A 530 21.75 48.60 2.09
N VAL A 531 21.04 47.60 1.56
CA VAL A 531 21.58 46.67 0.58
C VAL A 531 20.84 46.91 -0.74
N ILE A 532 21.58 47.28 -1.79
CA ILE A 532 21.02 47.54 -3.10
C ILE A 532 21.43 46.39 -4.03
N VAL A 533 20.43 45.72 -4.61
CA VAL A 533 20.65 44.55 -5.46
C VAL A 533 19.84 44.65 -6.75
N GLY A 534 20.53 44.59 -7.89
CA GLY A 534 19.91 44.51 -9.21
C GLY A 534 20.33 43.23 -9.91
N ASN A 535 19.46 42.72 -10.78
CA ASN A 535 19.72 41.48 -11.53
C ASN A 535 19.65 41.65 -13.05
N ASN A 536 19.71 42.90 -13.54
CA ASN A 536 19.76 43.19 -14.97
C ASN A 536 21.12 43.81 -15.29
N PRO A 537 22.02 43.04 -15.94
CA PRO A 537 23.35 43.57 -16.30
C PRO A 537 23.37 44.73 -17.31
N GLN A 538 22.26 44.94 -18.02
CA GLN A 538 22.14 46.04 -18.99
C GLN A 538 21.19 47.15 -18.47
N MET A 539 21.10 47.28 -17.15
CA MET A 539 20.28 48.30 -16.51
C MET A 539 20.83 49.70 -16.78
N ALA A 540 19.94 50.61 -17.18
CA ALA A 540 20.32 51.99 -17.46
C ALA A 540 20.82 52.69 -16.21
N GLU A 541 21.84 53.53 -16.37
CA GLU A 541 22.43 54.28 -15.26
C GLU A 541 21.45 55.36 -14.77
N GLN A 542 21.16 55.34 -13.48
CA GLN A 542 20.16 56.23 -12.88
C GLN A 542 20.48 56.53 -11.42
N THR A 543 19.75 57.49 -10.87
CA THR A 543 19.85 57.84 -9.44
C THR A 543 18.62 57.31 -8.72
N ILE A 544 18.81 56.90 -7.46
CA ILE A 544 17.76 56.27 -6.65
C ILE A 544 17.72 56.87 -5.24
N SER A 545 16.54 56.87 -4.63
CA SER A 545 16.34 57.37 -3.27
C SER A 545 15.98 56.22 -2.32
N ILE A 546 16.80 56.03 -1.29
CA ILE A 546 16.63 54.93 -0.33
C ILE A 546 16.26 55.54 1.03
N ASN A 547 15.13 55.10 1.59
CA ASN A 547 14.68 55.58 2.89
C ASN A 547 15.40 54.82 4.01
N MET A 548 16.34 55.49 4.66
CA MET A 548 17.09 54.91 5.79
C MET A 548 16.32 54.97 7.11
N GLY A 549 15.23 55.74 7.15
CA GLY A 549 14.41 55.89 8.34
C GLY A 549 14.62 57.24 8.99
N ARG A 550 13.58 57.73 9.67
CA ARG A 550 13.61 59.06 10.29
C ARG A 550 14.63 59.19 11.44
N ALA A 551 15.03 58.06 12.03
CA ALA A 551 16.12 58.05 13.01
C ALA A 551 17.51 58.32 12.40
N HIS A 552 17.64 58.27 11.08
CA HIS A 552 18.92 58.51 10.39
C HIS A 552 18.92 59.74 9.48
N ALA A 553 18.33 60.84 9.96
CA ALA A 553 18.33 62.11 9.23
C ALA A 553 19.68 62.79 9.36
N ASN A 554 20.14 63.42 8.28
CA ASN A 554 21.39 64.21 8.28
C ASN A 554 22.57 63.39 8.80
N GLU A 555 22.71 62.17 8.30
CA GLU A 555 23.74 61.24 8.78
C GLU A 555 24.66 60.81 7.64
N GLN A 556 25.95 60.70 7.95
CA GLN A 556 26.96 60.27 6.99
C GLN A 556 27.00 58.74 6.93
N TYR A 557 27.04 58.19 5.71
CA TYR A 557 27.06 56.74 5.49
C TYR A 557 28.29 56.36 4.67
N ARG A 558 28.94 55.26 5.06
CA ARG A 558 30.13 54.76 4.38
C ARG A 558 29.75 53.79 3.27
N ASN A 559 30.42 53.93 2.13
CA ASN A 559 30.30 52.97 1.03
C ASN A 559 31.06 51.70 1.41
N LEU A 560 30.34 50.75 2.00
CA LEU A 560 30.95 49.49 2.45
C LEU A 560 31.39 48.63 1.27
N LEU A 561 30.47 48.46 0.32
CA LEU A 561 30.75 47.67 -0.88
C LEU A 561 30.02 48.28 -2.08
N ASP A 562 30.72 48.39 -3.21
CA ASP A 562 30.13 48.86 -4.46
C ASP A 562 30.72 48.09 -5.64
N THR A 563 30.07 48.20 -6.80
CA THR A 563 30.48 47.47 -8.00
C THR A 563 31.31 48.31 -8.95
N THR A 564 32.30 47.67 -9.57
CA THR A 564 33.22 48.30 -10.53
C THR A 564 33.04 47.61 -11.88
N ASP A 565 33.89 47.97 -12.85
CA ASP A 565 33.89 47.32 -14.17
C ASP A 565 34.36 45.86 -14.09
N ASN A 566 35.41 45.61 -13.31
CA ASN A 566 36.03 44.27 -13.22
C ASN A 566 35.58 43.43 -12.01
N GLY A 567 35.01 44.06 -10.99
CA GLY A 567 34.58 43.34 -9.79
C GLY A 567 33.92 44.23 -8.74
N LEU A 568 34.42 44.11 -7.50
CA LEU A 568 33.91 44.88 -6.36
C LEU A 568 35.01 45.74 -5.74
N THR A 569 34.60 46.80 -5.04
CA THR A 569 35.53 47.67 -4.29
C THR A 569 35.03 47.86 -2.86
N TYR A 570 35.99 47.98 -1.93
CA TYR A 570 35.71 48.16 -0.50
C TYR A 570 36.14 49.53 0.01
N ASN A 571 36.60 50.41 -0.88
CA ASN A 571 36.88 51.81 -0.57
C ASN A 571 36.45 52.74 -1.72
N ALA A 572 35.34 52.39 -2.37
CA ALA A 572 34.70 53.21 -3.41
C ALA A 572 35.59 53.58 -4.62
N ASP A 573 36.57 52.74 -4.94
CA ASP A 573 37.57 53.08 -5.98
C ASP A 573 37.09 53.09 -7.46
N GLY A 574 36.48 52.00 -7.94
CA GLY A 574 36.01 51.96 -9.33
C GLY A 574 34.53 52.24 -9.52
N ALA A 575 33.87 52.78 -8.50
CA ALA A 575 32.41 52.81 -8.43
C ALA A 575 31.79 54.09 -8.98
N GLU A 576 30.47 54.12 -9.02
CA GLU A 576 29.69 55.33 -9.37
C GLU A 576 29.42 56.25 -8.19
N ASN A 577 29.89 55.88 -7.00
CA ASN A 577 29.64 56.60 -5.76
C ASN A 577 30.92 56.84 -4.98
N PRO A 578 30.97 57.93 -4.18
CA PRO A 578 32.15 58.21 -3.36
C PRO A 578 32.19 57.37 -2.09
N GLU A 579 33.24 57.58 -1.29
CA GLU A 579 33.44 56.86 -0.02
C GLU A 579 32.31 57.12 0.99
N THR A 580 31.79 58.35 1.01
CA THR A 580 30.73 58.74 1.94
C THR A 580 29.62 59.52 1.25
N LEU A 581 28.38 59.21 1.61
CA LEU A 581 27.21 60.01 1.24
C LEU A 581 26.42 60.32 2.50
N THR A 582 25.69 61.43 2.47
CA THR A 582 24.97 61.93 3.63
C THR A 582 23.47 62.00 3.34
N THR A 583 22.64 61.56 4.29
CA THR A 583 21.19 61.56 4.11
C THR A 583 20.63 62.98 4.20
N ASP A 584 19.47 63.19 3.60
CA ASP A 584 18.76 64.48 3.70
C ASP A 584 18.06 64.61 5.07
N ASP A 585 17.30 65.68 5.25
CA ASP A 585 16.61 65.97 6.52
C ASP A 585 15.54 64.92 6.94
N ASN A 586 15.05 64.13 6.00
CA ASN A 586 14.11 63.03 6.29
C ASN A 586 14.76 61.63 6.37
N GLY A 587 16.07 61.55 6.16
CA GLY A 587 16.80 60.28 6.19
C GLY A 587 16.79 59.50 4.89
N ILE A 588 16.62 60.19 3.77
CA ILE A 588 16.68 59.56 2.43
C ILE A 588 18.12 59.67 1.94
N LEU A 589 18.64 58.57 1.41
CA LEU A 589 19.98 58.51 0.82
C LEU A 589 19.87 58.44 -0.70
N LYS A 590 20.49 59.38 -1.41
CA LYS A 590 20.49 59.42 -2.87
C LYS A 590 21.75 58.76 -3.42
N VAL A 591 21.56 57.71 -4.23
CA VAL A 591 22.66 56.85 -4.71
C VAL A 591 22.56 56.62 -6.22
N THR A 592 23.72 56.50 -6.88
CA THR A 592 23.82 56.24 -8.32
C THR A 592 24.06 54.76 -8.57
N VAL A 593 23.32 54.19 -9.52
CA VAL A 593 23.33 52.76 -9.82
C VAL A 593 23.27 52.51 -11.33
N LYS A 594 23.81 51.38 -11.75
CA LYS A 594 23.73 50.94 -13.15
C LYS A 594 24.00 49.44 -13.28
N GLY A 595 23.75 48.88 -14.47
CA GLY A 595 24.05 47.48 -14.75
C GLY A 595 25.54 47.25 -14.90
N TYR A 596 26.01 46.11 -14.38
CA TYR A 596 27.41 45.68 -14.53
C TYR A 596 27.45 44.23 -14.99
N SER A 597 28.58 43.84 -15.55
CA SER A 597 28.83 42.46 -15.99
C SER A 597 30.27 42.08 -15.74
N ASN A 598 30.50 41.35 -14.64
CA ASN A 598 31.82 40.87 -14.25
C ASN A 598 31.67 39.55 -13.47
N PRO A 599 32.78 38.89 -13.08
CA PRO A 599 32.66 37.60 -12.37
C PRO A 599 31.90 37.62 -11.04
N TYR A 600 31.87 38.77 -10.37
CA TYR A 600 31.23 38.92 -9.06
C TYR A 600 29.79 39.43 -9.13
N VAL A 601 29.50 40.30 -10.10
CA VAL A 601 28.19 40.95 -10.23
C VAL A 601 27.68 40.94 -11.68
N SER A 602 26.41 40.57 -11.82
CA SER A 602 25.69 40.54 -13.08
C SER A 602 24.37 41.26 -12.82
N GLY A 603 24.43 42.58 -12.89
CA GLY A 603 23.40 43.48 -12.37
C GLY A 603 24.08 44.55 -11.52
N TYR A 604 23.74 44.62 -10.24
CA TYR A 604 24.34 45.60 -9.31
C TYR A 604 24.35 45.08 -7.88
N LEU A 605 25.38 45.46 -7.13
CA LEU A 605 25.47 45.23 -5.69
C LEU A 605 26.07 46.46 -5.02
N GLY A 606 25.35 47.02 -4.05
CA GLY A 606 25.82 48.17 -3.27
C GLY A 606 25.37 48.03 -1.82
N VAL A 607 26.27 48.35 -0.89
CA VAL A 607 25.98 48.24 0.55
C VAL A 607 26.46 49.49 1.28
N TRP A 608 25.56 50.09 2.08
CA TRP A 608 25.85 51.30 2.84
C TRP A 608 25.60 51.07 4.33
N VAL A 609 26.52 51.54 5.15
CA VAL A 609 26.39 51.47 6.62
C VAL A 609 26.80 52.81 7.24
N PRO A 610 26.26 53.13 8.45
CA PRO A 610 26.67 54.37 9.12
C PRO A 610 28.16 54.49 9.39
N VAL A 611 28.67 55.72 9.31
CA VAL A 611 30.06 56.01 9.70
C VAL A 611 30.14 55.89 11.23
N VAL A 612 31.13 55.15 11.71
CA VAL A 612 31.27 54.84 13.14
C VAL A 612 32.67 55.15 13.67
N SER A 613 32.75 55.41 14.97
CA SER A 613 34.02 55.78 15.62
C SER A 613 34.98 54.60 15.85
N GLY A 614 34.46 53.37 15.79
CA GLY A 614 35.31 52.19 15.94
C GLY A 614 34.53 50.89 15.96
N ASN A 615 34.83 50.04 16.95
CA ASN A 615 34.21 48.72 17.06
C ASN A 615 32.81 48.82 17.65
N GLN A 616 31.86 48.17 16.97
CA GLN A 616 30.44 48.20 17.34
C GLN A 616 29.89 46.79 17.28
N ASP A 617 28.87 46.51 18.09
CA ASP A 617 28.23 45.20 18.12
C ASP A 617 26.75 45.34 18.47
N VAL A 618 25.88 45.14 17.48
CA VAL A 618 24.43 45.28 17.64
C VAL A 618 23.72 43.97 18.00
N THR A 619 24.46 42.94 18.42
CA THR A 619 23.85 41.70 18.89
C THR A 619 22.97 42.00 20.10
N THR A 620 21.74 41.48 20.08
CA THR A 620 20.79 41.64 21.16
C THR A 620 20.89 40.42 22.07
N ASN A 621 21.04 40.67 23.37
CA ASN A 621 21.13 39.58 24.34
C ASN A 621 19.73 39.03 24.60
N ALA A 622 19.64 37.71 24.71
CA ALA A 622 18.37 37.03 24.92
C ALA A 622 17.84 37.31 26.33
N ALA A 623 16.51 37.34 26.47
CA ALA A 623 15.86 37.48 27.77
C ALA A 623 16.04 36.21 28.59
N THR A 624 15.99 36.36 29.90
CA THR A 624 15.98 35.24 30.85
C THR A 624 14.56 34.88 31.30
N VAL A 625 13.56 35.56 30.73
CA VAL A 625 12.15 35.15 30.83
C VAL A 625 11.50 35.31 29.45
N SER A 626 10.67 34.35 29.06
CA SER A 626 10.09 34.32 27.72
C SER A 626 8.89 35.25 27.60
N ALA A 627 8.61 35.65 26.36
CA ALA A 627 7.43 36.45 26.01
C ALA A 627 6.16 35.59 26.04
N ASP A 628 6.26 34.35 25.55
CA ASP A 628 5.14 33.40 25.51
C ASP A 628 5.20 32.26 26.57
N SER A 629 6.37 31.65 26.76
CA SER A 629 6.59 30.59 27.75
C SER A 629 6.25 29.19 27.24
N ASN A 630 5.20 29.03 26.44
CA ASN A 630 4.97 27.77 25.70
C ASN A 630 5.92 27.61 24.49
N LYS A 631 6.55 28.68 24.03
CA LYS A 631 7.50 28.64 22.91
C LYS A 631 8.92 28.28 23.38
N ILE A 632 9.65 27.55 22.53
CA ILE A 632 11.07 27.27 22.75
C ILE A 632 11.86 28.36 22.03
N PHE A 633 11.71 28.42 20.70
CA PHE A 633 12.36 29.44 19.88
C PHE A 633 11.35 30.48 19.40
N GLU A 634 11.77 31.74 19.42
CA GLU A 634 10.95 32.88 19.04
C GLU A 634 11.77 33.73 18.07
N SER A 635 11.19 34.11 16.93
CA SER A 635 11.90 34.89 15.92
C SER A 635 11.93 36.37 16.34
N ASN A 636 13.06 36.77 16.94
CA ASN A 636 13.26 38.13 17.44
C ASN A 636 14.71 38.58 17.23
N ALA A 637 15.03 39.80 17.67
CA ALA A 637 16.39 40.37 17.54
C ALA A 637 17.49 39.51 18.17
N ALA A 638 17.17 38.81 19.26
CA ALA A 638 18.12 37.93 19.95
C ALA A 638 18.45 36.66 19.16
N LEU A 639 17.44 36.05 18.54
CA LEU A 639 17.67 34.93 17.62
C LEU A 639 18.36 35.39 16.35
N ASP A 640 17.92 36.54 15.82
CA ASP A 640 18.53 37.14 14.61
C ASP A 640 20.01 37.49 14.74
N SER A 641 20.49 37.71 15.96
CA SER A 641 21.93 37.90 16.21
C SER A 641 22.78 36.64 15.98
N HIS A 642 22.16 35.46 15.96
CA HIS A 642 22.87 34.21 15.66
C HIS A 642 23.20 34.06 14.18
N MET A 643 24.15 33.17 13.89
CA MET A 643 24.65 32.93 12.54
C MET A 643 25.32 31.56 12.50
N ILE A 644 24.84 30.69 11.60
CA ILE A 644 25.32 29.31 11.48
C ILE A 644 26.44 29.24 10.44
N TYR A 645 27.39 28.34 10.66
CA TYR A 645 28.44 28.05 9.68
C TYR A 645 28.50 26.55 9.44
N GLN A 646 28.22 26.13 8.21
CA GLN A 646 28.40 24.74 7.79
C GLN A 646 29.89 24.53 7.53
N ASP A 647 30.49 23.61 8.28
CA ASP A 647 31.95 23.46 8.27
C ASP A 647 32.51 22.53 7.18
N PHE A 648 31.63 21.85 6.42
CA PHE A 648 32.07 20.78 5.52
C PHE A 648 31.46 20.84 4.12
N SER A 649 32.05 20.05 3.23
CA SER A 649 31.49 19.73 1.92
C SER A 649 31.58 18.23 1.68
N LEU A 650 30.71 17.72 0.81
CA LEU A 650 30.78 16.34 0.36
C LEU A 650 32.07 16.07 -0.43
N TYR A 651 32.56 17.10 -1.14
CA TYR A 651 33.79 17.00 -1.93
C TYR A 651 35.05 17.43 -1.17
N GLN A 652 35.00 17.46 0.16
CA GLN A 652 36.18 17.68 0.98
C GLN A 652 37.14 16.50 0.78
N PRO A 653 38.46 16.74 0.73
CA PRO A 653 39.39 15.60 0.60
C PRO A 653 39.59 14.83 1.90
N GLU A 654 40.27 13.69 1.78
CA GLU A 654 40.79 12.98 2.94
C GLU A 654 42.04 13.76 3.38
N PRO A 655 42.34 13.78 4.69
CA PRO A 655 43.52 14.52 5.14
C PRO A 655 44.81 13.75 4.86
N THR A 656 45.82 14.46 4.32
CA THR A 656 47.12 13.86 3.99
C THR A 656 48.04 13.74 5.20
N SER A 657 47.75 14.51 6.25
CA SER A 657 48.52 14.49 7.49
C SER A 657 47.60 14.68 8.69
N THR A 658 48.13 14.50 9.89
CA THR A 658 47.40 14.80 11.13
C THR A 658 47.08 16.30 11.22
N GLU A 659 47.99 17.13 10.73
CA GLU A 659 47.83 18.59 10.77
C GLU A 659 46.71 19.08 9.84
N ASN A 660 46.44 18.31 8.78
CA ASN A 660 45.33 18.60 7.85
C ASN A 660 43.97 18.02 8.29
N HIS A 661 43.91 17.29 9.41
CA HIS A 661 42.64 16.88 10.02
C HIS A 661 41.77 18.11 10.25
N ALA A 662 40.53 18.08 9.74
CA ALA A 662 39.62 19.22 9.85
C ALA A 662 39.44 19.71 11.29
N TYR A 663 39.36 18.78 12.24
CA TYR A 663 39.22 19.12 13.66
C TYR A 663 40.41 19.92 14.21
N ASN A 664 41.62 19.57 13.77
CA ASN A 664 42.82 20.30 14.17
C ASN A 664 42.87 21.69 13.54
N THR A 665 42.48 21.80 12.28
CA THR A 665 42.43 23.10 11.59
C THR A 665 41.42 24.05 12.24
N ILE A 666 40.24 23.55 12.61
CA ILE A 666 39.23 24.38 13.30
C ILE A 666 39.54 24.65 14.79
N ALA A 667 40.40 23.84 15.41
CA ALA A 667 40.94 24.17 16.73
C ALA A 667 41.91 25.35 16.60
N GLN A 668 42.75 25.32 15.56
CA GLN A 668 43.71 26.40 15.28
C GLN A 668 43.03 27.72 14.94
N ASN A 669 41.94 27.67 14.17
CA ASN A 669 41.25 28.88 13.68
C ASN A 669 39.99 29.27 14.47
N ALA A 670 39.85 28.78 15.71
CA ALA A 670 38.67 29.06 16.53
C ALA A 670 38.33 30.55 16.62
N GLU A 671 39.34 31.38 16.88
CA GLU A 671 39.15 32.83 17.00
C GLU A 671 38.82 33.53 15.68
N LEU A 672 39.26 32.98 14.54
CA LEU A 672 38.88 33.50 13.23
C LEU A 672 37.37 33.43 13.03
N PHE A 673 36.76 32.29 13.36
CA PHE A 673 35.32 32.11 13.22
C PHE A 673 34.55 33.13 14.05
N ASN A 674 35.01 33.35 15.29
CA ASN A 674 34.46 34.39 16.17
C ASN A 674 34.65 35.79 15.57
N ASN A 675 35.86 36.06 15.06
CA ASN A 675 36.17 37.34 14.40
C ASN A 675 35.27 37.63 13.19
N LEU A 676 34.84 36.58 12.50
CA LEU A 676 33.90 36.67 11.38
C LEU A 676 32.43 36.80 11.79
N GLY A 677 32.13 36.77 13.10
CA GLY A 677 30.76 36.89 13.59
C GLY A 677 29.97 35.59 13.65
N ILE A 678 30.63 34.46 13.35
CA ILE A 678 29.98 33.15 13.45
C ILE A 678 29.84 32.85 14.93
N THR A 679 28.63 32.46 15.34
CA THR A 679 28.36 32.05 16.73
C THR A 679 27.82 30.62 16.87
N ASP A 680 27.41 29.99 15.77
CA ASP A 680 26.84 28.64 15.80
C ASP A 680 27.52 27.75 14.75
N PHE A 681 28.29 26.77 15.22
CA PHE A 681 29.16 25.96 14.37
C PHE A 681 28.48 24.62 14.05
N TRP A 682 28.07 24.44 12.80
CA TRP A 682 27.50 23.18 12.33
C TRP A 682 28.65 22.26 11.92
N MET A 683 28.86 21.21 12.69
CA MET A 683 29.89 20.21 12.38
C MET A 683 29.31 19.01 11.63
N ALA A 684 30.10 18.49 10.70
CA ALA A 684 29.71 17.35 9.86
C ALA A 684 29.38 16.13 10.72
N PRO A 685 28.58 15.18 10.18
CA PRO A 685 28.34 13.96 10.95
C PRO A 685 29.69 13.28 11.27
N PRO A 686 30.04 13.16 12.56
CA PRO A 686 31.37 12.67 12.94
C PRO A 686 31.49 11.15 13.08
N TYR A 687 30.51 10.41 12.57
CA TYR A 687 30.35 8.98 12.90
C TYR A 687 31.23 8.13 11.97
N THR A 688 31.47 6.89 12.38
CA THR A 688 32.24 5.94 11.57
C THR A 688 31.44 5.58 10.32
N GLN A 689 32.15 5.49 9.21
CA GLN A 689 31.57 5.47 7.88
C GLN A 689 31.62 4.09 7.23
N TYR A 690 30.72 3.89 6.28
CA TYR A 690 30.76 2.73 5.40
C TYR A 690 31.99 2.89 4.50
N SER A 691 32.86 1.88 4.52
CA SER A 691 34.17 1.95 3.84
C SER A 691 34.10 2.23 2.35
N GLU A 692 33.05 1.74 1.68
CA GLU A 692 32.86 1.94 0.24
C GLU A 692 31.85 3.04 -0.11
N SER A 693 31.58 3.95 0.83
CA SER A 693 30.71 5.11 0.56
C SER A 693 31.42 6.08 -0.38
N ARG A 694 30.65 6.79 -1.19
CA ARG A 694 31.19 7.57 -2.30
C ARG A 694 32.01 8.78 -1.86
N TYR A 695 31.48 9.53 -0.89
CA TYR A 695 32.11 10.77 -0.42
C TYR A 695 32.82 10.68 0.95
N ASN A 696 32.59 9.59 1.69
CA ASN A 696 33.16 9.41 3.03
C ASN A 696 32.66 10.51 4.00
N ASP A 697 31.45 11.00 3.77
CA ASP A 697 30.98 12.29 4.32
C ASP A 697 30.45 12.25 5.76
N GLY A 698 30.00 11.07 6.21
CA GLY A 698 29.41 10.93 7.55
C GLY A 698 27.97 10.43 7.58
N TYR A 699 27.27 10.56 6.45
CA TYR A 699 25.85 10.16 6.36
C TYR A 699 25.64 8.65 6.19
N SER A 700 26.57 7.99 5.51
CA SER A 700 26.56 6.52 5.40
C SER A 700 27.18 5.89 6.64
N VAL A 701 26.36 5.74 7.69
CA VAL A 701 26.85 5.43 9.05
C VAL A 701 26.96 3.92 9.33
N THR A 702 28.08 3.53 9.94
CA THR A 702 28.30 2.16 10.45
C THR A 702 28.18 2.11 11.99
N ASP A 703 28.79 3.08 12.67
CA ASP A 703 28.82 3.14 14.13
C ASP A 703 28.43 4.55 14.61
N ARG A 704 27.28 4.65 15.28
CA ARG A 704 26.77 5.93 15.81
C ARG A 704 27.58 6.53 16.96
N TYR A 705 28.35 5.71 17.67
CA TYR A 705 29.07 6.14 18.89
C TYR A 705 30.60 6.23 18.78
N ASN A 706 31.19 5.66 17.74
CA ASN A 706 32.63 5.78 17.48
C ASN A 706 32.80 6.96 16.52
N LEU A 707 33.35 8.06 17.04
CA LEU A 707 33.57 9.27 16.24
C LEU A 707 35.01 9.37 15.69
N GLY A 708 35.78 8.30 15.80
CA GLY A 708 37.14 8.22 15.26
C GLY A 708 38.17 8.02 16.36
N THR A 709 39.22 7.26 16.03
CA THR A 709 40.38 7.07 16.90
C THR A 709 41.64 7.55 16.18
N ASN A 710 42.76 7.57 16.89
CA ASN A 710 44.06 7.92 16.28
C ASN A 710 44.42 6.96 15.15
N ALA A 711 44.28 5.66 15.42
CA ALA A 711 44.56 4.61 14.44
C ALA A 711 43.59 4.66 13.26
N ASN A 712 42.29 4.75 13.57
CA ASN A 712 41.23 4.76 12.57
C ASN A 712 40.43 6.06 12.67
N PRO A 713 40.97 7.17 12.11
CA PRO A 713 40.22 8.42 12.13
C PRO A 713 39.09 8.42 11.10
N THR A 714 38.14 9.32 11.27
CA THR A 714 37.15 9.60 10.23
C THR A 714 37.81 10.53 9.21
N LYS A 715 37.04 10.98 8.23
CA LYS A 715 37.47 12.03 7.31
C LYS A 715 37.96 13.29 8.04
N TYR A 716 37.24 13.64 9.10
CA TYR A 716 37.43 14.92 9.79
C TYR A 716 38.45 14.86 10.94
N GLY A 717 38.72 13.67 11.45
CA GLY A 717 39.74 13.46 12.49
C GLY A 717 39.36 12.41 13.51
N SER A 718 39.98 12.48 14.68
CA SER A 718 39.70 11.56 15.80
C SER A 718 38.71 12.17 16.79
N GLY A 719 38.26 11.34 17.73
CA GLY A 719 37.33 11.75 18.77
C GLY A 719 37.97 12.69 19.78
N GLU A 720 39.23 12.43 20.12
CA GLU A 720 39.99 13.31 21.00
C GLU A 720 40.21 14.67 20.35
N GLU A 721 40.47 14.66 19.03
CA GLU A 721 40.58 15.90 18.25
C GLU A 721 39.26 16.67 18.17
N LEU A 722 38.15 15.94 18.01
CA LEU A 722 36.80 16.54 18.05
C LEU A 722 36.56 17.27 19.36
N ALA A 723 36.84 16.60 20.48
CA ALA A 723 36.67 17.18 21.82
C ALA A 723 37.49 18.45 22.02
N ASN A 724 38.76 18.42 21.60
CA ASN A 724 39.62 19.60 21.64
C ASN A 724 39.09 20.73 20.75
N ALA A 725 38.62 20.36 19.55
CA ALA A 725 38.07 21.33 18.60
C ALA A 725 36.86 22.06 19.18
N ILE A 726 35.93 21.31 19.76
CA ILE A 726 34.71 21.88 20.34
C ILE A 726 35.06 22.80 21.52
N ALA A 727 35.99 22.37 22.38
CA ALA A 727 36.48 23.20 23.48
C ALA A 727 37.12 24.51 22.99
N ALA A 728 37.89 24.42 21.90
CA ALA A 728 38.53 25.60 21.29
C ALA A 728 37.48 26.57 20.76
N LEU A 729 36.47 26.06 20.07
CA LEU A 729 35.33 26.86 19.62
C LEU A 729 34.59 27.52 20.81
N HIS A 730 34.36 26.76 21.87
CA HIS A 730 33.75 27.29 23.11
C HIS A 730 34.56 28.43 23.71
N SER A 731 35.88 28.26 23.77
CA SER A 731 36.81 29.29 24.27
C SER A 731 36.73 30.59 23.46
N ALA A 732 36.51 30.47 22.16
CA ALA A 732 36.32 31.63 21.27
C ALA A 732 34.92 32.26 21.36
N GLY A 733 34.01 31.64 22.11
CA GLY A 733 32.68 32.20 22.37
C GLY A 733 31.55 31.63 21.53
N LEU A 734 31.84 30.61 20.72
CA LEU A 734 30.84 29.98 19.87
C LEU A 734 30.16 28.82 20.59
N LYS A 735 28.97 28.48 20.11
CA LYS A 735 28.31 27.22 20.44
C LYS A 735 28.39 26.34 19.19
N VAL A 736 28.33 25.03 19.39
CA VAL A 736 28.54 24.07 18.30
C VAL A 736 27.52 22.94 18.38
N GLN A 737 27.04 22.50 17.22
CA GLN A 737 26.04 21.45 17.12
C GLN A 737 26.49 20.35 16.18
N VAL A 738 25.97 19.16 16.42
CA VAL A 738 26.33 17.96 15.66
C VAL A 738 25.23 17.62 14.66
N ASP A 739 25.64 17.19 13.47
CA ASP A 739 24.72 16.67 12.47
C ASP A 739 24.28 15.28 12.95
N ILE A 740 23.03 15.17 13.43
CA ILE A 740 22.49 13.90 13.94
C ILE A 740 21.62 13.23 12.86
N VAL A 741 21.88 11.94 12.65
CA VAL A 741 21.31 11.20 11.51
C VAL A 741 20.51 9.98 12.04
N MET A 742 19.22 10.21 12.29
CA MET A 742 18.33 9.16 12.79
C MET A 742 17.63 8.34 11.70
N ASN A 743 17.67 8.80 10.45
CA ASN A 743 16.90 8.19 9.36
C ASN A 743 17.40 6.80 8.96
N GLN A 744 18.71 6.66 8.73
CA GLN A 744 19.27 5.41 8.21
C GLN A 744 20.69 5.11 8.70
N MET A 745 21.08 3.85 8.53
CA MET A 745 22.45 3.40 8.65
C MET A 745 22.78 2.59 7.41
N ILE A 746 23.73 3.05 6.61
CA ILE A 746 24.11 2.38 5.36
C ILE A 746 25.34 1.51 5.61
N GLY A 747 25.30 0.27 5.11
CA GLY A 747 26.46 -0.61 5.08
C GLY A 747 26.71 -1.44 6.32
N LEU A 748 25.64 -1.99 6.90
CA LEU A 748 25.77 -2.94 8.00
C LEU A 748 26.27 -4.27 7.41
N PRO A 749 27.24 -4.92 8.08
CA PRO A 749 27.89 -6.11 7.49
C PRO A 749 27.17 -7.45 7.69
N GLY A 750 26.34 -7.57 8.72
CA GLY A 750 25.67 -8.84 9.05
C GLY A 750 24.40 -9.09 8.26
N GLN A 751 24.29 -10.28 7.68
CA GLN A 751 23.09 -10.68 6.93
C GLN A 751 22.03 -11.26 7.87
N GLU A 752 20.77 -11.06 7.51
CA GLU A 752 19.63 -11.60 8.26
C GLU A 752 18.54 -12.04 7.30
N ALA A 753 17.93 -13.18 7.60
CA ALA A 753 16.78 -13.67 6.83
C ALA A 753 15.54 -12.90 7.30
N VAL A 754 15.00 -12.06 6.41
CA VAL A 754 13.84 -11.20 6.72
C VAL A 754 12.71 -11.44 5.71
N THR A 755 11.48 -11.23 6.16
CA THR A 755 10.32 -11.28 5.28
C THR A 755 10.00 -9.87 4.82
N VAL A 756 9.90 -9.67 3.50
CA VAL A 756 9.80 -8.34 2.92
C VAL A 756 8.68 -8.19 1.89
N THR A 757 8.31 -6.93 1.63
CA THR A 757 7.26 -6.56 0.69
C THR A 757 7.74 -5.35 -0.11
N ARG A 758 7.49 -5.37 -1.42
CA ARG A 758 7.95 -4.31 -2.34
C ARG A 758 7.14 -3.04 -2.14
N ALA A 759 7.80 -1.94 -1.77
CA ALA A 759 7.12 -0.70 -1.40
C ALA A 759 7.67 0.52 -2.12
N ASP A 760 6.83 1.55 -2.23
CA ASP A 760 7.26 2.88 -2.72
C ASP A 760 8.00 3.61 -1.59
N ASN A 761 8.44 4.85 -1.85
CA ASN A 761 9.17 5.64 -0.83
C ASN A 761 8.37 5.98 0.45
N ARG A 762 7.04 5.86 0.39
CA ARG A 762 6.17 6.02 1.55
C ARG A 762 6.04 4.76 2.43
N GLY A 763 6.57 3.63 1.97
CA GLY A 763 6.46 2.35 2.67
C GLY A 763 5.15 1.60 2.47
N ILE A 764 4.39 2.01 1.45
CA ILE A 764 3.16 1.33 1.05
C ILE A 764 3.50 0.45 -0.15
N GLN A 765 2.87 -0.72 -0.24
CA GLN A 765 3.14 -1.66 -1.33
C GLN A 765 2.87 -1.02 -2.70
N THR A 766 3.77 -1.27 -3.64
CA THR A 766 3.73 -0.62 -4.95
C THR A 766 3.98 -1.66 -6.07
N TYR A 767 3.63 -1.26 -7.29
CA TYR A 767 3.84 -2.09 -8.48
C TYR A 767 4.92 -1.45 -9.35
N VAL A 768 5.78 -2.29 -9.93
CA VAL A 768 6.89 -1.86 -10.78
C VAL A 768 6.75 -2.57 -12.14
N ASN A 769 6.48 -1.78 -13.19
CA ASN A 769 6.20 -2.31 -14.53
C ASN A 769 5.13 -3.42 -14.51
N GLY A 770 4.09 -3.20 -13.72
CA GLY A 770 3.00 -4.17 -13.55
C GLY A 770 3.22 -5.30 -12.55
N LYS A 771 4.43 -5.42 -12.00
CA LYS A 771 4.79 -6.52 -11.08
C LYS A 771 4.93 -6.03 -9.64
N THR A 772 4.68 -6.92 -8.69
CA THR A 772 4.91 -6.64 -7.27
C THR A 772 5.15 -7.93 -6.49
N TYR A 773 5.48 -7.80 -5.21
CA TYR A 773 5.57 -8.96 -4.31
C TYR A 773 5.37 -8.59 -2.85
N ALA A 774 4.91 -9.55 -2.06
CA ALA A 774 4.69 -9.39 -0.63
C ALA A 774 5.02 -10.68 0.12
N ASN A 775 5.47 -10.53 1.37
CA ASN A 775 5.83 -11.66 2.25
C ASN A 775 6.89 -12.63 1.67
N GLN A 776 7.86 -12.09 0.93
CA GLN A 776 8.93 -12.90 0.35
C GLN A 776 10.16 -12.86 1.26
N MET A 777 10.84 -14.01 1.37
CA MET A 777 12.08 -14.11 2.15
C MET A 777 13.21 -13.40 1.42
N TYR A 778 13.97 -12.60 2.14
CA TYR A 778 15.04 -11.78 1.58
C TYR A 778 16.25 -11.87 2.51
N PHE A 779 17.40 -12.23 1.95
CA PHE A 779 18.64 -12.34 2.73
C PHE A 779 19.39 -11.01 2.69
N ALA A 780 18.88 -10.05 3.45
CA ALA A 780 19.36 -8.67 3.44
C ALA A 780 20.46 -8.43 4.48
N TYR A 781 21.36 -7.52 4.15
CA TYR A 781 22.35 -7.00 5.09
C TYR A 781 21.65 -6.00 6.01
N THR A 782 21.42 -6.39 7.26
CA THR A 782 20.66 -5.58 8.23
C THR A 782 21.28 -5.41 9.63
N THR A 783 22.28 -6.21 9.97
CA THR A 783 22.71 -6.35 11.37
C THR A 783 24.11 -5.76 11.60
N GLY A 784 24.26 -5.03 12.70
CA GLY A 784 25.55 -4.48 13.14
C GLY A 784 25.39 -3.26 14.03
N GLY A 785 26.33 -2.32 13.92
CA GLY A 785 26.39 -1.14 14.80
C GLY A 785 27.76 -0.86 15.38
N GLY A 786 28.64 -1.87 15.39
CA GLY A 786 30.02 -1.72 15.86
C GLY A 786 30.13 -1.87 17.36
N ASN A 787 31.36 -1.76 17.86
CA ASN A 787 31.63 -1.81 19.31
C ASN A 787 31.10 -0.58 20.05
N GLY A 788 30.94 0.53 19.33
CA GLY A 788 30.30 1.72 19.88
C GLY A 788 28.87 1.45 20.32
N GLN A 789 28.09 0.80 19.46
CA GLN A 789 26.71 0.42 19.80
C GLN A 789 26.69 -0.61 20.93
N GLU A 790 27.62 -1.56 20.91
CA GLU A 790 27.74 -2.58 21.97
C GLU A 790 28.00 -1.94 23.34
N THR A 791 28.96 -1.03 23.41
CA THR A 791 29.38 -0.44 24.68
C THR A 791 28.51 0.74 25.16
N TYR A 792 28.06 1.59 24.24
CA TYR A 792 27.31 2.81 24.59
C TYR A 792 25.79 2.76 24.35
N GLY A 793 25.31 1.80 23.56
CA GLY A 793 23.88 1.66 23.26
C GLY A 793 23.05 1.43 24.51
N GLY A 794 22.16 2.38 24.80
CA GLY A 794 21.32 2.31 26.00
C GLY A 794 22.02 2.50 27.33
N LYS A 795 23.30 2.86 27.32
CA LYS A 795 24.13 2.95 28.53
C LYS A 795 23.61 3.94 29.56
N TYR A 796 23.09 5.07 29.07
CA TYR A 796 22.65 6.19 29.91
C TYR A 796 21.13 6.25 30.12
N LEU A 797 20.39 5.21 29.73
CA LEU A 797 18.94 5.17 29.94
C LEU A 797 18.55 5.14 31.42
N SER A 798 19.33 4.42 32.23
CA SER A 798 19.15 4.38 33.68
C SER A 798 19.29 5.75 34.31
N GLU A 799 20.35 6.47 33.93
CA GLU A 799 20.62 7.83 34.39
C GLU A 799 19.53 8.80 33.92
N LEU A 800 19.16 8.72 32.65
CA LEU A 800 18.06 9.54 32.09
C LEU A 800 16.73 9.30 32.81
N GLN A 801 16.42 8.04 33.10
CA GLN A 801 15.24 7.66 33.89
C GLN A 801 15.27 8.30 35.28
N SER A 802 16.44 8.27 35.92
CA SER A 802 16.62 8.84 37.26
C SER A 802 16.46 10.37 37.27
N LYS A 803 17.12 11.04 36.32
CA LYS A 803 17.11 12.51 36.23
C LYS A 803 15.81 13.08 35.68
N TYR A 804 15.33 12.49 34.58
CA TYR A 804 14.18 13.02 33.83
C TYR A 804 13.14 11.92 33.54
N PRO A 805 12.44 11.43 34.58
CA PRO A 805 11.44 10.34 34.41
C PRO A 805 10.37 10.62 33.35
N ASP A 806 9.98 11.88 33.20
CA ASP A 806 9.00 12.32 32.19
C ASP A 806 9.32 11.90 30.74
N LEU A 807 10.61 11.74 30.42
CA LEU A 807 11.05 11.23 29.12
C LEU A 807 10.41 9.87 28.76
N PHE A 808 10.21 9.03 29.78
CA PHE A 808 9.70 7.66 29.59
C PHE A 808 8.28 7.45 30.15
N THR A 809 7.59 8.55 30.45
CA THR A 809 6.14 8.53 30.72
C THR A 809 5.32 9.40 29.75
N THR A 810 5.96 10.36 29.07
CA THR A 810 5.27 11.17 28.05
C THR A 810 4.96 10.30 26.83
N ARG A 811 3.67 10.15 26.52
CA ARG A 811 3.23 9.29 25.43
C ARG A 811 3.44 9.99 24.09
N ALA A 812 4.17 9.32 23.19
CA ALA A 812 4.45 9.84 21.86
C ALA A 812 3.17 9.95 21.03
N ILE A 813 3.11 10.95 20.16
CA ILE A 813 1.89 11.26 19.40
C ILE A 813 1.54 10.14 18.42
N SER A 814 2.54 9.62 17.71
CA SER A 814 2.34 8.61 16.67
C SER A 814 1.87 7.25 17.21
N THR A 815 2.44 6.82 18.33
CA THR A 815 2.15 5.51 18.93
C THR A 815 1.14 5.55 20.08
N GLY A 816 1.11 6.65 20.83
CA GLY A 816 0.32 6.73 22.05
C GLY A 816 0.95 6.04 23.25
N VAL A 817 2.23 5.65 23.14
CA VAL A 817 3.00 5.08 24.26
C VAL A 817 4.32 5.82 24.39
N ALA A 818 4.90 5.81 25.59
CA ALA A 818 6.17 6.48 25.85
C ALA A 818 7.35 5.71 25.27
N PRO A 819 8.52 6.38 25.13
CA PRO A 819 9.76 5.65 24.86
C PRO A 819 10.04 4.60 25.95
N ASP A 820 10.61 3.47 25.53
CA ASP A 820 10.79 2.30 26.39
C ASP A 820 12.28 2.13 26.75
N PRO A 821 12.67 2.52 27.98
CA PRO A 821 14.06 2.40 28.39
C PRO A 821 14.48 1.00 28.89
N THR A 822 13.55 0.05 29.00
CA THR A 822 13.84 -1.27 29.57
C THR A 822 14.63 -2.21 28.64
N THR A 823 14.73 -1.87 27.35
CA THR A 823 15.53 -2.62 26.38
C THR A 823 16.63 -1.72 25.82
N ARG A 824 17.87 -2.20 25.87
CA ARG A 824 19.03 -1.50 25.33
C ARG A 824 19.35 -2.02 23.93
N ILE A 825 19.53 -1.11 22.97
CA ILE A 825 19.95 -1.50 21.62
C ILE A 825 21.49 -1.57 21.58
N THR A 826 22.01 -2.78 21.81
CA THR A 826 23.44 -3.05 21.72
C THR A 826 23.85 -3.43 20.29
N LYS A 827 22.88 -3.85 19.48
CA LYS A 827 23.12 -4.23 18.09
C LYS A 827 21.86 -4.02 17.25
N TRP A 828 22.01 -3.37 16.10
CA TRP A 828 20.89 -3.11 15.20
C TRP A 828 20.54 -4.36 14.41
N SER A 829 19.26 -4.52 14.12
CA SER A 829 18.76 -5.64 13.32
C SER A 829 17.40 -5.27 12.72
N ALA A 830 16.86 -6.15 11.88
CA ALA A 830 15.59 -5.88 11.16
C ALA A 830 14.41 -5.48 12.05
N LYS A 831 14.33 -6.07 13.26
CA LYS A 831 13.27 -5.75 14.23
C LYS A 831 13.14 -4.25 14.56
N TYR A 832 14.25 -3.52 14.48
CA TYR A 832 14.27 -2.06 14.67
C TYR A 832 14.31 -1.26 13.37
N GLU A 833 13.92 -1.88 12.24
CA GLU A 833 14.07 -1.28 10.92
C GLU A 833 12.77 -1.37 10.12
N ASN A 834 12.46 -0.30 9.39
CA ASN A 834 11.29 -0.25 8.50
C ASN A 834 11.54 -1.04 7.22
N GLY A 835 12.77 -1.03 6.75
CA GLY A 835 13.16 -1.78 5.55
C GLY A 835 14.48 -1.29 5.01
N THR A 836 14.70 -1.49 3.72
CA THR A 836 15.94 -1.05 3.05
C THR A 836 15.70 -0.74 1.58
N SER A 837 16.57 0.09 1.01
CA SER A 837 16.66 0.22 -0.44
C SER A 837 17.10 -1.14 -1.02
N LEU A 838 16.76 -1.39 -2.27
CA LEU A 838 17.02 -2.69 -2.90
C LEU A 838 18.53 -2.98 -2.92
N GLN A 839 18.91 -4.16 -2.41
CA GLN A 839 20.31 -4.52 -2.19
C GLN A 839 20.96 -5.37 -3.31
N ASN A 840 20.26 -5.54 -4.43
CA ASN A 840 20.77 -6.30 -5.58
C ASN A 840 21.07 -7.77 -5.24
N ILE A 841 20.18 -8.41 -4.48
CA ILE A 841 20.33 -9.81 -4.05
C ILE A 841 19.31 -10.74 -4.70
N GLY A 842 18.03 -10.35 -4.70
CA GLY A 842 16.94 -11.17 -5.24
C GLY A 842 16.05 -11.77 -4.17
N ILE A 843 14.80 -12.04 -4.54
CA ILE A 843 13.76 -12.47 -3.60
C ILE A 843 13.51 -13.98 -3.54
N GLY A 844 13.82 -14.70 -4.62
CA GLY A 844 13.48 -16.12 -4.75
C GLY A 844 14.64 -17.07 -4.57
N LEU A 845 15.42 -16.87 -3.51
CA LEU A 845 16.56 -17.73 -3.19
C LEU A 845 16.35 -18.59 -1.93
N ALA A 846 15.19 -18.48 -1.30
CA ALA A 846 14.99 -18.97 0.08
C ALA A 846 14.89 -20.48 0.44
N VAL A 847 15.03 -21.38 -0.51
CA VAL A 847 14.70 -22.81 -0.43
C VAL A 847 13.44 -23.19 0.36
N LYS A 848 12.34 -23.40 -0.38
CA LYS A 848 11.14 -24.06 0.13
C LYS A 848 11.18 -25.52 -0.30
N LEU A 849 10.69 -26.39 0.58
CA LEU A 849 10.55 -27.82 0.27
C LEU A 849 9.31 -28.00 -0.61
N PRO A 850 9.19 -29.17 -1.30
CA PRO A 850 8.01 -29.41 -2.15
C PRO A 850 6.66 -29.34 -1.41
N ASN A 851 6.64 -29.66 -0.12
CA ASN A 851 5.44 -29.53 0.71
C ASN A 851 5.03 -28.08 1.03
N GLY A 852 5.89 -27.10 0.72
CA GLY A 852 5.56 -25.68 0.87
C GLY A 852 6.33 -24.96 1.96
N GLU A 853 6.73 -25.67 3.02
CA GLU A 853 7.45 -25.06 4.14
C GLU A 853 8.89 -24.72 3.75
N TYR A 854 9.45 -23.71 4.43
CA TYR A 854 10.84 -23.32 4.23
C TYR A 854 11.79 -24.37 4.80
N ALA A 855 12.90 -24.60 4.09
CA ALA A 855 13.97 -25.45 4.60
C ALA A 855 14.64 -24.75 5.77
N TYR A 856 14.80 -25.48 6.88
CA TYR A 856 15.35 -24.92 8.12
C TYR A 856 16.42 -25.84 8.71
N LEU A 857 17.46 -25.23 9.28
CA LEU A 857 18.57 -25.94 9.92
C LEU A 857 18.83 -25.39 11.31
N ARG A 858 18.59 -26.21 12.33
CA ARG A 858 18.89 -25.82 13.72
C ARG A 858 20.40 -25.71 13.92
N SER A 859 20.83 -24.67 14.63
CA SER A 859 22.25 -24.38 14.81
C SER A 859 22.54 -23.46 16.00
N SER A 860 22.27 -23.97 17.21
CA SER A 860 22.64 -23.34 18.49
C SER A 860 21.99 -21.98 18.78
N ASP A 861 22.27 -20.98 17.92
CA ASP A 861 21.53 -19.72 17.92
C ASP A 861 20.11 -19.91 17.38
N ASN A 862 19.99 -20.66 16.29
CA ASN A 862 18.73 -20.83 15.56
C ASN A 862 17.95 -22.05 16.07
N LYS A 863 16.87 -21.79 16.81
CA LYS A 863 15.96 -22.85 17.32
C LYS A 863 14.47 -22.49 17.11
N ALA A 864 14.16 -21.77 16.03
CA ALA A 864 12.78 -21.33 15.75
C ALA A 864 11.89 -22.49 15.33
N PHE A 865 12.46 -23.44 14.57
CA PHE A 865 11.74 -24.61 14.07
C PHE A 865 12.61 -25.86 14.23
N ASN A 866 12.04 -27.02 13.89
CA ASN A 866 12.81 -28.26 13.77
C ASN A 866 13.63 -28.22 12.48
N THR A 867 14.72 -28.99 12.44
CA THR A 867 15.53 -29.13 11.24
C THR A 867 14.74 -29.90 10.18
N THR A 868 14.47 -29.25 9.06
CA THR A 868 13.84 -29.90 7.91
C THR A 868 14.57 -29.47 6.64
N LEU A 869 15.28 -30.41 6.03
CA LEU A 869 16.08 -30.14 4.84
C LEU A 869 15.57 -30.98 3.67
N PRO A 870 15.88 -30.57 2.42
CA PRO A 870 15.46 -31.35 1.26
C PRO A 870 15.95 -32.80 1.28
N GLU A 871 15.09 -33.73 0.85
CA GLU A 871 15.43 -35.17 0.79
C GLU A 871 16.77 -35.45 0.12
N THR A 872 17.04 -34.73 -0.98
CA THR A 872 18.26 -34.89 -1.76
C THR A 872 19.56 -34.78 -0.96
N MET A 873 19.57 -33.96 0.10
CA MET A 873 20.76 -33.74 0.91
C MET A 873 20.54 -34.04 2.41
N SER A 874 19.68 -35.03 2.71
CA SER A 874 19.30 -35.32 4.11
C SER A 874 18.78 -36.73 4.37
N SER A 875 17.69 -37.10 3.68
CA SER A 875 16.92 -38.29 4.02
C SER A 875 17.59 -39.61 3.58
N ALA A 876 17.95 -40.43 4.57
CA ALA A 876 18.39 -41.81 4.31
C ALA A 876 17.26 -42.66 3.75
N ASP A 877 16.04 -42.42 4.24
CA ASP A 877 14.84 -43.13 3.78
C ASP A 877 14.51 -42.85 2.31
N TYR A 878 14.79 -41.63 1.85
CA TYR A 878 14.68 -41.30 0.42
C TYR A 878 15.62 -42.19 -0.40
N TYR A 879 16.90 -42.18 -0.03
CA TYR A 879 17.93 -42.94 -0.74
C TYR A 879 17.87 -44.46 -0.53
N ALA A 880 17.13 -44.92 0.47
CA ALA A 880 16.82 -46.35 0.63
C ALA A 880 16.00 -46.92 -0.53
N ASN A 881 15.23 -46.06 -1.21
CA ASN A 881 14.50 -46.43 -2.43
C ASN A 881 15.27 -45.97 -3.67
N VAL B 50 -18.80 21.18 49.58
CA VAL B 50 -19.43 21.37 48.23
C VAL B 50 -20.37 20.18 47.91
N GLU B 51 -21.58 20.25 48.47
CA GLU B 51 -22.58 19.20 48.28
C GLU B 51 -23.38 19.36 46.98
N ALA B 52 -23.35 20.55 46.38
CA ALA B 52 -23.97 20.80 45.08
C ALA B 52 -23.02 21.62 44.20
N GLY B 53 -22.67 21.08 43.03
CA GLY B 53 -21.74 21.77 42.13
C GLY B 53 -21.38 21.07 40.83
N PRO B 54 -20.44 21.64 40.06
CA PRO B 54 -19.97 21.07 38.78
C PRO B 54 -19.36 19.68 38.83
N TRP B 55 -18.93 19.21 40.01
CA TRP B 55 -18.53 17.80 40.20
C TRP B 55 -19.59 16.79 39.77
N GLU B 56 -20.86 17.20 39.80
CA GLU B 56 -21.98 16.38 39.36
C GLU B 56 -21.98 16.09 37.83
N ASN B 57 -21.13 16.78 37.07
CA ASN B 57 -20.81 16.41 35.69
C ASN B 57 -20.15 15.02 35.57
N MET B 58 -19.56 14.51 36.66
CA MET B 58 -19.03 13.14 36.70
C MET B 58 -20.10 12.11 36.36
N ALA B 59 -19.69 11.01 35.74
CA ALA B 59 -20.60 9.91 35.40
C ALA B 59 -21.29 9.39 36.65
N TYR B 60 -22.57 9.07 36.53
CA TYR B 60 -23.37 8.52 37.64
C TYR B 60 -22.69 7.29 38.24
N SER B 61 -22.27 6.38 37.37
CA SER B 61 -21.37 5.27 37.72
C SER B 61 -20.33 5.09 36.62
N MET B 62 -19.19 4.51 36.99
CA MET B 62 -18.08 4.30 36.07
C MET B 62 -18.14 2.91 35.44
N ASP B 63 -19.20 2.68 34.67
CA ASP B 63 -19.43 1.39 33.99
C ASP B 63 -20.42 1.57 32.83
N SER B 64 -20.68 0.48 32.10
CA SER B 64 -21.57 0.49 30.94
C SER B 64 -23.02 0.91 31.24
N ASN B 65 -23.46 0.78 32.49
CA ASN B 65 -24.81 1.22 32.90
C ASN B 65 -25.05 2.73 32.82
N SER B 66 -23.98 3.52 32.87
CA SER B 66 -24.09 4.99 32.72
C SER B 66 -23.16 5.64 31.66
N ILE B 67 -22.33 4.85 30.97
CA ILE B 67 -21.41 5.40 29.95
C ILE B 67 -21.41 4.47 28.72
N ASN B 68 -21.82 5.00 27.56
CA ASN B 68 -21.77 4.24 26.30
C ASN B 68 -20.34 3.86 25.94
N ASN B 69 -20.13 2.61 25.53
CA ASN B 69 -18.82 2.13 25.09
C ASN B 69 -18.93 0.92 24.16
N ILE B 70 -17.97 0.84 23.23
CA ILE B 70 -17.82 -0.31 22.34
C ILE B 70 -16.46 -0.93 22.65
N ASP B 71 -16.48 -2.15 23.20
CA ASP B 71 -15.28 -2.84 23.71
C ASP B 71 -14.47 -2.02 24.71
N GLY B 72 -15.17 -1.19 25.49
CA GLY B 72 -14.52 -0.28 26.45
C GLY B 72 -14.18 1.11 25.92
N TYR B 73 -14.22 1.32 24.60
CA TYR B 73 -13.85 2.60 24.00
C TYR B 73 -15.06 3.50 23.81
N ILE B 74 -14.86 4.79 24.09
CA ILE B 74 -15.92 5.81 24.12
C ILE B 74 -15.95 6.57 22.78
N SER B 75 -17.14 6.99 22.38
CA SER B 75 -17.35 7.70 21.12
C SER B 75 -17.78 9.16 21.34
N TYR B 76 -17.43 10.04 20.41
CA TYR B 76 -17.91 11.43 20.42
C TYR B 76 -19.38 11.56 19.98
N THR B 77 -19.87 10.58 19.23
CA THR B 77 -21.31 10.45 18.95
C THR B 77 -22.10 9.80 20.11
N GLY B 78 -21.39 9.19 21.05
CA GLY B 78 -21.99 8.52 22.20
C GLY B 78 -22.46 9.43 23.32
N TRP B 79 -23.20 8.84 24.25
CA TRP B 79 -23.90 9.54 25.33
C TRP B 79 -23.54 8.91 26.67
N TYR B 80 -23.75 9.65 27.75
CA TYR B 80 -23.53 9.13 29.12
C TYR B 80 -24.48 9.82 30.11
N ARG B 81 -24.65 9.20 31.28
CA ARG B 81 -25.48 9.73 32.35
C ARG B 81 -24.58 10.40 33.41
N PRO B 82 -24.58 11.75 33.46
CA PRO B 82 -23.87 12.39 34.56
C PRO B 82 -24.64 12.22 35.87
N TYR B 83 -23.97 12.43 36.99
CA TYR B 83 -24.63 12.32 38.31
C TYR B 83 -25.77 13.34 38.44
N GLY B 84 -25.51 14.58 38.04
CA GLY B 84 -26.53 15.63 38.06
C GLY B 84 -26.33 16.66 36.96
N THR B 85 -27.26 17.61 36.90
CA THR B 85 -27.25 18.65 35.87
C THR B 85 -27.81 19.98 36.42
N SER B 86 -27.51 21.08 35.74
CA SER B 86 -27.93 22.42 36.17
C SER B 86 -28.22 23.34 35.00
N GLN B 87 -29.19 24.24 35.21
CA GLN B 87 -29.60 25.23 34.20
C GLN B 87 -29.07 26.64 34.50
N ASP B 88 -28.51 26.85 35.69
CA ASP B 88 -27.94 28.14 36.09
C ASP B 88 -26.56 28.13 36.76
N GLY B 89 -26.09 26.97 37.21
CA GLY B 89 -24.84 26.87 37.99
C GLY B 89 -25.01 26.82 39.50
N LYS B 90 -26.12 27.36 40.02
CA LYS B 90 -26.37 27.37 41.47
C LYS B 90 -27.15 26.13 41.91
N THR B 91 -28.29 25.88 41.26
CA THR B 91 -29.16 24.74 41.59
C THR B 91 -28.82 23.53 40.72
N TRP B 92 -28.48 22.42 41.38
CA TRP B 92 -28.09 21.17 40.70
C TRP B 92 -29.07 20.07 41.08
N TYR B 93 -29.62 19.39 40.06
CA TYR B 93 -30.58 18.31 40.28
C TYR B 93 -30.01 16.95 39.84
N PRO B 94 -30.21 15.89 40.66
CA PRO B 94 -29.77 14.55 40.25
C PRO B 94 -30.52 14.02 39.02
N THR B 95 -29.80 13.29 38.17
CA THR B 95 -30.40 12.62 37.03
C THR B 95 -31.15 11.37 37.49
N THR B 96 -32.19 11.01 36.75
CA THR B 96 -32.77 9.68 36.83
C THR B 96 -32.09 8.82 35.76
N VAL B 97 -32.47 7.54 35.68
CA VAL B 97 -31.88 6.62 34.68
C VAL B 97 -32.15 7.00 33.21
N ALA B 98 -33.19 7.80 32.96
CA ALA B 98 -33.52 8.29 31.61
C ALA B 98 -32.76 9.56 31.16
N ASP B 99 -32.12 10.26 32.11
CA ASP B 99 -31.44 11.54 31.81
C ASP B 99 -29.98 11.35 31.39
N TRP B 100 -29.78 11.07 30.10
CA TRP B 100 -28.46 10.95 29.49
C TRP B 100 -28.18 12.19 28.65
N ARG B 101 -26.89 12.47 28.44
CA ARG B 101 -26.46 13.63 27.66
C ARG B 101 -25.36 13.25 26.66
N PRO B 102 -25.28 13.96 25.51
CA PRO B 102 -24.24 13.68 24.52
C PRO B 102 -22.85 14.08 25.00
N ILE B 103 -21.84 13.25 24.73
CA ILE B 103 -20.48 13.48 25.22
C ILE B 103 -19.83 14.75 24.62
N LEU B 104 -20.25 15.15 23.42
CA LEU B 104 -19.76 16.40 22.78
C LEU B 104 -20.11 17.71 23.53
N MET B 105 -21.05 17.66 24.47
CA MET B 105 -21.26 18.77 25.42
C MET B 105 -20.10 18.91 26.41
N TYR B 106 -19.42 17.79 26.71
CA TYR B 106 -18.43 17.70 27.80
C TYR B 106 -16.98 17.52 27.35
N VAL B 107 -16.75 16.76 26.28
CA VAL B 107 -15.39 16.41 25.81
C VAL B 107 -15.26 16.62 24.31
N TRP B 108 -14.05 16.96 23.86
CA TRP B 108 -13.75 17.23 22.45
C TRP B 108 -12.38 16.66 22.09
N PRO B 109 -12.15 16.33 20.80
CA PRO B 109 -10.84 15.82 20.36
C PRO B 109 -9.70 16.84 20.45
N SER B 110 -10.04 18.13 20.40
CA SER B 110 -9.06 19.19 20.59
C SER B 110 -9.72 20.51 20.98
N LYS B 111 -8.90 21.47 21.38
CA LYS B 111 -9.37 22.82 21.73
C LYS B 111 -10.04 23.51 20.54
N ASP B 112 -9.55 23.23 19.33
CA ASP B 112 -10.14 23.77 18.10
C ASP B 112 -11.60 23.37 17.94
N VAL B 113 -11.89 22.08 18.10
CA VAL B 113 -13.26 21.56 17.99
C VAL B 113 -14.14 22.05 19.15
N GLN B 114 -13.55 22.17 20.35
CA GLN B 114 -14.24 22.73 21.52
C GLN B 114 -14.74 24.14 21.22
N ALA B 115 -13.84 24.99 20.69
CA ALA B 115 -14.19 26.35 20.30
C ALA B 115 -15.27 26.39 19.21
N LYS B 116 -15.16 25.51 18.23
CA LYS B 116 -16.15 25.41 17.16
C LYS B 116 -17.50 24.87 17.65
N PHE B 117 -17.49 24.01 18.67
CA PHE B 117 -18.73 23.56 19.33
C PHE B 117 -19.44 24.73 19.99
N ILE B 118 -18.70 25.52 20.76
CA ILE B 118 -19.23 26.72 21.43
C ILE B 118 -19.81 27.68 20.40
N GLN B 119 -18.99 28.02 19.40
CA GLN B 119 -19.37 28.94 18.34
C GLN B 119 -20.61 28.46 17.57
N TYR B 120 -20.64 27.18 17.20
CA TYR B 120 -21.78 26.62 16.47
C TYR B 120 -23.07 26.69 17.28
N PHE B 121 -23.03 26.21 18.53
CA PHE B 121 -24.24 26.17 19.37
C PHE B 121 -24.80 27.56 19.66
N VAL B 122 -23.93 28.52 19.97
CA VAL B 122 -24.35 29.91 20.20
C VAL B 122 -24.99 30.50 18.93
N ASN B 123 -24.44 30.19 17.75
CA ASN B 123 -24.99 30.66 16.47
C ASN B 123 -26.26 29.93 16.00
N HIS B 124 -26.53 28.74 16.55
CA HIS B 124 -27.68 27.93 16.16
C HIS B 124 -28.67 27.70 17.32
N GLY B 125 -29.10 28.79 17.95
CA GLY B 125 -30.20 28.78 18.94
C GLY B 125 -29.86 28.97 20.41
N TYR B 126 -28.61 28.68 20.80
CA TYR B 126 -28.22 28.61 22.21
C TYR B 126 -27.45 29.85 22.66
N GLU B 127 -28.00 31.03 22.35
CA GLU B 127 -27.42 32.31 22.76
C GLU B 127 -28.07 32.79 24.05
N ASN B 128 -27.25 33.32 24.97
CA ASN B 128 -27.77 33.87 26.23
C ASN B 128 -26.74 34.86 26.83
N SER B 129 -27.04 36.15 26.71
CA SER B 129 -26.14 37.23 27.14
C SER B 129 -25.83 37.22 28.65
N ASN B 130 -26.77 36.71 29.45
CA ASN B 130 -26.58 36.61 30.90
C ASN B 130 -25.53 35.58 31.31
N TYR B 131 -25.22 34.62 30.43
CA TYR B 131 -24.18 33.63 30.67
C TYR B 131 -22.94 33.84 29.78
N GLY B 132 -22.75 35.06 29.28
CA GLY B 132 -21.58 35.43 28.49
C GLY B 132 -21.50 34.81 27.11
N LEU B 133 -22.65 34.43 26.54
CA LEU B 133 -22.70 33.68 25.29
C LEU B 133 -23.58 34.39 24.26
N THR B 134 -22.95 35.25 23.47
CA THR B 134 -23.58 35.91 22.32
C THR B 134 -22.69 35.73 21.11
N THR B 135 -23.27 35.97 19.92
CA THR B 135 -22.52 35.95 18.66
C THR B 135 -21.68 37.24 18.58
N GLY B 136 -20.52 37.13 19.19
CA GLY B 136 -19.63 38.28 19.43
C GLY B 136 -18.75 38.04 20.63
N SER B 137 -19.33 37.50 21.70
CA SER B 137 -18.57 37.09 22.89
C SER B 137 -17.73 35.83 22.61
N VAL B 138 -18.27 34.95 21.77
CA VAL B 138 -17.57 33.71 21.35
C VAL B 138 -16.90 33.78 19.98
N LYS B 139 -17.10 34.88 19.25
CA LYS B 139 -16.62 35.02 17.86
C LYS B 139 -15.11 34.78 17.68
N ASP B 140 -14.32 35.27 18.64
CA ASP B 140 -12.84 35.21 18.56
C ASP B 140 -12.19 34.04 19.30
N LEU B 141 -13.01 33.14 19.87
CA LEU B 141 -12.46 31.91 20.48
C LEU B 141 -11.82 31.03 19.42
N SER B 142 -10.78 30.30 19.82
CA SER B 142 -10.09 29.35 18.95
C SER B 142 -9.34 28.34 19.80
N GLU B 143 -8.47 27.54 19.18
CA GLU B 143 -7.59 26.62 19.91
C GLU B 143 -6.53 27.34 20.75
N ASN B 144 -6.10 28.52 20.31
CA ASN B 144 -5.11 29.32 21.05
C ASN B 144 -5.68 30.06 22.28
N THR B 145 -7.01 30.10 22.42
CA THR B 145 -7.64 30.61 23.65
C THR B 145 -7.18 29.77 24.84
N ALA B 146 -7.05 30.42 26.00
CA ALA B 146 -6.67 29.74 27.24
C ALA B 146 -7.63 28.60 27.57
N SER B 147 -7.09 27.50 28.09
CA SER B 147 -7.86 26.28 28.33
C SER B 147 -8.97 26.46 29.37
N ILE B 148 -8.65 27.13 30.47
CA ILE B 148 -9.62 27.37 31.55
C ILE B 148 -10.75 28.31 31.11
N LYS B 149 -10.44 29.26 30.22
CA LYS B 149 -11.44 30.16 29.65
C LYS B 149 -12.44 29.38 28.78
N LEU B 150 -11.93 28.49 27.92
CA LEU B 150 -12.78 27.64 27.08
C LEU B 150 -13.64 26.68 27.92
N ASN B 151 -13.04 26.09 28.95
CA ASN B 151 -13.77 25.23 29.90
C ASN B 151 -14.92 25.98 30.59
N GLU B 152 -14.65 27.21 31.02
CA GLU B 152 -15.66 28.07 31.64
C GLU B 152 -16.78 28.45 30.66
N VAL B 153 -16.40 28.82 29.43
CA VAL B 153 -17.39 29.15 28.38
C VAL B 153 -18.23 27.92 28.02
N ALA B 154 -17.59 26.75 27.99
CA ALA B 154 -18.29 25.48 27.75
C ALA B 154 -19.24 25.11 28.88
N GLN B 155 -18.84 25.37 30.12
CA GLN B 155 -19.70 25.12 31.28
C GLN B 155 -20.95 26.01 31.25
N ASN B 156 -20.77 27.28 30.88
CA ASN B 156 -21.90 28.21 30.71
C ASN B 156 -22.85 27.76 29.61
N LEU B 157 -22.32 27.22 28.51
CA LEU B 157 -23.15 26.70 27.42
C LEU B 157 -23.97 25.49 27.88
N ARG B 158 -23.37 24.64 28.71
CA ARG B 158 -24.05 23.51 29.35
C ARG B 158 -25.36 23.96 30.03
N TYR B 159 -25.25 25.04 30.81
CA TYR B 159 -26.41 25.62 31.49
C TYR B 159 -27.47 26.09 30.50
N VAL B 160 -27.03 26.76 29.43
CA VAL B 160 -27.93 27.24 28.37
C VAL B 160 -28.58 26.07 27.61
N ILE B 161 -27.82 24.99 27.41
CA ILE B 161 -28.36 23.76 26.80
C ILE B 161 -29.43 23.14 27.71
N GLU B 162 -29.16 23.06 29.01
CA GLU B 162 -30.15 22.56 29.97
C GLU B 162 -31.42 23.41 30.03
N GLN B 163 -31.28 24.73 29.84
CA GLN B 163 -32.43 25.62 29.67
C GLN B 163 -33.24 25.26 28.42
N HIS B 164 -32.54 25.00 27.32
CA HIS B 164 -33.19 24.54 26.09
C HIS B 164 -33.92 23.20 26.26
N ILE B 165 -33.26 22.25 26.92
CA ILE B 165 -33.83 20.92 27.23
C ILE B 165 -35.14 21.05 28.01
N VAL B 166 -35.15 21.92 29.03
CA VAL B 166 -36.34 22.11 29.86
C VAL B 166 -37.46 22.84 29.10
N ALA B 167 -37.09 23.75 28.21
CA ALA B 167 -38.04 24.45 27.33
C ALA B 167 -38.72 23.51 26.33
N ALA B 168 -38.00 22.48 25.91
CA ALA B 168 -38.51 21.48 24.94
C ALA B 168 -39.02 20.19 25.59
N LYS B 169 -38.80 20.01 26.90
CA LYS B 169 -39.15 18.79 27.63
C LYS B 169 -38.55 17.49 27.04
N SER B 170 -37.42 17.60 26.36
CA SER B 170 -36.71 16.44 25.79
C SER B 170 -35.33 16.84 25.27
N THR B 171 -34.54 15.82 24.92
CA THR B 171 -33.21 16.01 24.33
C THR B 171 -33.21 15.85 22.79
N SER B 172 -34.38 15.72 22.17
CA SER B 172 -34.49 15.43 20.73
C SER B 172 -33.84 16.52 19.87
N GLN B 173 -34.12 17.78 20.19
CA GLN B 173 -33.53 18.92 19.47
C GLN B 173 -32.02 18.99 19.66
N LEU B 174 -31.57 18.80 20.91
CA LEU B 174 -30.13 18.73 21.22
C LEU B 174 -29.42 17.65 20.41
N ALA B 175 -29.98 16.45 20.39
CA ALA B 175 -29.45 15.32 19.60
C ALA B 175 -29.28 15.67 18.13
N ASN B 176 -30.26 16.36 17.57
CA ASN B 176 -30.22 16.81 16.17
C ASN B 176 -29.14 17.87 15.95
N ASP B 177 -29.04 18.83 16.88
CA ASP B 177 -28.00 19.87 16.82
C ASP B 177 -26.59 19.29 16.93
N ILE B 178 -26.41 18.30 17.81
CA ILE B 178 -25.14 17.57 17.93
C ILE B 178 -24.78 16.90 16.61
N ASN B 179 -25.74 16.18 16.02
CA ASN B 179 -25.54 15.52 14.72
C ASN B 179 -25.24 16.51 13.61
N ASN B 180 -25.95 17.64 13.58
CA ASN B 180 -25.71 18.70 12.60
C ASN B 180 -24.34 19.36 12.79
N PHE B 181 -23.93 19.57 14.04
CA PHE B 181 -22.60 20.08 14.34
C PHE B 181 -21.49 19.14 13.87
N ILE B 182 -21.64 17.85 14.18
CA ILE B 182 -20.67 16.83 13.78
C ILE B 182 -20.36 16.89 12.28
N THR B 183 -21.39 17.04 11.45
CA THR B 183 -21.23 17.05 9.99
C THR B 183 -20.39 18.24 9.48
N THR B 184 -20.34 19.33 10.23
CA THR B 184 -19.54 20.51 9.86
C THR B 184 -18.04 20.41 10.20
N ILE B 185 -17.66 19.46 11.07
CA ILE B 185 -16.25 19.19 11.38
C ILE B 185 -15.74 18.07 10.47
N PRO B 186 -14.70 18.34 9.64
CA PRO B 186 -14.10 17.30 8.81
C PRO B 186 -13.77 16.00 9.55
N GLU B 187 -13.08 16.12 10.69
CA GLU B 187 -12.60 14.93 11.42
C GLU B 187 -13.68 14.12 12.16
N LEU B 188 -14.83 14.74 12.47
CA LEU B 188 -15.92 14.04 13.18
C LEU B 188 -16.98 13.42 12.27
N SER B 189 -17.20 14.01 11.10
CA SER B 189 -18.23 13.52 10.17
C SER B 189 -17.88 12.16 9.57
N ALA B 190 -18.86 11.57 8.89
CA ALA B 190 -18.65 10.30 8.18
C ALA B 190 -17.66 10.45 7.03
N SER B 191 -17.70 11.61 6.36
CA SER B 191 -16.81 11.90 5.21
C SER B 191 -15.30 11.81 5.51
N SER B 192 -14.92 11.83 6.79
CA SER B 192 -13.54 11.54 7.22
C SER B 192 -12.99 10.21 6.72
N GLU B 193 -13.85 9.20 6.55
CA GLU B 193 -13.44 7.88 6.06
C GLU B 193 -13.10 7.84 4.55
N LEU B 194 -13.34 8.94 3.84
CA LEU B 194 -12.89 9.16 2.46
C LEU B 194 -13.58 8.24 1.46
N PRO B 195 -14.85 8.55 1.11
CA PRO B 195 -15.57 7.76 0.10
C PRO B 195 -14.95 7.92 -1.31
N TYR B 196 -15.00 6.89 -2.17
CA TYR B 196 -15.70 5.61 -1.96
C TYR B 196 -14.72 4.44 -2.09
N GLY B 197 -14.91 3.42 -1.26
CA GLY B 197 -13.99 2.28 -1.23
C GLY B 197 -14.11 1.44 0.04
N GLN B 198 -12.97 1.07 0.60
CA GLN B 198 -12.88 0.11 1.71
C GLN B 198 -11.80 0.52 2.71
N VAL B 199 -11.76 -0.20 3.84
CA VAL B 199 -10.67 -0.13 4.81
C VAL B 199 -10.23 -1.54 5.17
N ILE B 200 -8.96 -1.71 5.50
CA ILE B 200 -8.42 -2.98 5.99
C ILE B 200 -8.25 -2.93 7.50
N PHE B 201 -8.54 -4.03 8.20
CA PHE B 201 -8.28 -4.13 9.63
C PHE B 201 -6.80 -4.45 9.82
N VAL B 202 -6.15 -3.74 10.75
CA VAL B 202 -4.72 -3.91 11.03
C VAL B 202 -4.46 -4.13 12.51
N ASN B 203 -3.25 -4.59 12.81
CA ASN B 203 -2.86 -4.94 14.18
C ASN B 203 -2.66 -3.69 15.03
N ASN B 204 -3.09 -3.76 16.29
CA ASN B 204 -2.93 -2.67 17.25
C ASN B 204 -3.13 -3.19 18.67
N ASP B 205 -2.32 -2.71 19.60
CA ASP B 205 -2.41 -3.15 21.00
C ASP B 205 -3.68 -2.65 21.70
N ASN B 206 -4.27 -1.56 21.18
CA ASN B 206 -5.56 -1.07 21.65
C ASN B 206 -6.70 -2.02 21.27
N THR B 207 -6.67 -2.53 20.03
CA THR B 207 -7.63 -3.53 19.55
C THR B 207 -6.95 -4.89 19.40
N SER B 208 -6.35 -5.34 20.51
CA SER B 208 -5.52 -6.57 20.55
C SER B 208 -6.31 -7.84 20.23
N TYR B 209 -7.53 -7.92 20.75
CA TYR B 209 -8.51 -8.96 20.36
C TYR B 209 -8.72 -9.13 18.86
N ALA B 210 -8.61 -8.04 18.09
CA ALA B 210 -8.76 -8.04 16.64
C ALA B 210 -7.45 -8.23 15.85
N ASP B 211 -6.34 -8.58 16.52
CA ASP B 211 -5.06 -8.82 15.84
C ASP B 211 -5.10 -10.10 15.01
N SER B 212 -4.15 -10.19 14.08
CA SER B 212 -4.00 -11.35 13.22
C SER B 212 -2.58 -11.40 12.64
N LYS B 213 -2.06 -12.60 12.51
CA LYS B 213 -0.80 -12.85 11.80
C LYS B 213 -1.02 -12.98 10.30
N TYR B 214 -2.26 -13.21 9.88
CA TYR B 214 -2.55 -13.83 8.59
C TYR B 214 -3.28 -13.04 7.48
N ARG B 215 -3.67 -11.79 7.64
CA ARG B 215 -4.47 -11.12 6.60
C ARG B 215 -3.64 -10.96 5.31
N LEU B 216 -3.36 -12.08 4.63
CA LEU B 216 -2.56 -12.09 3.40
C LEU B 216 -3.50 -11.71 2.27
N MET B 217 -3.37 -10.47 1.80
CA MET B 217 -4.38 -9.87 0.94
C MET B 217 -4.09 -10.12 -0.54
N SER B 218 -5.16 -10.32 -1.30
CA SER B 218 -5.11 -10.46 -2.78
C SER B 218 -4.22 -11.62 -3.25
N ARG B 219 -4.30 -12.73 -2.51
CA ARG B 219 -3.60 -13.97 -2.88
C ARG B 219 -4.51 -14.75 -3.83
N THR B 220 -4.80 -14.13 -4.97
CA THR B 220 -5.89 -14.53 -5.84
C THR B 220 -5.35 -15.05 -7.16
N ILE B 221 -5.93 -16.15 -7.63
CA ILE B 221 -5.58 -16.78 -8.90
C ILE B 221 -4.08 -17.19 -8.86
N ASN B 222 -3.21 -16.60 -9.69
CA ASN B 222 -1.79 -16.99 -9.71
C ASN B 222 -0.95 -16.27 -8.66
N ASN B 223 -1.54 -15.32 -7.92
CA ASN B 223 -0.84 -14.58 -6.88
C ASN B 223 -0.89 -15.23 -5.48
N GLN B 224 -1.23 -16.53 -5.40
CA GLN B 224 -1.19 -17.28 -4.13
C GLN B 224 0.06 -17.09 -3.30
N THR B 225 1.23 -17.16 -3.93
CA THR B 225 2.52 -17.01 -3.25
C THR B 225 2.84 -15.57 -2.84
N GLY B 226 2.01 -14.60 -3.26
CA GLY B 226 2.24 -13.20 -3.02
C GLY B 226 3.22 -12.52 -3.94
N ASN B 227 3.66 -13.21 -5.00
CA ASN B 227 4.65 -12.71 -5.94
C ASN B 227 3.94 -12.54 -7.28
N ASP B 228 3.47 -11.32 -7.57
CA ASP B 228 2.81 -11.00 -8.83
C ASP B 228 3.90 -10.67 -9.86
N ASN B 229 4.18 -11.62 -10.76
CA ASN B 229 5.17 -11.42 -11.84
C ASN B 229 4.60 -11.65 -13.25
N ASP B 230 3.33 -12.03 -13.34
CA ASP B 230 2.77 -12.55 -14.63
C ASP B 230 2.26 -11.56 -15.72
N ASN B 231 2.28 -10.25 -15.46
CA ASN B 231 1.76 -9.24 -16.41
C ASN B 231 0.34 -9.56 -16.95
N SER B 232 -0.53 -10.01 -16.04
CA SER B 232 -1.90 -10.40 -16.36
C SER B 232 -2.86 -10.03 -15.23
N ASP B 233 -4.13 -9.81 -15.58
CA ASP B 233 -5.16 -9.50 -14.60
C ASP B 233 -5.46 -10.72 -13.74
N ASN B 234 -5.03 -10.67 -12.49
CA ASN B 234 -5.33 -11.71 -11.48
C ASN B 234 -6.29 -11.00 -10.53
N GLY B 235 -6.70 -11.59 -9.42
CA GLY B 235 -7.78 -10.97 -8.64
C GLY B 235 -7.40 -9.77 -7.80
N TYR B 236 -8.38 -9.27 -7.06
CA TYR B 236 -8.15 -8.43 -5.89
C TYR B 236 -9.06 -8.86 -4.74
N GLU B 237 -8.66 -8.58 -3.51
CA GLU B 237 -9.33 -9.12 -2.32
C GLU B 237 -10.77 -8.62 -2.13
N PHE B 238 -10.96 -7.30 -2.21
CA PHE B 238 -12.23 -6.67 -1.80
C PHE B 238 -13.23 -6.50 -2.94
N LEU B 239 -14.49 -6.86 -2.65
CA LEU B 239 -15.62 -6.62 -3.56
C LEU B 239 -16.59 -5.65 -2.87
N THR B 240 -17.35 -6.15 -1.90
CA THR B 240 -18.26 -5.30 -1.10
C THR B 240 -18.64 -6.04 0.18
N GLY B 241 -18.84 -5.30 1.26
CA GLY B 241 -19.19 -5.90 2.55
C GLY B 241 -17.98 -6.35 3.34
N ILE B 242 -18.25 -7.10 4.42
CA ILE B 242 -17.20 -7.49 5.38
C ILE B 242 -16.40 -8.67 4.84
N ASP B 243 -15.16 -8.40 4.43
CA ASP B 243 -14.35 -9.37 3.72
C ASP B 243 -13.74 -10.40 4.67
N ILE B 244 -14.00 -11.68 4.40
CA ILE B 244 -13.52 -12.78 5.24
C ILE B 244 -12.06 -13.08 4.89
N ASP B 245 -11.22 -13.21 5.93
CA ASP B 245 -9.80 -13.54 5.74
C ASP B 245 -9.65 -15.04 5.49
N ASN B 246 -9.75 -15.42 4.22
CA ASN B 246 -9.56 -16.82 3.80
C ASN B 246 -8.09 -17.25 3.74
N SER B 247 -7.17 -16.38 4.17
CA SER B 247 -5.77 -16.74 4.43
C SER B 247 -5.57 -17.30 5.85
N ASN B 248 -6.49 -17.01 6.77
CA ASN B 248 -6.39 -17.46 8.16
C ASN B 248 -6.61 -18.98 8.25
N PRO B 249 -5.63 -19.74 8.78
CA PRO B 249 -5.77 -21.19 8.92
C PRO B 249 -7.04 -21.67 9.62
N VAL B 250 -7.48 -20.93 10.64
CA VAL B 250 -8.72 -21.27 11.37
C VAL B 250 -9.95 -21.06 10.48
N VAL B 251 -9.93 -20.00 9.67
CA VAL B 251 -11.00 -19.75 8.69
C VAL B 251 -10.99 -20.82 7.59
N GLN B 252 -9.80 -21.20 7.13
CA GLN B 252 -9.64 -22.27 6.14
C GLN B 252 -10.22 -23.61 6.62
N ALA B 253 -9.99 -23.93 7.88
CA ALA B 253 -10.60 -25.11 8.53
C ALA B 253 -12.12 -24.99 8.60
N GLU B 254 -12.61 -23.79 8.93
CA GLU B 254 -14.05 -23.53 8.98
C GLU B 254 -14.75 -23.69 7.63
N ASN B 255 -14.08 -23.30 6.54
CA ASN B 255 -14.63 -23.52 5.19
C ASN B 255 -14.82 -25.01 4.89
N LEU B 256 -13.86 -25.84 5.29
CA LEU B 256 -13.96 -27.29 5.14
C LEU B 256 -15.12 -27.85 5.96
N ASN B 257 -15.29 -27.34 7.19
CA ASN B 257 -16.47 -27.65 8.02
C ASN B 257 -17.76 -27.30 7.30
N TRP B 258 -17.81 -26.07 6.79
CA TRP B 258 -18.98 -25.54 6.09
C TRP B 258 -19.32 -26.37 4.86
N GLU B 259 -18.29 -26.72 4.08
CA GLU B 259 -18.46 -27.55 2.88
C GLU B 259 -18.94 -28.96 3.21
N TYR B 260 -18.37 -29.59 4.24
CA TYR B 260 -18.83 -30.90 4.72
C TYR B 260 -20.30 -30.87 5.15
N PHE B 261 -20.70 -29.79 5.82
CA PHE B 261 -22.10 -29.59 6.23
C PHE B 261 -23.04 -29.54 5.03
N LEU B 262 -22.71 -28.75 4.03
CA LEU B 262 -23.52 -28.64 2.80
C LEU B 262 -23.57 -29.95 2.01
N LEU B 263 -22.42 -30.64 1.93
CA LEU B 263 -22.36 -31.94 1.25
C LEU B 263 -23.12 -33.07 1.95
N ASN B 264 -23.46 -32.89 3.23
CA ASN B 264 -24.26 -33.85 4.02
C ASN B 264 -25.49 -33.18 4.66
N TYR B 265 -26.03 -32.13 4.04
CA TYR B 265 -27.02 -31.25 4.68
C TYR B 265 -28.24 -31.97 5.29
N GLY B 266 -29.00 -32.67 4.44
CA GLY B 266 -30.21 -33.36 4.87
C GLY B 266 -29.97 -34.39 5.96
N LYS B 267 -28.89 -35.16 5.80
CA LYS B 267 -28.48 -36.16 6.80
C LYS B 267 -28.24 -35.52 8.16
N LEU B 268 -27.43 -34.46 8.16
CA LEU B 268 -26.99 -33.80 9.39
C LEU B 268 -28.09 -33.00 10.11
N MET B 269 -29.07 -32.50 9.36
CA MET B 269 -30.25 -31.82 9.94
C MET B 269 -31.35 -32.77 10.41
N GLY B 270 -31.30 -34.03 9.97
CA GLY B 270 -32.37 -34.98 10.23
C GLY B 270 -33.61 -34.71 9.38
N TYR B 271 -33.42 -34.06 8.23
CA TYR B 271 -34.48 -33.86 7.24
C TYR B 271 -34.45 -35.07 6.30
N ASN B 272 -34.82 -34.90 5.03
CA ASN B 272 -34.64 -35.95 4.02
C ASN B 272 -33.21 -36.52 4.15
N PRO B 273 -33.06 -37.86 4.28
CA PRO B 273 -31.70 -38.45 4.40
C PRO B 273 -30.89 -38.40 3.10
N ASP B 274 -31.57 -38.47 1.95
CA ASP B 274 -31.01 -38.01 0.67
C ASP B 274 -31.25 -36.50 0.68
N GLY B 275 -30.90 -35.80 -0.39
CA GLY B 275 -31.11 -34.36 -0.42
C GLY B 275 -29.90 -33.55 0.07
N ASN B 276 -28.71 -34.12 -0.10
CA ASN B 276 -27.47 -33.48 0.29
C ASN B 276 -26.83 -32.96 -1.00
N PHE B 277 -26.11 -31.84 -0.93
CA PHE B 277 -25.48 -31.26 -2.13
C PHE B 277 -24.34 -32.14 -2.65
N ASP B 278 -24.18 -32.16 -3.97
CA ASP B 278 -23.18 -33.00 -4.65
C ASP B 278 -21.91 -32.23 -5.00
N GLY B 279 -21.99 -30.91 -5.16
CA GLY B 279 -20.83 -30.07 -5.46
C GLY B 279 -21.03 -28.61 -5.10
N PHE B 280 -20.22 -27.74 -5.73
CA PHE B 280 -20.21 -26.31 -5.42
C PHE B 280 -20.08 -25.44 -6.66
N ARG B 281 -20.94 -24.42 -6.74
CA ARG B 281 -20.67 -23.25 -7.57
C ARG B 281 -19.96 -22.26 -6.65
N ILE B 282 -18.70 -21.95 -6.93
CA ILE B 282 -17.88 -21.12 -6.03
C ILE B 282 -17.97 -19.63 -6.39
N ASP B 283 -18.69 -18.88 -5.53
CA ASP B 283 -18.88 -17.45 -5.69
C ASP B 283 -17.58 -16.67 -5.46
N ALA B 284 -17.35 -15.68 -6.31
CA ALA B 284 -16.22 -14.75 -6.16
C ALA B 284 -14.87 -15.46 -6.04
N ALA B 285 -14.65 -16.47 -6.89
CA ALA B 285 -13.41 -17.26 -6.89
C ALA B 285 -12.18 -16.44 -7.30
N ASP B 286 -12.39 -15.33 -8.02
CA ASP B 286 -11.33 -14.37 -8.33
C ASP B 286 -11.01 -13.39 -7.19
N HIS B 287 -11.69 -13.48 -6.05
CA HIS B 287 -11.53 -12.50 -4.97
C HIS B 287 -11.38 -13.13 -3.58
N ILE B 288 -10.90 -14.36 -3.53
CA ILE B 288 -10.63 -15.08 -2.28
C ILE B 288 -9.26 -15.73 -2.38
N ASP B 289 -8.60 -15.92 -1.23
CA ASP B 289 -7.31 -16.60 -1.17
C ASP B 289 -7.48 -17.97 -1.83
N ALA B 290 -6.75 -18.21 -2.91
CA ALA B 290 -6.94 -19.43 -3.72
C ALA B 290 -6.55 -20.74 -3.00
N ASP B 291 -5.95 -20.66 -1.81
CA ASP B 291 -5.82 -21.80 -0.88
C ASP B 291 -7.12 -22.59 -0.72
N VAL B 292 -8.23 -21.85 -0.58
CA VAL B 292 -9.55 -22.47 -0.37
C VAL B 292 -10.02 -23.30 -1.58
N LEU B 293 -9.53 -22.96 -2.78
CA LEU B 293 -9.81 -23.73 -4.00
C LEU B 293 -9.07 -25.07 -3.98
N ASP B 294 -7.80 -25.04 -3.56
CA ASP B 294 -7.02 -26.27 -3.35
C ASP B 294 -7.70 -27.17 -2.32
N GLN B 295 -8.10 -26.56 -1.20
CA GLN B 295 -8.65 -27.28 -0.06
C GLN B 295 -10.06 -27.85 -0.33
N THR B 296 -10.88 -27.12 -1.10
CA THR B 296 -12.18 -27.65 -1.57
C THR B 296 -12.00 -28.90 -2.40
N GLY B 297 -11.09 -28.83 -3.38
CA GLY B 297 -10.72 -29.97 -4.21
C GLY B 297 -10.20 -31.15 -3.40
N GLN B 298 -9.35 -30.85 -2.42
CA GLN B 298 -8.81 -31.88 -1.53
C GLN B 298 -9.90 -32.61 -0.74
N LEU B 299 -10.82 -31.83 -0.15
CA LEU B 299 -11.94 -32.39 0.62
C LEU B 299 -12.80 -33.32 -0.24
N MET B 300 -13.19 -32.82 -1.41
CA MET B 300 -14.07 -33.56 -2.33
C MET B 300 -13.41 -34.85 -2.84
N ASP B 301 -12.10 -34.77 -3.09
CA ASP B 301 -11.30 -35.94 -3.50
C ASP B 301 -11.17 -36.95 -2.35
N ASP B 302 -10.93 -36.46 -1.14
CA ASP B 302 -10.88 -37.31 0.05
C ASP B 302 -12.20 -38.03 0.32
N MET B 303 -13.31 -37.29 0.22
CA MET B 303 -14.63 -37.84 0.50
C MET B 303 -15.14 -38.80 -0.58
N TYR B 304 -14.92 -38.43 -1.85
CA TYR B 304 -15.55 -39.13 -2.97
C TYR B 304 -14.60 -39.80 -3.99
N HIS B 305 -13.29 -39.74 -3.75
CA HIS B 305 -12.29 -40.44 -4.59
C HIS B 305 -12.40 -40.07 -6.08
N MET B 306 -12.14 -38.81 -6.37
CA MET B 306 -12.34 -38.22 -7.71
C MET B 306 -11.11 -38.32 -8.62
N LYS B 307 -9.90 -38.31 -8.03
CA LYS B 307 -8.65 -38.38 -8.81
C LYS B 307 -8.52 -39.63 -9.67
N GLY B 308 -9.01 -40.76 -9.15
CA GLY B 308 -9.00 -42.03 -9.88
C GLY B 308 -10.08 -42.14 -10.93
N ASN B 309 -11.33 -41.91 -10.52
CA ASN B 309 -12.51 -42.10 -11.37
C ASN B 309 -13.05 -40.78 -11.94
N PRO B 310 -13.02 -40.64 -13.29
CA PRO B 310 -13.83 -39.59 -13.93
C PRO B 310 -15.34 -39.64 -13.61
N GLN B 311 -15.86 -40.83 -13.32
CA GLN B 311 -17.26 -40.98 -12.90
C GLN B 311 -17.53 -40.29 -11.55
N ASN B 312 -16.67 -40.55 -10.58
CA ASN B 312 -16.77 -39.91 -9.25
C ASN B 312 -16.57 -38.40 -9.36
N ALA B 313 -15.60 -37.97 -10.16
CA ALA B 313 -15.38 -36.55 -10.41
C ALA B 313 -16.61 -35.88 -10.99
N ASN B 314 -17.11 -36.44 -12.10
CA ASN B 314 -18.26 -35.86 -12.82
C ASN B 314 -19.59 -35.88 -12.04
N ASN B 315 -19.75 -36.82 -11.11
CA ASN B 315 -20.92 -36.85 -10.21
C ASN B 315 -20.85 -35.77 -9.11
N HIS B 316 -19.65 -35.28 -8.82
CA HIS B 316 -19.45 -34.18 -7.89
C HIS B 316 -18.83 -32.99 -8.62
N LEU B 317 -19.59 -32.45 -9.56
CA LEU B 317 -19.14 -31.35 -10.41
C LEU B 317 -19.09 -30.04 -9.61
N SER B 318 -17.94 -29.36 -9.66
CA SER B 318 -17.77 -28.04 -9.05
C SER B 318 -17.25 -27.05 -10.08
N TYR B 319 -17.66 -25.78 -9.96
CA TYR B 319 -17.30 -24.76 -10.93
C TYR B 319 -17.19 -23.34 -10.34
N ASN B 320 -16.14 -22.63 -10.76
CA ASN B 320 -15.74 -21.35 -10.16
C ASN B 320 -16.23 -20.18 -10.98
N GLU B 321 -16.92 -19.23 -10.32
CA GLU B 321 -17.33 -17.98 -10.95
C GLU B 321 -16.14 -17.03 -11.04
N GLY B 322 -15.85 -16.57 -12.25
CA GLY B 322 -14.80 -15.60 -12.50
C GLY B 322 -14.91 -14.92 -13.85
N TYR B 323 -14.43 -13.68 -13.92
CA TYR B 323 -14.42 -12.92 -15.16
C TYR B 323 -12.98 -12.56 -15.60
N ARG B 324 -12.02 -13.41 -15.22
CA ARG B 324 -10.60 -13.20 -15.54
C ARG B 324 -9.97 -14.46 -16.10
N SER B 325 -9.44 -14.35 -17.32
CA SER B 325 -8.93 -15.50 -18.07
C SER B 325 -7.68 -16.16 -17.48
N SER B 326 -6.95 -15.43 -16.63
CA SER B 326 -5.82 -16.00 -15.88
C SER B 326 -6.20 -17.18 -14.98
N ALA B 327 -7.48 -17.29 -14.60
CA ALA B 327 -7.99 -18.44 -13.84
C ALA B 327 -7.87 -19.78 -14.57
N ALA B 328 -7.92 -19.77 -15.90
CA ALA B 328 -7.74 -20.99 -16.70
C ALA B 328 -6.36 -21.58 -16.47
N ARG B 329 -5.33 -20.75 -16.63
CA ARG B 329 -3.93 -21.13 -16.37
C ARG B 329 -3.77 -21.72 -14.96
N MET B 330 -4.29 -21.00 -13.98
CA MET B 330 -4.24 -21.40 -12.56
C MET B 330 -4.83 -22.80 -12.35
N LEU B 331 -6.05 -23.00 -12.84
CA LEU B 331 -6.74 -24.28 -12.68
C LEU B 331 -6.04 -25.43 -13.41
N ASN B 332 -5.52 -25.16 -14.61
CA ASN B 332 -4.74 -26.17 -15.36
C ASN B 332 -3.52 -26.64 -14.58
N LYS B 333 -2.78 -25.70 -13.99
CA LYS B 333 -1.61 -26.01 -13.16
C LYS B 333 -1.95 -26.86 -11.93
N LYS B 334 -3.17 -26.69 -11.40
CA LYS B 334 -3.66 -27.44 -10.25
C LYS B 334 -4.38 -28.76 -10.59
N GLY B 335 -4.36 -29.15 -11.87
CA GLY B 335 -5.06 -30.35 -12.31
C GLY B 335 -6.58 -30.20 -12.39
N ASN B 336 -7.06 -28.97 -12.47
CA ASN B 336 -8.49 -28.66 -12.70
C ASN B 336 -9.44 -29.23 -11.63
N PRO B 337 -9.30 -28.80 -10.36
CA PRO B 337 -10.22 -29.23 -9.31
C PRO B 337 -11.64 -28.66 -9.45
N GLN B 338 -11.77 -27.52 -10.13
CA GLN B 338 -13.07 -26.96 -10.52
C GLN B 338 -13.03 -26.50 -11.98
N LEU B 339 -14.21 -26.31 -12.57
CA LEU B 339 -14.31 -25.77 -13.92
C LEU B 339 -14.02 -24.27 -13.95
N TYR B 340 -13.36 -23.83 -15.02
CA TYR B 340 -13.09 -22.42 -15.29
C TYR B 340 -14.30 -21.78 -15.97
N MET B 341 -14.70 -20.57 -15.56
CA MET B 341 -15.82 -19.89 -16.23
C MET B 341 -15.34 -19.16 -17.49
N ASP B 342 -15.83 -19.62 -18.65
CA ASP B 342 -15.45 -19.09 -19.95
C ASP B 342 -16.15 -17.76 -20.24
N TYR B 343 -15.51 -16.96 -21.11
CA TYR B 343 -15.99 -15.62 -21.49
C TYR B 343 -16.69 -15.56 -22.85
N VAL B 344 -17.15 -16.71 -23.36
CA VAL B 344 -17.90 -16.76 -24.63
C VAL B 344 -19.25 -16.04 -24.56
N GLY B 345 -19.79 -15.85 -23.36
CA GLY B 345 -20.98 -15.02 -23.16
C GLY B 345 -20.84 -13.62 -23.70
N SER B 346 -19.73 -12.95 -23.36
CA SER B 346 -19.42 -11.62 -23.87
C SER B 346 -19.26 -11.62 -25.39
N THR B 347 -18.58 -12.64 -25.91
CA THR B 347 -18.39 -12.83 -27.35
C THR B 347 -19.74 -12.96 -28.06
N LEU B 348 -20.60 -13.83 -27.52
CA LEU B 348 -21.96 -14.03 -28.04
C LEU B 348 -22.76 -12.72 -28.05
N GLY B 349 -22.64 -11.93 -26.98
CA GLY B 349 -23.30 -10.64 -26.88
C GLY B 349 -22.78 -9.61 -27.88
N ASN B 350 -21.46 -9.54 -28.05
CA ASN B 350 -20.85 -8.58 -28.96
C ASN B 350 -21.08 -8.91 -30.44
N VAL B 351 -21.17 -10.20 -30.77
CA VAL B 351 -21.35 -10.65 -32.16
C VAL B 351 -22.82 -10.75 -32.57
N LEU B 352 -23.64 -11.36 -31.70
CA LEU B 352 -25.06 -11.64 -32.01
C LEU B 352 -26.08 -10.75 -31.27
N GLY B 353 -25.72 -10.28 -30.08
CA GLY B 353 -26.65 -9.60 -29.16
C GLY B 353 -26.84 -8.10 -29.32
N ARG B 354 -25.84 -7.41 -29.86
CA ARG B 354 -25.92 -5.96 -30.10
C ARG B 354 -26.93 -5.58 -31.18
N ALA B 355 -27.37 -4.33 -31.15
CA ALA B 355 -28.27 -3.78 -32.16
C ALA B 355 -27.53 -3.43 -33.45
N ASN B 356 -26.57 -2.52 -33.34
CA ASN B 356 -26.05 -1.80 -34.54
C ASN B 356 -24.54 -1.56 -34.59
N ASN B 357 -23.73 -2.47 -34.01
CA ASN B 357 -22.26 -2.34 -34.03
C ASN B 357 -21.58 -3.66 -33.65
N ARG B 358 -21.88 -4.69 -34.44
CA ARG B 358 -21.59 -6.07 -34.08
C ARG B 358 -20.18 -6.46 -34.50
N ASP B 359 -19.51 -7.26 -33.66
CA ASP B 359 -18.23 -7.88 -34.01
C ASP B 359 -18.46 -8.91 -35.11
N THR B 360 -17.41 -9.20 -35.88
CA THR B 360 -17.51 -10.14 -37.00
C THR B 360 -17.78 -11.56 -36.51
N ILE B 361 -18.47 -12.34 -37.34
CA ILE B 361 -18.91 -13.71 -37.00
C ILE B 361 -17.75 -14.64 -36.63
N SER B 362 -16.56 -14.39 -37.20
CA SER B 362 -15.34 -15.14 -36.89
C SER B 362 -14.95 -15.13 -35.40
N ASN B 363 -15.32 -14.08 -34.67
CA ASN B 363 -15.08 -14.01 -33.21
C ASN B 363 -15.61 -15.19 -32.41
N LEU B 364 -16.65 -15.87 -32.90
CA LEU B 364 -17.19 -17.07 -32.25
C LEU B 364 -16.25 -18.27 -32.29
N VAL B 365 -15.38 -18.36 -33.30
CA VAL B 365 -14.42 -19.47 -33.38
C VAL B 365 -13.24 -19.28 -32.42
N THR B 366 -12.77 -18.03 -32.29
CA THR B 366 -11.56 -17.69 -31.53
C THR B 366 -11.82 -17.10 -30.14
N GLY B 367 -12.92 -16.37 -29.98
CA GLY B 367 -13.19 -15.61 -28.74
C GLY B 367 -13.71 -16.45 -27.60
N SER B 368 -12.84 -17.31 -27.08
CA SER B 368 -13.17 -18.26 -26.01
C SER B 368 -11.88 -18.89 -25.51
N ILE B 369 -11.93 -19.52 -24.34
CA ILE B 369 -10.77 -20.30 -23.84
C ILE B 369 -10.48 -21.52 -24.73
N VAL B 370 -11.46 -21.96 -25.51
CA VAL B 370 -11.28 -23.01 -26.52
C VAL B 370 -11.45 -22.44 -27.93
N ASN B 371 -10.43 -22.64 -28.77
CA ASN B 371 -10.53 -22.33 -30.20
C ASN B 371 -11.29 -23.47 -30.86
N ARG B 372 -12.43 -23.16 -31.46
CA ARG B 372 -13.35 -24.16 -32.03
C ARG B 372 -13.44 -24.10 -33.57
N GLN B 373 -12.40 -23.59 -34.21
CA GLN B 373 -12.31 -23.56 -35.68
C GLN B 373 -12.24 -25.00 -36.23
N ASN B 374 -11.43 -25.84 -35.58
CA ASN B 374 -11.43 -27.28 -35.85
C ASN B 374 -10.99 -28.05 -34.59
N ASP B 375 -11.94 -28.22 -33.67
CA ASP B 375 -11.71 -28.89 -32.38
C ASP B 375 -12.02 -30.38 -32.52
N VAL B 376 -10.97 -31.18 -32.70
CA VAL B 376 -11.10 -32.60 -33.00
C VAL B 376 -10.25 -33.47 -32.06
N THR B 377 -10.10 -33.02 -30.81
CA THR B 377 -9.26 -33.70 -29.81
C THR B 377 -9.99 -33.81 -28.48
N GLU B 378 -9.45 -34.62 -27.59
CA GLU B 378 -10.01 -34.85 -26.26
C GLU B 378 -8.93 -34.56 -25.21
N ASN B 379 -9.36 -34.13 -24.02
CA ASN B 379 -8.48 -33.91 -22.86
C ASN B 379 -7.38 -32.85 -23.04
N GLU B 380 -7.56 -31.91 -23.98
CA GLU B 380 -6.60 -30.84 -24.23
C GLU B 380 -7.12 -29.45 -23.82
N ALA B 381 -8.39 -29.19 -24.10
CA ALA B 381 -9.04 -27.93 -23.73
C ALA B 381 -9.17 -27.80 -22.22
N THR B 382 -9.18 -26.55 -21.74
CA THR B 382 -9.38 -26.25 -20.33
C THR B 382 -10.82 -26.62 -19.94
N PRO B 383 -11.01 -27.56 -19.00
CA PRO B 383 -12.37 -27.86 -18.52
C PRO B 383 -13.06 -26.60 -18.04
N ASN B 384 -14.21 -26.29 -18.65
CA ASN B 384 -14.87 -25.00 -18.45
C ASN B 384 -16.38 -25.08 -18.46
N TRP B 385 -17.00 -24.00 -17.97
CA TRP B 385 -18.45 -23.79 -18.08
C TRP B 385 -18.70 -22.44 -18.74
N SER B 386 -19.75 -22.38 -19.56
CA SER B 386 -20.07 -21.21 -20.36
C SER B 386 -21.55 -20.87 -20.27
N TYR B 387 -21.90 -19.65 -20.68
CA TYR B 387 -23.26 -19.13 -20.53
C TYR B 387 -23.64 -18.14 -21.62
N VAL B 388 -24.93 -18.09 -21.94
CA VAL B 388 -25.50 -17.00 -22.73
C VAL B 388 -25.88 -15.87 -21.78
N THR B 389 -26.47 -16.22 -20.64
CA THR B 389 -26.86 -15.26 -19.61
C THR B 389 -26.61 -15.85 -18.21
N ASN B 390 -26.38 -14.96 -17.24
CA ASN B 390 -26.48 -15.30 -15.82
C ASN B 390 -27.13 -14.15 -15.05
N HIS B 391 -27.41 -14.38 -13.77
CA HIS B 391 -28.09 -13.39 -12.91
C HIS B 391 -27.45 -11.99 -12.90
N ASP B 392 -26.12 -11.93 -12.91
CA ASP B 392 -25.38 -10.66 -12.96
C ASP B 392 -25.52 -9.94 -14.31
N SER B 393 -25.51 -10.70 -15.40
CA SER B 393 -25.63 -10.13 -16.75
C SER B 393 -26.97 -9.44 -16.97
N ARG B 394 -28.05 -10.10 -16.53
CA ARG B 394 -29.39 -9.50 -16.59
C ARG B 394 -29.49 -8.29 -15.67
N ALA B 395 -28.87 -8.38 -14.48
CA ALA B 395 -28.87 -7.27 -13.51
C ALA B 395 -28.19 -6.00 -14.03
N ASN B 396 -27.06 -6.17 -14.71
CA ASN B 396 -26.34 -5.03 -15.31
C ASN B 396 -27.08 -4.40 -16.49
N LEU B 397 -27.97 -5.16 -17.12
CA LEU B 397 -28.87 -4.61 -18.15
C LEU B 397 -29.96 -3.77 -17.51
N ILE B 398 -30.60 -4.31 -16.47
CA ILE B 398 -31.69 -3.62 -15.76
C ILE B 398 -31.16 -2.40 -15.00
N ASN B 399 -30.07 -2.58 -14.25
CA ASN B 399 -29.37 -1.48 -13.60
C ASN B 399 -28.56 -0.91 -14.77
N GLY B 400 -28.98 0.23 -15.29
CA GLY B 400 -28.52 0.72 -16.61
C GLY B 400 -29.73 1.29 -17.30
N LEU B 401 -30.78 0.48 -17.41
CA LEU B 401 -32.11 0.99 -17.77
C LEU B 401 -32.64 1.89 -16.64
N ILE B 402 -32.32 1.55 -15.38
CA ILE B 402 -32.60 2.41 -14.22
C ILE B 402 -32.00 3.82 -14.39
N SER B 403 -30.78 3.91 -14.89
CA SER B 403 -30.10 5.20 -15.08
C SER B 403 -30.80 6.16 -16.06
N LYS B 404 -31.69 5.65 -16.90
CA LYS B 404 -32.54 6.48 -17.76
C LYS B 404 -33.88 6.84 -17.10
N ASP B 405 -34.44 5.91 -16.31
CA ASP B 405 -35.75 6.08 -15.68
C ASP B 405 -35.72 6.97 -14.43
N HIS B 406 -34.77 6.68 -13.53
CA HIS B 406 -34.48 7.51 -12.36
C HIS B 406 -33.10 8.14 -12.59
N PRO B 407 -33.03 9.27 -13.33
CA PRO B 407 -31.81 9.69 -14.01
C PRO B 407 -30.69 10.18 -13.07
N GLY B 408 -29.68 9.33 -12.88
CA GLY B 408 -28.57 9.62 -11.96
C GLY B 408 -28.92 9.60 -10.47
N ALA B 409 -30.14 9.17 -10.14
CA ALA B 409 -30.67 9.26 -8.79
C ALA B 409 -30.32 7.99 -8.00
N TYR B 410 -30.76 7.94 -6.75
CA TYR B 410 -30.63 6.74 -5.93
C TYR B 410 -31.68 5.71 -6.34
N LYS B 411 -31.26 4.47 -6.52
CA LYS B 411 -32.13 3.38 -6.98
C LYS B 411 -33.16 2.99 -5.92
N ALA B 412 -32.69 2.78 -4.67
CA ALA B 412 -33.50 2.36 -3.52
C ALA B 412 -34.95 2.89 -3.44
N GLU B 413 -35.81 2.35 -4.32
CA GLU B 413 -37.24 2.62 -4.28
C GLU B 413 -38.08 1.59 -5.06
N TYR B 414 -38.42 1.83 -6.32
CA TYR B 414 -39.47 1.07 -7.02
C TYR B 414 -39.44 1.23 -8.55
N ALA B 415 -38.56 0.45 -9.18
CA ALA B 415 -38.33 0.47 -10.64
C ALA B 415 -38.63 -0.91 -11.27
N ASN B 416 -39.86 -1.36 -11.03
CA ASN B 416 -40.47 -2.45 -11.79
C ASN B 416 -40.92 -1.93 -13.15
N GLN B 417 -41.05 -0.61 -13.29
CA GLN B 417 -41.27 0.04 -14.58
C GLN B 417 -40.18 -0.27 -15.61
N ALA B 418 -38.94 -0.46 -15.15
CA ALA B 418 -37.83 -0.90 -16.01
C ALA B 418 -38.12 -2.28 -16.58
N TRP B 419 -38.60 -3.19 -15.74
CA TRP B 419 -38.98 -4.53 -16.18
C TRP B 419 -40.14 -4.54 -17.17
N GLN B 420 -41.17 -3.73 -16.91
CA GLN B 420 -42.27 -3.58 -17.85
C GLN B 420 -41.77 -3.09 -19.22
N GLU B 421 -40.85 -2.14 -19.22
CA GLU B 421 -40.17 -1.68 -20.44
C GLU B 421 -39.35 -2.78 -21.09
N PHE B 422 -38.60 -3.54 -20.28
CA PHE B 422 -37.79 -4.65 -20.78
C PHE B 422 -38.63 -5.75 -21.44
N TYR B 423 -39.68 -6.19 -20.74
CA TYR B 423 -40.58 -7.24 -21.28
C TYR B 423 -41.21 -6.84 -22.61
N ALA B 424 -41.63 -5.59 -22.71
CA ALA B 424 -42.15 -5.04 -23.97
C ALA B 424 -41.06 -5.01 -25.04
N ASP B 425 -39.87 -4.57 -24.66
CA ASP B 425 -38.71 -4.49 -25.58
C ASP B 425 -38.26 -5.87 -26.07
N GLN B 426 -38.28 -6.86 -25.19
CA GLN B 426 -37.92 -8.25 -25.54
C GLN B 426 -38.77 -8.83 -26.67
N LYS B 427 -40.04 -8.45 -26.73
CA LYS B 427 -40.97 -8.88 -27.80
C LYS B 427 -40.83 -8.11 -29.12
N LYS B 428 -40.11 -6.99 -29.12
CA LYS B 428 -40.00 -6.12 -30.30
C LYS B 428 -38.98 -6.65 -31.30
N THR B 429 -39.17 -6.25 -32.56
CA THR B 429 -38.21 -6.55 -33.63
C THR B 429 -36.98 -5.65 -33.46
N ASP B 430 -37.22 -4.34 -33.44
CA ASP B 430 -36.15 -3.35 -33.23
C ASP B 430 -35.99 -3.09 -31.72
N LYS B 431 -35.17 -3.93 -31.07
CA LYS B 431 -34.99 -3.87 -29.62
C LYS B 431 -34.09 -2.72 -29.21
N GLN B 432 -34.59 -1.90 -28.28
CA GLN B 432 -33.82 -0.80 -27.68
C GLN B 432 -32.74 -1.28 -26.69
N TYR B 433 -33.12 -2.22 -25.83
CA TYR B 433 -32.30 -2.61 -24.66
C TYR B 433 -31.96 -4.10 -24.63
N ALA B 434 -32.96 -4.96 -24.83
CA ALA B 434 -32.80 -6.42 -24.72
C ALA B 434 -31.88 -7.02 -25.80
N GLN B 435 -31.41 -8.23 -25.52
CA GLN B 435 -30.48 -8.93 -26.40
C GLN B 435 -31.15 -9.40 -27.69
N TYR B 436 -30.45 -9.20 -28.81
CA TYR B 436 -30.85 -9.75 -30.10
C TYR B 436 -30.38 -11.20 -30.19
N ASN B 437 -31.03 -11.99 -31.06
CA ASN B 437 -30.59 -13.35 -31.41
C ASN B 437 -30.36 -14.29 -30.21
N VAL B 438 -31.25 -14.22 -29.22
CA VAL B 438 -31.14 -15.08 -28.03
C VAL B 438 -31.14 -16.58 -28.37
N PRO B 439 -32.10 -17.04 -29.22
CA PRO B 439 -32.06 -18.46 -29.61
C PRO B 439 -30.79 -18.88 -30.34
N ALA B 440 -30.28 -18.04 -31.22
CA ALA B 440 -29.03 -18.32 -31.95
C ALA B 440 -27.82 -18.37 -31.00
N GLN B 441 -27.80 -17.49 -30.00
CA GLN B 441 -26.76 -17.53 -28.96
C GLN B 441 -26.78 -18.88 -28.22
N TYR B 442 -27.97 -19.34 -27.84
CA TYR B 442 -28.13 -20.65 -27.20
C TYR B 442 -27.80 -21.82 -28.12
N ALA B 443 -28.15 -21.70 -29.41
CA ALA B 443 -27.82 -22.72 -30.41
C ALA B 443 -26.31 -22.96 -30.50
N ILE B 444 -25.54 -21.88 -30.47
CA ILE B 444 -24.08 -21.95 -30.45
C ILE B 444 -23.59 -22.52 -29.12
N LEU B 445 -24.06 -21.96 -28.00
CA LEU B 445 -23.66 -22.42 -26.67
C LEU B 445 -23.89 -23.91 -26.48
N LEU B 446 -25.07 -24.38 -26.88
CA LEU B 446 -25.47 -25.77 -26.66
C LEU B 446 -24.84 -26.77 -27.65
N SER B 447 -24.37 -26.30 -28.80
CA SER B 447 -23.66 -27.16 -29.76
C SER B 447 -22.12 -27.16 -29.59
N ASN B 448 -21.59 -26.27 -28.74
CA ASN B 448 -20.13 -26.14 -28.58
C ASN B 448 -19.49 -27.32 -27.85
N LYS B 449 -18.34 -27.74 -28.35
CA LYS B 449 -17.54 -28.82 -27.79
C LYS B 449 -16.65 -28.28 -26.69
N ASP B 450 -16.16 -29.17 -25.83
CA ASP B 450 -15.23 -28.84 -24.74
C ASP B 450 -15.76 -27.72 -23.85
N THR B 451 -16.87 -28.01 -23.19
CA THR B 451 -17.54 -27.07 -22.29
C THR B 451 -18.70 -27.77 -21.57
N VAL B 452 -19.16 -27.16 -20.48
CA VAL B 452 -20.41 -27.52 -19.83
C VAL B 452 -21.29 -26.27 -19.89
N PRO B 453 -22.25 -26.23 -20.85
CA PRO B 453 -23.15 -25.06 -20.96
C PRO B 453 -24.05 -24.86 -19.74
N GLN B 454 -24.31 -23.59 -19.41
CA GLN B 454 -25.17 -23.22 -18.28
C GLN B 454 -26.36 -22.40 -18.80
N ILE B 455 -27.57 -22.92 -18.59
CA ILE B 455 -28.82 -22.27 -18.99
C ILE B 455 -29.28 -21.37 -17.85
N TYR B 456 -29.85 -20.22 -18.19
CA TYR B 456 -30.34 -19.24 -17.21
C TYR B 456 -31.85 -19.35 -17.03
N TYR B 457 -32.30 -19.45 -15.77
CA TYR B 457 -33.73 -19.47 -15.41
C TYR B 457 -34.55 -18.40 -16.12
N GLY B 458 -34.03 -17.17 -16.11
CA GLY B 458 -34.68 -16.02 -16.73
C GLY B 458 -34.80 -15.99 -18.25
N ASP B 459 -34.12 -16.92 -18.93
CA ASP B 459 -34.30 -17.12 -20.37
C ASP B 459 -35.39 -18.15 -20.70
N LEU B 460 -35.70 -19.04 -19.74
CA LEU B 460 -36.82 -19.98 -19.87
C LEU B 460 -38.12 -19.44 -19.30
N TYR B 461 -38.05 -18.61 -18.26
CA TYR B 461 -39.23 -18.09 -17.57
C TYR B 461 -39.16 -16.58 -17.40
N ASN B 462 -40.33 -15.93 -17.34
CA ASN B 462 -40.40 -14.52 -16.96
C ASN B 462 -40.00 -14.44 -15.48
N GLU B 463 -38.80 -13.94 -15.25
CA GLU B 463 -38.12 -14.05 -13.95
C GLU B 463 -38.73 -13.23 -12.79
N THR B 464 -39.41 -12.12 -13.11
CA THR B 464 -40.09 -11.31 -12.09
C THR B 464 -41.50 -11.78 -11.75
N ALA B 465 -42.03 -12.75 -12.50
CA ALA B 465 -43.27 -13.44 -12.12
C ALA B 465 -42.97 -14.44 -11.02
N GLN B 466 -44.02 -15.01 -10.42
CA GLN B 466 -43.85 -16.03 -9.38
C GLN B 466 -43.14 -17.23 -10.00
N TYR B 467 -42.41 -17.96 -9.16
CA TYR B 467 -41.39 -18.90 -9.63
C TYR B 467 -41.95 -20.01 -10.56
N MET B 468 -41.46 -20.00 -11.81
CA MET B 468 -41.89 -20.91 -12.89
C MET B 468 -43.37 -20.81 -13.33
N GLN B 469 -44.04 -19.71 -12.99
CA GLN B 469 -45.45 -19.52 -13.35
C GLN B 469 -45.61 -19.16 -14.82
N GLU B 470 -44.69 -18.36 -15.35
CA GLU B 470 -44.80 -17.82 -16.70
C GLU B 470 -43.57 -18.13 -17.54
N LYS B 471 -43.80 -18.77 -18.70
CA LYS B 471 -42.73 -19.10 -19.64
C LYS B 471 -42.35 -17.87 -20.44
N SER B 472 -41.06 -17.75 -20.75
CA SER B 472 -40.54 -16.68 -21.59
C SER B 472 -40.88 -16.95 -23.05
N ILE B 473 -40.84 -15.91 -23.89
CA ILE B 473 -41.02 -16.08 -25.34
C ILE B 473 -39.98 -17.04 -25.94
N TYR B 474 -38.79 -17.10 -25.34
CA TYR B 474 -37.71 -17.98 -25.81
C TYR B 474 -37.74 -19.41 -25.24
N TYR B 475 -38.76 -19.76 -24.45
CA TYR B 475 -38.85 -21.11 -23.85
C TYR B 475 -38.85 -22.21 -24.92
N ASP B 476 -39.68 -22.05 -25.95
CA ASP B 476 -39.81 -23.06 -27.01
C ASP B 476 -38.49 -23.29 -27.73
N ALA B 477 -37.85 -22.21 -28.17
CA ALA B 477 -36.59 -22.29 -28.92
C ALA B 477 -35.46 -22.92 -28.11
N ILE B 478 -35.30 -22.48 -26.87
CA ILE B 478 -34.18 -22.94 -26.02
C ILE B 478 -34.36 -24.40 -25.61
N THR B 479 -35.56 -24.78 -25.15
CA THR B 479 -35.83 -26.16 -24.74
C THR B 479 -35.78 -27.15 -25.90
N THR B 480 -36.18 -26.71 -27.10
CA THR B 480 -36.00 -27.50 -28.32
C THR B 480 -34.51 -27.81 -28.55
N LEU B 481 -33.67 -26.79 -28.42
CA LEU B 481 -32.21 -26.94 -28.55
C LEU B 481 -31.61 -27.78 -27.43
N MET B 482 -32.14 -27.65 -26.21
CA MET B 482 -31.67 -28.43 -25.06
C MET B 482 -31.91 -29.93 -25.22
N LYS B 483 -33.11 -30.31 -25.67
CA LYS B 483 -33.44 -31.72 -25.93
C LYS B 483 -32.64 -32.28 -27.11
N ALA B 484 -32.49 -31.48 -28.16
CA ALA B 484 -31.69 -31.86 -29.34
C ALA B 484 -30.22 -32.13 -28.98
N ARG B 485 -29.68 -31.33 -28.07
CA ARG B 485 -28.33 -31.53 -27.54
C ARG B 485 -28.14 -32.94 -26.96
N LYS B 486 -29.05 -33.34 -26.08
CA LYS B 486 -29.00 -34.69 -25.50
C LYS B 486 -29.07 -35.79 -26.56
N GLN B 487 -29.92 -35.58 -27.57
CA GLN B 487 -30.11 -36.56 -28.65
C GLN B 487 -28.96 -36.63 -29.66
N PHE B 488 -28.34 -35.49 -29.98
CA PHE B 488 -27.49 -35.40 -31.19
C PHE B 488 -26.04 -34.93 -31.05
N VAL B 489 -25.76 -33.94 -30.19
CA VAL B 489 -24.42 -33.30 -30.21
C VAL B 489 -23.35 -34.08 -29.43
N SER B 490 -22.35 -34.60 -30.16
CA SER B 490 -21.22 -35.35 -29.55
C SER B 490 -19.95 -35.66 -30.36
N GLY B 491 -19.70 -35.01 -31.49
CA GLY B 491 -18.48 -35.32 -32.26
C GLY B 491 -17.39 -34.32 -32.01
N GLY B 492 -16.38 -34.34 -32.89
CA GLY B 492 -15.50 -33.19 -33.09
C GLY B 492 -16.28 -32.01 -33.65
N GLN B 493 -15.78 -30.81 -33.39
CA GLN B 493 -16.42 -29.58 -33.86
C GLN B 493 -15.58 -28.87 -34.90
N THR B 494 -16.25 -28.35 -35.93
CA THR B 494 -15.65 -27.49 -36.94
C THR B 494 -16.57 -26.30 -37.17
N MET B 495 -16.02 -25.09 -37.02
CA MET B 495 -16.75 -23.85 -37.26
C MET B 495 -16.18 -23.18 -38.52
N THR B 496 -16.97 -23.17 -39.58
CA THR B 496 -16.55 -22.69 -40.90
C THR B 496 -17.25 -21.38 -41.27
N LYS B 497 -16.44 -20.35 -41.53
CA LYS B 497 -16.92 -19.06 -42.02
C LYS B 497 -17.39 -19.20 -43.47
N LEU B 498 -18.51 -18.56 -43.81
CA LEU B 498 -19.12 -18.71 -45.14
C LEU B 498 -19.21 -17.42 -45.96
N SER B 499 -19.55 -16.29 -45.33
CA SER B 499 -19.75 -15.02 -46.03
C SER B 499 -19.62 -13.79 -45.10
N ASP B 500 -18.58 -13.76 -44.26
CA ASP B 500 -18.29 -12.63 -43.34
C ASP B 500 -19.28 -12.48 -42.19
N ASN B 501 -20.57 -12.63 -42.50
CA ASN B 501 -21.64 -12.68 -41.50
C ASN B 501 -22.30 -14.03 -41.18
N LEU B 502 -21.91 -15.10 -41.86
CA LEU B 502 -22.56 -16.41 -41.71
C LEU B 502 -21.50 -17.43 -41.32
N ILE B 503 -21.82 -18.29 -40.36
CA ILE B 503 -20.91 -19.35 -39.92
C ILE B 503 -21.67 -20.67 -39.69
N ALA B 504 -21.13 -21.77 -40.22
CA ALA B 504 -21.67 -23.10 -39.96
C ALA B 504 -20.86 -23.74 -38.83
N SER B 505 -21.53 -24.16 -37.77
CA SER B 505 -20.90 -24.89 -36.66
C SER B 505 -21.40 -26.33 -36.69
N VAL B 506 -20.49 -27.27 -36.97
CA VAL B 506 -20.85 -28.68 -37.18
C VAL B 506 -20.26 -29.56 -36.06
N ARG B 507 -21.10 -30.43 -35.49
CA ARG B 507 -20.65 -31.52 -34.64
C ARG B 507 -20.85 -32.84 -35.40
N TYR B 508 -19.83 -33.69 -35.40
CA TYR B 508 -19.79 -34.88 -36.25
C TYR B 508 -20.47 -36.14 -35.68
N GLY B 509 -20.93 -36.10 -34.44
CA GLY B 509 -21.62 -37.22 -33.80
C GLY B 509 -20.76 -38.10 -32.90
N LYS B 510 -21.41 -38.83 -32.00
CA LYS B 510 -20.71 -39.68 -31.02
C LYS B 510 -19.82 -40.71 -31.73
N GLY B 511 -18.53 -40.70 -31.39
CA GLY B 511 -17.55 -41.60 -32.00
C GLY B 511 -17.02 -41.13 -33.35
N VAL B 512 -17.28 -39.88 -33.72
CA VAL B 512 -16.76 -39.30 -34.97
C VAL B 512 -15.87 -38.12 -34.58
N THR B 513 -14.56 -38.34 -34.63
CA THR B 513 -13.58 -37.36 -34.13
C THR B 513 -13.38 -36.16 -35.04
N ASN B 514 -13.42 -36.38 -36.35
CA ASN B 514 -13.27 -35.29 -37.35
C ASN B 514 -14.04 -35.58 -38.64
N ALA B 515 -13.97 -34.65 -39.60
CA ALA B 515 -14.70 -34.75 -40.87
C ALA B 515 -14.39 -35.97 -41.73
N ASN B 516 -13.20 -36.57 -41.57
CA ASN B 516 -12.78 -37.75 -42.35
C ASN B 516 -12.99 -39.09 -41.64
N SER B 517 -13.46 -39.08 -40.39
CA SER B 517 -13.53 -40.30 -39.57
C SER B 517 -14.69 -41.21 -39.96
N GLU B 518 -14.47 -42.51 -39.81
CA GLU B 518 -15.55 -43.49 -39.75
C GLU B 518 -16.10 -43.47 -38.33
N GLY B 519 -17.37 -43.84 -38.17
CA GLY B 519 -17.97 -43.95 -36.84
C GLY B 519 -17.43 -45.14 -36.07
N THR B 520 -17.30 -44.98 -34.75
CA THR B 520 -16.96 -46.09 -33.84
C THR B 520 -18.16 -46.56 -33.02
N ASP B 521 -19.11 -45.66 -32.73
CA ASP B 521 -20.32 -45.98 -31.98
C ASP B 521 -21.48 -46.28 -32.94
N SER B 522 -22.41 -47.13 -32.50
CA SER B 522 -23.61 -47.45 -33.28
C SER B 522 -24.44 -46.22 -33.64
N LEU B 523 -24.44 -45.21 -32.77
CA LEU B 523 -25.16 -43.95 -33.01
C LEU B 523 -24.38 -42.93 -33.87
N SER B 524 -23.11 -43.22 -34.21
CA SER B 524 -22.28 -42.35 -35.05
C SER B 524 -22.98 -41.91 -36.34
N ARG B 525 -23.69 -42.85 -36.98
CA ARG B 525 -24.43 -42.55 -38.21
C ARG B 525 -25.58 -41.58 -37.99
N THR B 526 -26.35 -41.79 -36.91
CA THR B 526 -27.56 -40.99 -36.64
C THR B 526 -27.36 -39.85 -35.63
N SER B 527 -26.12 -39.42 -35.39
CA SER B 527 -25.83 -38.30 -34.47
C SER B 527 -25.03 -37.19 -35.14
N GLY B 528 -24.90 -36.07 -34.44
CA GLY B 528 -24.25 -34.86 -34.96
C GLY B 528 -25.27 -33.78 -35.23
N MET B 529 -24.78 -32.57 -35.52
CA MET B 529 -25.63 -31.40 -35.73
C MET B 529 -24.92 -30.36 -36.59
N ALA B 530 -25.70 -29.59 -37.35
CA ALA B 530 -25.22 -28.40 -38.05
C ALA B 530 -26.02 -27.21 -37.56
N VAL B 531 -25.32 -26.21 -37.04
CA VAL B 531 -25.92 -24.95 -36.57
C VAL B 531 -25.46 -23.84 -37.50
N ILE B 532 -26.42 -23.17 -38.15
CA ILE B 532 -26.16 -22.10 -39.11
C ILE B 532 -26.58 -20.79 -38.45
N VAL B 533 -25.64 -19.85 -38.32
CA VAL B 533 -25.89 -18.57 -37.64
C VAL B 533 -25.34 -17.40 -38.46
N GLY B 534 -26.24 -16.46 -38.79
CA GLY B 534 -25.88 -15.19 -39.41
C GLY B 534 -26.27 -14.02 -38.52
N ASN B 535 -25.51 -12.92 -38.61
CA ASN B 535 -25.79 -11.71 -37.79
C ASN B 535 -26.01 -10.44 -38.63
N ASN B 536 -26.29 -10.60 -39.93
CA ASN B 536 -26.63 -9.49 -40.81
C ASN B 536 -28.08 -9.66 -41.25
N PRO B 537 -29.01 -8.83 -40.71
CA PRO B 537 -30.43 -8.92 -41.09
C PRO B 537 -30.75 -8.59 -42.57
N GLN B 538 -29.83 -7.92 -43.27
CA GLN B 538 -30.00 -7.59 -44.69
C GLN B 538 -29.11 -8.45 -45.60
N MET B 539 -28.77 -9.65 -45.13
CA MET B 539 -27.95 -10.60 -45.88
C MET B 539 -28.68 -11.10 -47.12
N ALA B 540 -27.98 -11.08 -48.26
CA ALA B 540 -28.53 -11.54 -49.53
C ALA B 540 -28.88 -13.02 -49.49
N GLU B 541 -29.99 -13.38 -50.13
CA GLU B 541 -30.44 -14.77 -50.19
C GLU B 541 -29.50 -15.58 -51.08
N GLN B 542 -28.98 -16.67 -50.53
CA GLN B 542 -27.98 -17.50 -51.21
C GLN B 542 -28.07 -18.97 -50.77
N THR B 543 -27.36 -19.82 -51.50
CA THR B 543 -27.24 -21.24 -51.15
C THR B 543 -25.84 -21.50 -50.58
N ILE B 544 -25.75 -22.42 -49.62
CA ILE B 544 -24.50 -22.72 -48.90
C ILE B 544 -24.28 -24.22 -48.79
N SER B 545 -23.01 -24.62 -48.72
CA SER B 545 -22.62 -26.04 -48.60
C SER B 545 -21.98 -26.28 -47.23
N ILE B 546 -22.57 -27.19 -46.46
CA ILE B 546 -22.11 -27.50 -45.10
C ILE B 546 -21.56 -28.93 -45.09
N ASN B 547 -20.31 -29.09 -44.65
CA ASN B 547 -19.68 -30.41 -44.56
C ASN B 547 -20.10 -31.11 -43.27
N MET B 548 -20.98 -32.11 -43.41
CA MET B 548 -21.45 -32.90 -42.27
C MET B 548 -20.47 -34.00 -41.87
N GLY B 549 -19.47 -34.27 -42.71
CA GLY B 549 -18.47 -35.30 -42.45
C GLY B 549 -18.69 -36.52 -43.32
N ARG B 550 -17.61 -37.24 -43.62
CA ARG B 550 -17.66 -38.41 -44.51
C ARG B 550 -18.47 -39.58 -43.93
N ALA B 551 -18.63 -39.62 -42.61
CA ALA B 551 -19.53 -40.58 -41.95
C ALA B 551 -21.02 -40.35 -42.24
N HIS B 552 -21.38 -39.17 -42.77
CA HIS B 552 -22.78 -38.82 -43.05
C HIS B 552 -23.08 -38.61 -44.55
N ALA B 553 -22.53 -39.48 -45.39
CA ALA B 553 -22.79 -39.44 -46.83
C ALA B 553 -24.17 -40.02 -47.13
N ASN B 554 -24.88 -39.42 -48.09
CA ASN B 554 -26.18 -39.91 -48.55
C ASN B 554 -27.16 -40.13 -47.39
N GLU B 555 -27.25 -39.14 -46.51
CA GLU B 555 -28.07 -39.22 -45.31
C GLU B 555 -29.13 -38.12 -45.26
N GLN B 556 -30.33 -38.49 -44.81
CA GLN B 556 -31.44 -37.56 -44.67
C GLN B 556 -31.33 -36.80 -43.35
N TYR B 557 -31.53 -35.48 -43.41
CA TYR B 557 -31.44 -34.59 -42.25
C TYR B 557 -32.75 -33.83 -42.05
N ARG B 558 -33.19 -33.74 -40.79
CA ARG B 558 -34.44 -33.05 -40.44
C ARG B 558 -34.17 -31.57 -40.16
N ASN B 559 -35.05 -30.72 -40.68
CA ASN B 559 -35.03 -29.29 -40.35
C ASN B 559 -35.58 -29.11 -38.92
N LEU B 560 -34.67 -29.10 -37.96
CA LEU B 560 -35.03 -28.96 -36.54
C LEU B 560 -35.59 -27.58 -36.25
N LEU B 561 -34.86 -26.55 -36.67
CA LEU B 561 -35.26 -25.17 -36.48
C LEU B 561 -34.84 -24.34 -37.69
N ASP B 562 -35.73 -23.47 -38.16
CA ASP B 562 -35.44 -22.53 -39.24
C ASP B 562 -36.15 -21.20 -38.98
N THR B 563 -35.74 -20.17 -39.71
CA THR B 563 -36.26 -18.81 -39.53
C THR B 563 -37.35 -18.48 -40.55
N THR B 564 -38.36 -17.74 -40.09
CA THR B 564 -39.50 -17.31 -40.89
C THR B 564 -39.52 -15.78 -40.94
N ASP B 565 -40.56 -15.21 -41.53
CA ASP B 565 -40.74 -13.75 -41.55
C ASP B 565 -41.02 -13.18 -40.16
N ASN B 566 -41.89 -13.87 -39.39
CA ASN B 566 -42.33 -13.39 -38.07
C ASN B 566 -41.58 -13.99 -36.88
N GLY B 567 -40.90 -15.13 -37.09
CA GLY B 567 -40.18 -15.78 -35.99
C GLY B 567 -39.44 -17.05 -36.40
N LEU B 568 -39.69 -18.14 -35.68
CA LEU B 568 -39.06 -19.43 -35.92
C LEU B 568 -40.10 -20.51 -36.20
N THR B 569 -39.70 -21.56 -36.89
CA THR B 569 -40.55 -22.73 -37.15
C THR B 569 -39.83 -24.02 -36.76
N TYR B 570 -40.61 -25.00 -36.29
CA TYR B 570 -40.09 -26.31 -35.85
C TYR B 570 -40.56 -27.46 -36.75
N ASN B 571 -41.26 -27.13 -37.84
CA ASN B 571 -41.63 -28.10 -38.87
C ASN B 571 -41.53 -27.48 -40.29
N ALA B 572 -40.52 -26.61 -40.47
CA ALA B 572 -40.17 -26.02 -41.77
C ALA B 572 -41.30 -25.23 -42.47
N ASP B 573 -42.24 -24.67 -41.69
CA ASP B 573 -43.38 -23.95 -42.23
C ASP B 573 -43.00 -22.47 -42.27
N GLY B 574 -42.91 -21.90 -43.47
CA GLY B 574 -42.55 -20.48 -43.65
C GLY B 574 -41.07 -20.20 -43.84
N ALA B 575 -40.26 -21.26 -43.86
CA ALA B 575 -38.81 -21.15 -44.07
C ALA B 575 -38.43 -21.22 -45.56
N GLU B 576 -37.13 -21.06 -45.82
CA GLU B 576 -36.55 -21.21 -47.17
C GLU B 576 -36.19 -22.66 -47.50
N ASN B 577 -36.40 -23.59 -46.55
CA ASN B 577 -36.01 -24.98 -46.69
C ASN B 577 -37.14 -25.92 -46.32
N PRO B 578 -37.17 -27.14 -46.91
CA PRO B 578 -38.20 -28.12 -46.58
C PRO B 578 -37.92 -28.84 -45.26
N GLU B 579 -38.81 -29.76 -44.91
CA GLU B 579 -38.69 -30.56 -43.67
C GLU B 579 -37.44 -31.44 -43.64
N THR B 580 -37.05 -31.97 -44.80
CA THR B 580 -35.88 -32.85 -44.92
C THR B 580 -35.01 -32.49 -46.11
N LEU B 581 -33.69 -32.51 -45.90
CA LEU B 581 -32.71 -32.43 -46.97
C LEU B 581 -31.73 -33.58 -46.82
N THR B 582 -31.14 -34.01 -47.94
CA THR B 582 -30.28 -35.18 -47.98
C THR B 582 -28.88 -34.78 -48.45
N THR B 583 -27.85 -35.33 -47.79
CA THR B 583 -26.46 -35.00 -48.12
C THR B 583 -26.04 -35.69 -49.42
N ASP B 584 -25.04 -35.13 -50.09
CA ASP B 584 -24.47 -35.75 -51.29
C ASP B 584 -23.56 -36.93 -50.92
N ASP B 585 -22.88 -37.50 -51.93
CA ASP B 585 -22.01 -38.67 -51.74
C ASP B 585 -20.79 -38.43 -50.82
N ASN B 586 -20.40 -37.17 -50.63
CA ASN B 586 -19.30 -36.81 -49.70
C ASN B 586 -19.77 -36.30 -48.32
N GLY B 587 -21.09 -36.22 -48.11
CA GLY B 587 -21.66 -35.74 -46.86
C GLY B 587 -21.80 -34.23 -46.74
N ILE B 588 -21.90 -33.55 -47.89
CA ILE B 588 -22.13 -32.10 -47.92
C ILE B 588 -23.65 -31.86 -47.98
N LEU B 589 -24.14 -30.95 -47.15
CA LEU B 589 -25.55 -30.56 -47.13
C LEU B 589 -25.70 -29.18 -47.77
N LYS B 590 -26.55 -29.09 -48.80
CA LYS B 590 -26.82 -27.82 -49.50
C LYS B 590 -28.08 -27.16 -48.93
N VAL B 591 -27.94 -25.94 -48.41
CA VAL B 591 -29.01 -25.24 -47.67
C VAL B 591 -29.17 -23.80 -48.16
N THR B 592 -30.41 -23.30 -48.14
CA THR B 592 -30.74 -21.93 -48.56
C THR B 592 -30.86 -21.04 -47.31
N VAL B 593 -30.27 -19.86 -47.38
CA VAL B 593 -30.19 -18.93 -46.26
C VAL B 593 -30.39 -17.49 -46.73
N LYS B 594 -30.88 -16.63 -45.83
CA LYS B 594 -30.98 -15.19 -46.08
C LYS B 594 -31.10 -14.40 -44.77
N GLY B 595 -31.02 -13.08 -44.87
CA GLY B 595 -31.22 -12.20 -43.71
C GLY B 595 -32.69 -12.13 -43.31
N TYR B 596 -32.94 -12.11 -42.01
CA TYR B 596 -34.29 -11.93 -41.45
C TYR B 596 -34.26 -10.86 -40.37
N SER B 597 -35.43 -10.30 -40.08
CA SER B 597 -35.60 -9.29 -39.04
C SER B 597 -36.93 -9.51 -38.32
N ASN B 598 -36.87 -10.14 -37.15
CA ASN B 598 -38.05 -10.40 -36.31
C ASN B 598 -37.60 -10.45 -34.83
N PRO B 599 -38.56 -10.60 -33.88
CA PRO B 599 -38.17 -10.60 -32.46
C PRO B 599 -37.18 -11.70 -32.03
N TYR B 600 -37.16 -12.82 -32.74
CA TYR B 600 -36.31 -13.97 -32.39
C TYR B 600 -34.97 -14.00 -33.13
N VAL B 601 -34.96 -13.52 -34.39
CA VAL B 601 -33.77 -13.57 -35.24
C VAL B 601 -33.54 -12.23 -35.97
N SER B 602 -32.28 -11.81 -35.94
CA SER B 602 -31.81 -10.60 -36.60
C SER B 602 -30.53 -11.02 -37.35
N GLY B 603 -30.76 -11.58 -38.53
CA GLY B 603 -29.75 -12.34 -39.27
C GLY B 603 -30.37 -13.66 -39.70
N TYR B 604 -29.82 -14.78 -39.24
CA TYR B 604 -30.34 -16.11 -39.58
C TYR B 604 -30.03 -17.12 -38.47
N LEU B 605 -30.95 -18.08 -38.29
CA LEU B 605 -30.73 -19.24 -37.44
C LEU B 605 -31.32 -20.48 -38.11
N GLY B 606 -30.49 -21.50 -38.29
CA GLY B 606 -30.92 -22.78 -38.86
C GLY B 606 -30.22 -23.93 -38.15
N VAL B 607 -30.96 -25.00 -37.85
CA VAL B 607 -30.41 -26.17 -37.17
C VAL B 607 -30.87 -27.44 -37.87
N TRP B 608 -29.91 -28.32 -38.20
CA TRP B 608 -30.18 -29.59 -38.88
C TRP B 608 -29.64 -30.75 -38.05
N VAL B 609 -30.44 -31.81 -37.92
CA VAL B 609 -30.03 -33.04 -37.22
C VAL B 609 -30.46 -34.27 -38.04
N PRO B 610 -29.75 -35.40 -37.87
CA PRO B 610 -30.15 -36.63 -38.60
C PRO B 610 -31.59 -37.08 -38.32
N VAL B 611 -32.23 -37.65 -39.34
CA VAL B 611 -33.53 -38.27 -39.18
C VAL B 611 -33.34 -39.56 -38.38
N VAL B 612 -34.15 -39.74 -37.34
CA VAL B 612 -34.01 -40.86 -36.41
C VAL B 612 -35.33 -41.61 -36.20
N SER B 613 -35.22 -42.88 -35.82
CA SER B 613 -36.39 -43.74 -35.63
C SER B 613 -37.17 -43.46 -34.33
N GLY B 614 -36.54 -42.79 -33.37
CA GLY B 614 -37.22 -42.45 -32.13
C GLY B 614 -36.31 -41.78 -31.12
N ASN B 615 -36.33 -42.27 -29.88
CA ASN B 615 -35.55 -41.69 -28.79
C ASN B 615 -34.09 -42.12 -28.87
N GLN B 616 -33.20 -41.14 -28.78
CA GLN B 616 -31.76 -41.34 -28.86
C GLN B 616 -31.08 -40.56 -27.73
N ASP B 617 -29.92 -41.03 -27.30
CA ASP B 617 -29.15 -40.37 -26.24
C ASP B 617 -27.66 -40.59 -26.47
N VAL B 618 -26.97 -39.53 -26.88
CA VAL B 618 -25.52 -39.58 -27.18
C VAL B 618 -24.62 -39.22 -25.99
N THR B 619 -25.17 -39.17 -24.77
CA THR B 619 -24.36 -38.91 -23.59
C THR B 619 -23.30 -40.02 -23.45
N THR B 620 -22.06 -39.62 -23.21
CA THR B 620 -20.95 -40.55 -23.03
C THR B 620 -20.76 -40.76 -21.54
N ASN B 621 -20.70 -42.03 -21.14
CA ASN B 621 -20.50 -42.38 -19.73
C ASN B 621 -19.02 -42.19 -19.38
N ALA B 622 -18.78 -41.65 -18.19
CA ALA B 622 -17.41 -41.39 -17.72
C ALA B 622 -16.70 -42.70 -17.42
N ALA B 623 -15.38 -42.69 -17.60
CA ALA B 623 -14.53 -43.83 -17.26
C ALA B 623 -14.42 -43.97 -15.73
N THR B 624 -14.15 -45.18 -15.28
CA THR B 624 -13.86 -45.46 -13.87
C THR B 624 -12.35 -45.54 -13.60
N VAL B 625 -11.54 -45.26 -14.63
CA VAL B 625 -10.11 -44.99 -14.48
C VAL B 625 -9.73 -43.80 -15.37
N SER B 626 -8.89 -42.91 -14.84
CA SER B 626 -8.55 -41.66 -15.52
C SER B 626 -7.50 -41.85 -16.60
N ALA B 627 -7.49 -40.94 -17.58
CA ALA B 627 -6.45 -40.89 -18.60
C ALA B 627 -5.15 -40.31 -18.03
N ASP B 628 -5.29 -39.26 -17.22
CA ASP B 628 -4.20 -38.61 -16.50
C ASP B 628 -4.64 -38.60 -15.04
N SER B 629 -4.10 -39.49 -14.22
CA SER B 629 -4.45 -39.65 -12.80
C SER B 629 -4.28 -38.39 -11.90
N ASN B 630 -3.39 -37.49 -12.29
CA ASN B 630 -3.22 -36.21 -11.59
C ASN B 630 -4.35 -35.18 -11.84
N LYS B 631 -5.14 -35.38 -12.89
CA LYS B 631 -6.27 -34.48 -13.21
C LYS B 631 -7.54 -34.87 -12.45
N ILE B 632 -8.33 -33.85 -12.07
CA ILE B 632 -9.65 -34.07 -11.47
C ILE B 632 -10.67 -34.03 -12.61
N PHE B 633 -10.76 -32.89 -13.28
CA PHE B 633 -11.65 -32.72 -14.44
C PHE B 633 -10.86 -32.70 -15.74
N GLU B 634 -11.40 -33.35 -16.76
CA GLU B 634 -10.79 -33.45 -18.08
C GLU B 634 -11.86 -33.11 -19.11
N SER B 635 -11.53 -32.23 -20.05
CA SER B 635 -12.49 -31.79 -21.08
C SER B 635 -12.61 -32.85 -22.17
N ASN B 636 -13.64 -33.69 -22.05
CA ASN B 636 -13.89 -34.80 -22.99
C ASN B 636 -15.40 -34.99 -23.21
N ALA B 637 -15.76 -35.98 -24.03
CA ALA B 637 -17.17 -36.29 -24.33
C ALA B 637 -18.04 -36.55 -23.10
N ALA B 638 -17.46 -37.14 -22.06
CA ALA B 638 -18.17 -37.43 -20.81
C ALA B 638 -18.50 -36.17 -20.00
N LEU B 639 -17.56 -35.23 -19.93
CA LEU B 639 -17.83 -33.93 -19.31
C LEU B 639 -18.77 -33.10 -20.17
N ASP B 640 -18.58 -33.14 -21.50
CA ASP B 640 -19.44 -32.43 -22.45
C ASP B 640 -20.91 -32.88 -22.44
N SER B 641 -21.18 -34.10 -21.98
CA SER B 641 -22.56 -34.56 -21.80
C SER B 641 -23.30 -33.86 -20.63
N HIS B 642 -22.57 -33.21 -19.73
CA HIS B 642 -23.19 -32.44 -18.63
C HIS B 642 -23.76 -31.11 -19.11
N MET B 643 -24.65 -30.54 -18.30
CA MET B 643 -25.36 -29.30 -18.60
C MET B 643 -25.88 -28.69 -17.31
N ILE B 644 -25.47 -27.44 -17.05
CA ILE B 644 -25.82 -26.74 -15.81
C ILE B 644 -27.09 -25.91 -16.02
N TYR B 645 -27.89 -25.78 -14.96
CA TYR B 645 -29.06 -24.90 -14.96
C TYR B 645 -29.00 -23.99 -13.74
N GLN B 646 -28.91 -22.68 -13.99
CA GLN B 646 -29.02 -21.68 -12.94
C GLN B 646 -30.49 -21.51 -12.59
N ASP B 647 -30.86 -21.80 -11.35
CA ASP B 647 -32.27 -21.87 -10.95
C ASP B 647 -32.90 -20.54 -10.54
N PHE B 648 -32.12 -19.47 -10.44
CA PHE B 648 -32.60 -18.21 -9.84
C PHE B 648 -32.27 -16.96 -10.63
N SER B 649 -32.91 -15.87 -10.23
CA SER B 649 -32.57 -14.51 -10.65
C SER B 649 -32.54 -13.61 -9.42
N LEU B 650 -31.80 -12.51 -9.52
CA LEU B 650 -31.81 -11.47 -8.50
C LEU B 650 -33.17 -10.80 -8.39
N TYR B 651 -33.89 -10.71 -9.52
CA TYR B 651 -35.22 -10.12 -9.56
C TYR B 651 -36.37 -11.11 -9.38
N GLN B 652 -36.08 -12.28 -8.82
CA GLN B 652 -37.12 -13.24 -8.43
C GLN B 652 -37.96 -12.62 -7.31
N PRO B 653 -39.30 -12.83 -7.32
CA PRO B 653 -40.10 -12.29 -6.21
C PRO B 653 -39.99 -13.08 -4.92
N GLU B 654 -40.54 -12.50 -3.85
CA GLU B 654 -40.78 -13.24 -2.61
C GLU B 654 -42.00 -14.12 -2.87
N PRO B 655 -42.07 -15.32 -2.26
CA PRO B 655 -43.22 -16.19 -2.50
C PRO B 655 -44.46 -15.72 -1.73
N THR B 656 -45.61 -15.71 -2.41
CA THR B 656 -46.88 -15.28 -1.82
C THR B 656 -47.55 -16.39 -0.99
N SER B 657 -47.16 -17.64 -1.25
CA SER B 657 -47.68 -18.81 -0.53
C SER B 657 -46.58 -19.83 -0.32
N THR B 658 -46.88 -20.86 0.48
CA THR B 658 -45.96 -22.00 0.64
C THR B 658 -45.78 -22.76 -0.68
N GLU B 659 -46.85 -22.82 -1.48
CA GLU B 659 -46.83 -23.54 -2.76
C GLU B 659 -45.95 -22.83 -3.80
N ASN B 660 -45.80 -21.51 -3.66
CA ASN B 660 -44.92 -20.70 -4.52
C ASN B 660 -43.45 -20.66 -4.06
N HIS B 661 -43.12 -21.29 -2.92
CA HIS B 661 -41.72 -21.48 -2.51
C HIS B 661 -40.95 -22.17 -3.64
N ALA B 662 -39.84 -21.57 -4.05
CA ALA B 662 -39.04 -22.10 -5.17
C ALA B 662 -38.65 -23.57 -4.98
N TYR B 663 -38.31 -23.95 -3.75
CA TYR B 663 -37.95 -25.34 -3.43
C TYR B 663 -39.10 -26.33 -3.67
N ASN B 664 -40.31 -25.91 -3.35
CA ASN B 664 -41.49 -26.75 -3.60
C ASN B 664 -41.80 -26.86 -5.09
N THR B 665 -41.67 -25.75 -5.82
CA THR B 665 -41.88 -25.77 -7.27
C THR B 665 -40.86 -26.67 -7.99
N ILE B 666 -39.60 -26.63 -7.60
CA ILE B 666 -38.57 -27.52 -8.20
C ILE B 666 -38.63 -28.97 -7.71
N ALA B 667 -39.27 -29.23 -6.56
CA ALA B 667 -39.61 -30.60 -6.16
C ALA B 667 -40.70 -31.16 -7.07
N GLN B 668 -41.70 -30.32 -7.37
CA GLN B 668 -42.80 -30.69 -8.26
C GLN B 668 -42.34 -30.95 -9.70
N ASN B 669 -41.41 -30.13 -10.19
CA ASN B 669 -40.95 -30.19 -11.60
C ASN B 669 -39.62 -30.94 -11.80
N ALA B 670 -39.22 -31.77 -10.85
CA ALA B 670 -37.93 -32.50 -10.92
C ALA B 670 -37.74 -33.25 -12.25
N GLU B 671 -38.77 -33.97 -12.68
CA GLU B 671 -38.73 -34.74 -13.93
C GLU B 671 -38.70 -33.88 -15.19
N LEU B 672 -39.29 -32.68 -15.15
CA LEU B 672 -39.20 -31.73 -16.26
C LEU B 672 -37.76 -31.37 -16.56
N PHE B 673 -36.98 -31.05 -15.52
CA PHE B 673 -35.58 -30.67 -15.68
C PHE B 673 -34.79 -31.81 -16.34
N ASN B 674 -35.03 -33.03 -15.89
CA ASN B 674 -34.45 -34.24 -16.50
C ASN B 674 -34.88 -34.40 -17.96
N ASN B 675 -36.19 -34.21 -18.22
CA ASN B 675 -36.75 -34.28 -19.58
C ASN B 675 -36.10 -33.26 -20.54
N LEU B 676 -35.71 -32.11 -20.00
CA LEU B 676 -35.00 -31.07 -20.76
C LEU B 676 -33.50 -31.33 -20.96
N GLY B 677 -32.97 -32.43 -20.39
CA GLY B 677 -31.56 -32.78 -20.50
C GLY B 677 -30.64 -32.10 -19.49
N ILE B 678 -31.21 -31.39 -18.52
CA ILE B 678 -30.43 -30.79 -17.44
C ILE B 678 -29.99 -31.92 -16.53
N THR B 679 -28.69 -31.96 -16.23
CA THR B 679 -28.14 -32.95 -15.29
C THR B 679 -27.43 -32.34 -14.06
N ASP B 680 -27.17 -31.03 -14.08
CA ASP B 680 -26.46 -30.35 -12.99
C ASP B 680 -27.21 -29.10 -12.57
N PHE B 681 -27.79 -29.13 -11.37
CA PHE B 681 -28.69 -28.09 -10.90
C PHE B 681 -27.95 -27.09 -9.99
N TRP B 682 -27.76 -25.87 -10.47
CA TRP B 682 -27.15 -24.80 -9.68
C TRP B 682 -28.24 -24.14 -8.86
N MET B 683 -28.21 -24.34 -7.54
CA MET B 683 -29.16 -23.71 -6.63
C MET B 683 -28.61 -22.43 -6.03
N ALA B 684 -29.50 -21.44 -5.84
CA ALA B 684 -29.14 -20.14 -5.30
C ALA B 684 -28.54 -20.26 -3.91
N PRO B 685 -27.75 -19.26 -3.47
CA PRO B 685 -27.25 -19.33 -2.10
C PRO B 685 -28.44 -19.43 -1.12
N PRO B 686 -28.54 -20.54 -0.36
CA PRO B 686 -29.72 -20.77 0.47
C PRO B 686 -29.64 -20.18 1.88
N TYR B 687 -28.71 -19.27 2.13
CA TYR B 687 -28.34 -18.86 3.49
C TYR B 687 -29.28 -17.75 3.97
N THR B 688 -29.30 -17.54 5.28
CA THR B 688 -30.10 -16.46 5.87
C THR B 688 -29.52 -15.11 5.48
N GLN B 689 -30.41 -14.18 5.15
CA GLN B 689 -30.08 -12.92 4.51
C GLN B 689 -30.11 -11.72 5.42
N TYR B 690 -29.37 -10.69 5.00
CA TYR B 690 -29.45 -9.37 5.63
C TYR B 690 -30.84 -8.81 5.30
N SER B 691 -31.59 -8.45 6.35
CA SER B 691 -33.00 -8.06 6.22
C SER B 691 -33.24 -6.88 5.28
N GLU B 692 -32.29 -5.95 5.22
CA GLU B 692 -32.40 -4.76 4.37
C GLU B 692 -31.58 -4.85 3.08
N SER B 693 -31.23 -6.07 2.65
CA SER B 693 -30.55 -6.28 1.37
C SER B 693 -31.53 -6.01 0.22
N ARG B 694 -31.00 -5.54 -0.90
CA ARG B 694 -31.83 -5.02 -2.00
C ARG B 694 -32.66 -6.09 -2.70
N TYR B 695 -32.03 -7.22 -3.00
CA TYR B 695 -32.67 -8.30 -3.76
C TYR B 695 -33.10 -9.53 -2.94
N ASN B 696 -32.63 -9.64 -1.69
CA ASN B 696 -32.91 -10.80 -0.82
C ASN B 696 -32.37 -12.10 -1.44
N ASP B 697 -31.28 -11.99 -2.20
CA ASP B 697 -30.86 -13.03 -3.15
C ASP B 697 -30.08 -14.20 -2.58
N GLY B 698 -29.43 -14.00 -1.43
CA GLY B 698 -28.58 -15.04 -0.83
C GLY B 698 -27.13 -14.65 -0.61
N TYR B 699 -26.65 -13.65 -1.35
CA TYR B 699 -25.25 -13.22 -1.31
C TYR B 699 -24.92 -12.33 -0.11
N SER B 700 -25.89 -11.52 0.34
CA SER B 700 -25.74 -10.71 1.55
C SER B 700 -26.05 -11.57 2.79
N VAL B 701 -25.05 -12.33 3.24
CA VAL B 701 -25.24 -13.41 4.22
C VAL B 701 -25.14 -12.95 5.68
N THR B 702 -26.08 -13.42 6.50
CA THR B 702 -26.06 -13.25 7.96
C THR B 702 -25.67 -14.55 8.68
N ASP B 703 -26.23 -15.67 8.25
CA ASP B 703 -25.99 -16.98 8.87
C ASP B 703 -25.68 -18.02 7.78
N ARG B 704 -24.45 -18.52 7.80
CA ARG B 704 -23.98 -19.54 6.83
C ARG B 704 -24.63 -20.92 6.97
N TYR B 705 -25.17 -21.23 8.15
CA TYR B 705 -25.70 -22.58 8.46
C TYR B 705 -27.22 -22.71 8.58
N ASN B 706 -27.92 -21.58 8.73
CA ASN B 706 -29.39 -21.58 8.76
C ASN B 706 -29.87 -21.33 7.34
N LEU B 707 -30.42 -22.36 6.70
CA LEU B 707 -30.91 -22.27 5.34
C LEU B 707 -32.42 -22.01 5.25
N GLY B 708 -33.05 -21.68 6.38
CA GLY B 708 -34.47 -21.33 6.45
C GLY B 708 -35.25 -22.31 7.30
N THR B 709 -36.25 -21.79 8.00
CA THR B 709 -37.19 -22.58 8.78
C THR B 709 -38.61 -22.32 8.27
N ASN B 710 -39.58 -23.07 8.78
CA ASN B 710 -41.00 -22.86 8.46
C ASN B 710 -41.45 -21.45 8.85
N ALA B 711 -41.12 -21.06 10.08
CA ALA B 711 -41.45 -19.73 10.60
C ALA B 711 -40.74 -18.61 9.85
N ASN B 712 -39.43 -18.78 9.66
CA ASN B 712 -38.56 -17.80 9.00
C ASN B 712 -37.92 -18.41 7.76
N PRO B 713 -38.67 -18.51 6.65
CA PRO B 713 -38.07 -19.03 5.42
C PRO B 713 -37.16 -18.01 4.76
N THR B 714 -36.30 -18.48 3.87
CA THR B 714 -35.55 -17.59 2.98
C THR B 714 -36.49 -17.22 1.83
N LYS B 715 -35.95 -16.49 0.85
CA LYS B 715 -36.65 -16.23 -0.40
C LYS B 715 -37.12 -17.52 -1.08
N TYR B 716 -36.27 -18.54 -1.05
CA TYR B 716 -36.46 -19.76 -1.82
C TYR B 716 -37.25 -20.85 -1.08
N GLY B 717 -37.29 -20.77 0.26
CA GLY B 717 -38.08 -21.69 1.09
C GLY B 717 -37.41 -22.04 2.40
N SER B 718 -37.81 -23.17 2.98
CA SER B 718 -37.23 -23.67 4.23
C SER B 718 -36.15 -24.72 3.97
N GLY B 719 -35.45 -25.08 5.04
CA GLY B 719 -34.39 -26.10 4.99
C GLY B 719 -34.94 -27.49 4.73
N GLU B 720 -36.08 -27.81 5.34
CA GLU B 720 -36.74 -29.08 5.11
C GLU B 720 -37.24 -29.17 3.66
N GLU B 721 -37.72 -28.05 3.12
CA GLU B 721 -38.11 -27.97 1.70
C GLU B 721 -36.92 -28.12 0.76
N LEU B 722 -35.78 -27.52 1.12
CA LEU B 722 -34.52 -27.68 0.38
C LEU B 722 -34.11 -29.15 0.29
N ALA B 723 -34.12 -29.84 1.43
CA ALA B 723 -33.77 -31.26 1.51
C ALA B 723 -34.67 -32.14 0.63
N ASN B 724 -35.98 -31.89 0.70
CA ASN B 724 -36.95 -32.58 -0.18
C ASN B 724 -36.71 -32.27 -1.65
N ALA B 725 -36.43 -31.01 -1.96
CA ALA B 725 -36.17 -30.58 -3.33
C ALA B 725 -34.95 -31.29 -3.93
N ILE B 726 -33.86 -31.34 -3.17
CA ILE B 726 -32.62 -31.99 -3.63
C ILE B 726 -32.85 -33.49 -3.84
N ALA B 727 -33.55 -34.13 -2.91
CA ALA B 727 -33.92 -35.55 -3.05
C ALA B 727 -34.78 -35.82 -4.29
N ALA B 728 -35.72 -34.91 -4.57
CA ALA B 728 -36.57 -35.00 -5.76
C ALA B 728 -35.75 -34.88 -7.05
N LEU B 729 -34.82 -33.93 -7.08
CA LEU B 729 -33.88 -33.79 -8.20
C LEU B 729 -33.02 -35.05 -8.37
N HIS B 730 -32.50 -35.59 -7.26
CA HIS B 730 -31.74 -36.86 -7.28
C HIS B 730 -32.55 -38.01 -7.85
N SER B 731 -33.82 -38.13 -7.44
CA SER B 731 -34.74 -39.16 -7.96
C SER B 731 -34.95 -39.06 -9.47
N ALA B 732 -34.96 -37.83 -9.99
CA ALA B 732 -35.06 -37.60 -11.45
C ALA B 732 -33.74 -37.82 -12.20
N GLY B 733 -32.64 -38.07 -11.48
CA GLY B 733 -31.35 -38.42 -12.09
C GLY B 733 -30.34 -37.29 -12.18
N LEU B 734 -30.68 -36.14 -11.60
CA LEU B 734 -29.78 -34.98 -11.61
C LEU B 734 -28.86 -34.98 -10.40
N LYS B 735 -27.74 -34.28 -10.52
CA LYS B 735 -26.90 -33.89 -9.39
C LYS B 735 -27.11 -32.40 -9.18
N VAL B 736 -26.88 -31.93 -7.95
CA VAL B 736 -27.18 -30.56 -7.57
C VAL B 736 -26.05 -29.98 -6.72
N GLN B 737 -25.75 -28.71 -6.96
CA GLN B 737 -24.68 -28.02 -6.26
C GLN B 737 -25.17 -26.72 -5.65
N VAL B 738 -24.49 -26.30 -4.59
CA VAL B 738 -24.84 -25.11 -3.82
C VAL B 738 -23.91 -23.96 -4.18
N ASP B 739 -24.49 -22.75 -4.27
CA ASP B 739 -23.71 -21.53 -4.42
C ASP B 739 -23.05 -21.25 -3.07
N ILE B 740 -21.74 -21.48 -2.99
CA ILE B 740 -20.98 -21.24 -1.74
C ILE B 740 -20.26 -19.90 -1.80
N VAL B 741 -20.41 -19.11 -0.73
CA VAL B 741 -19.97 -17.71 -0.68
C VAL B 741 -18.98 -17.49 0.46
N MET B 742 -17.70 -17.67 0.14
CA MET B 742 -16.61 -17.53 1.12
C MET B 742 -16.05 -16.10 1.22
N ASN B 743 -16.36 -15.24 0.25
CA ASN B 743 -15.74 -13.91 0.16
C ASN B 743 -16.15 -12.96 1.28
N GLN B 744 -17.46 -12.83 1.52
CA GLN B 744 -17.97 -11.84 2.48
C GLN B 744 -19.23 -12.27 3.21
N MET B 745 -19.51 -11.57 4.31
CA MET B 745 -20.80 -11.61 5.00
C MET B 745 -21.25 -10.17 5.20
N ILE B 746 -22.39 -9.80 4.60
CA ILE B 746 -22.90 -8.43 4.67
C ILE B 746 -23.97 -8.35 5.77
N GLY B 747 -23.89 -7.32 6.60
CA GLY B 747 -24.94 -6.99 7.57
C GLY B 747 -24.87 -7.70 8.90
N LEU B 748 -23.66 -7.82 9.44
CA LEU B 748 -23.47 -8.35 10.80
C LEU B 748 -23.92 -7.26 11.79
N PRO B 749 -24.70 -7.64 12.83
CA PRO B 749 -25.30 -6.63 13.71
C PRO B 749 -24.42 -6.08 14.84
N GLY B 750 -23.41 -6.84 15.28
CA GLY B 750 -22.57 -6.44 16.41
C GLY B 750 -21.44 -5.50 16.04
N GLN B 751 -21.31 -4.41 16.79
CA GLN B 751 -20.23 -3.44 16.58
C GLN B 751 -18.96 -3.86 17.32
N GLU B 752 -17.81 -3.51 16.75
CA GLU B 752 -16.51 -3.79 17.36
C GLU B 752 -15.56 -2.62 17.12
N ALA B 753 -14.79 -2.27 18.14
CA ALA B 753 -13.75 -1.25 18.01
C ALA B 753 -12.55 -1.89 17.34
N VAL B 754 -12.26 -1.46 16.10
CA VAL B 754 -11.16 -2.01 15.29
C VAL B 754 -10.22 -0.90 14.84
N THR B 755 -8.95 -1.25 14.65
CA THR B 755 -7.96 -0.34 14.08
C THR B 755 -7.89 -0.57 12.58
N VAL B 756 -8.04 0.49 11.79
CA VAL B 756 -8.19 0.39 10.34
C VAL B 756 -7.28 1.32 9.55
N THR B 757 -7.11 0.98 8.27
CA THR B 757 -6.29 1.74 7.33
C THR B 757 -7.03 1.81 5.98
N ARG B 758 -7.00 2.99 5.35
CA ARG B 758 -7.72 3.22 4.10
C ARG B 758 -7.03 2.53 2.94
N ALA B 759 -7.73 1.62 2.27
CA ALA B 759 -7.13 0.77 1.24
C ALA B 759 -7.93 0.75 -0.05
N ASP B 760 -7.23 0.46 -1.16
CA ASP B 760 -7.88 0.20 -2.46
C ASP B 760 -8.49 -1.21 -2.46
N ASN B 761 -9.10 -1.63 -3.58
CA ASN B 761 -9.71 -2.97 -3.66
C ASN B 761 -8.74 -4.16 -3.52
N ARG B 762 -7.44 -3.91 -3.67
CA ARG B 762 -6.39 -4.91 -3.43
C ARG B 762 -5.98 -5.05 -1.96
N GLY B 763 -6.47 -4.17 -1.09
CA GLY B 763 -6.10 -4.16 0.33
C GLY B 763 -4.77 -3.49 0.66
N ILE B 764 -4.25 -2.71 -0.30
CA ILE B 764 -3.05 -1.91 -0.12
C ILE B 764 -3.49 -0.48 0.17
N GLN B 765 -2.76 0.21 1.03
CA GLN B 765 -3.12 1.59 1.40
C GLN B 765 -3.16 2.50 0.17
N THR B 766 -4.18 3.36 0.11
CA THR B 766 -4.44 4.19 -1.05
C THR B 766 -4.77 5.63 -0.62
N TYR B 767 -4.69 6.54 -1.59
CA TYR B 767 -5.02 7.95 -1.37
C TYR B 767 -6.30 8.29 -2.13
N VAL B 768 -7.15 9.11 -1.51
CA VAL B 768 -8.43 9.53 -2.09
C VAL B 768 -8.46 11.06 -2.12
N ASN B 769 -8.46 11.64 -3.33
CA ASN B 769 -8.37 13.09 -3.54
C ASN B 769 -7.19 13.71 -2.75
N GLY B 770 -6.06 13.02 -2.76
CA GLY B 770 -4.87 13.45 -2.02
C GLY B 770 -4.79 13.10 -0.55
N LYS B 771 -5.87 12.55 0.02
CA LYS B 771 -5.94 12.23 1.46
C LYS B 771 -5.88 10.73 1.72
N THR B 772 -5.37 10.36 2.89
CA THR B 772 -5.36 8.95 3.34
C THR B 772 -5.34 8.87 4.87
N TYR B 773 -5.44 7.66 5.39
CA TYR B 773 -5.24 7.42 6.82
C TYR B 773 -4.84 5.98 7.13
N ALA B 774 -4.14 5.82 8.26
CA ALA B 774 -3.70 4.50 8.74
C ALA B 774 -3.76 4.44 10.26
N ASN B 775 -3.99 3.23 10.79
CA ASN B 775 -4.06 2.98 12.23
C ASN B 775 -5.11 3.81 13.00
N GLN B 776 -6.24 4.11 12.36
CA GLN B 776 -7.31 4.89 12.99
C GLN B 776 -8.35 3.95 13.60
N MET B 777 -8.88 4.32 14.77
CA MET B 777 -9.94 3.54 15.43
C MET B 777 -11.25 3.74 14.68
N TYR B 778 -11.95 2.63 14.44
CA TYR B 778 -13.19 2.62 13.66
C TYR B 778 -14.19 1.72 14.38
N PHE B 779 -15.39 2.26 14.64
CA PHE B 779 -16.44 1.50 15.31
C PHE B 779 -17.33 0.82 14.27
N ALA B 780 -16.80 -0.25 13.69
CA ALA B 780 -17.42 -0.95 12.57
C ALA B 780 -18.33 -2.09 13.03
N TYR B 781 -19.37 -2.34 12.23
CA TYR B 781 -20.22 -3.51 12.40
C TYR B 781 -19.49 -4.72 11.82
N THR B 782 -18.99 -5.60 12.69
CA THR B 782 -18.16 -6.75 12.29
C THR B 782 -18.53 -8.11 12.89
N THR B 783 -19.37 -8.14 13.93
CA THR B 783 -19.54 -9.33 14.76
C THR B 783 -20.91 -9.97 14.60
N GLY B 784 -20.94 -11.30 14.49
CA GLY B 784 -22.19 -12.07 14.43
C GLY B 784 -22.00 -13.43 13.77
N GLY B 785 -23.05 -13.91 13.09
CA GLY B 785 -23.06 -15.24 12.47
C GLY B 785 -24.33 -16.04 12.74
N GLY B 786 -25.07 -15.67 13.79
CA GLY B 786 -26.34 -16.30 14.11
C GLY B 786 -26.17 -17.56 14.94
N ASN B 787 -27.30 -18.19 15.30
CA ASN B 787 -27.29 -19.45 16.04
C ASN B 787 -26.76 -20.62 15.21
N GLY B 788 -26.86 -20.52 13.89
CA GLY B 788 -26.26 -21.48 12.98
C GLY B 788 -24.75 -21.58 13.16
N GLN B 789 -24.08 -20.44 13.19
CA GLN B 789 -22.63 -20.40 13.43
C GLN B 789 -22.29 -20.90 14.84
N GLU B 790 -23.10 -20.52 15.83
CA GLU B 790 -22.92 -20.98 17.22
C GLU B 790 -22.98 -22.50 17.33
N THR B 791 -24.02 -23.11 16.74
CA THR B 791 -24.26 -24.54 16.88
C THR B 791 -23.45 -25.42 15.92
N TYR B 792 -23.26 -24.97 14.67
CA TYR B 792 -22.59 -25.78 13.62
C TYR B 792 -21.15 -25.38 13.30
N GLY B 793 -20.73 -24.18 13.69
CA GLY B 793 -19.37 -23.70 13.42
C GLY B 793 -18.29 -24.58 14.03
N GLY B 794 -17.47 -25.19 13.18
CA GLY B 794 -16.43 -26.12 13.62
C GLY B 794 -16.89 -27.45 14.20
N LYS B 795 -18.20 -27.75 14.09
CA LYS B 795 -18.81 -28.93 14.71
C LYS B 795 -18.20 -30.25 14.23
N TYR B 796 -17.91 -30.30 12.93
CA TYR B 796 -17.43 -31.51 12.26
C TYR B 796 -15.92 -31.56 12.02
N LEU B 797 -15.16 -30.65 12.62
CA LEU B 797 -13.69 -30.65 12.48
C LEU B 797 -13.05 -31.89 13.12
N SER B 798 -13.59 -32.33 14.25
CA SER B 798 -13.15 -33.56 14.92
C SER B 798 -13.32 -34.79 14.02
N GLU B 799 -14.51 -34.90 13.41
CA GLU B 799 -14.83 -35.98 12.48
C GLU B 799 -13.95 -35.93 11.22
N LEU B 800 -13.79 -34.73 10.66
CA LEU B 800 -12.92 -34.50 9.49
C LEU B 800 -11.47 -34.88 9.78
N GLN B 801 -10.97 -34.49 10.97
CA GLN B 801 -9.64 -34.88 11.45
C GLN B 801 -9.48 -36.40 11.52
N SER B 802 -10.51 -37.07 12.05
CA SER B 802 -10.51 -38.53 12.18
C SER B 802 -10.51 -39.25 10.82
N LYS B 803 -11.40 -38.81 9.93
CA LYS B 803 -11.56 -39.43 8.62
C LYS B 803 -10.44 -39.08 7.63
N TYR B 804 -10.11 -37.79 7.56
CA TYR B 804 -9.18 -37.27 6.55
C TYR B 804 -8.09 -36.37 7.19
N PRO B 805 -7.17 -36.97 7.98
CA PRO B 805 -6.11 -36.18 8.66
C PRO B 805 -5.28 -35.28 7.75
N ASP B 806 -5.07 -35.71 6.50
CA ASP B 806 -4.34 -34.93 5.49
C ASP B 806 -4.87 -33.50 5.26
N LEU B 807 -6.17 -33.30 5.48
CA LEU B 807 -6.77 -31.95 5.43
C LEU B 807 -6.07 -30.93 6.34
N PHE B 808 -5.61 -31.39 7.50
CA PHE B 808 -4.99 -30.52 8.51
C PHE B 808 -3.49 -30.75 8.69
N THR B 809 -2.87 -31.46 7.74
CA THR B 809 -1.41 -31.53 7.62
C THR B 809 -0.87 -31.00 6.28
N THR B 810 -1.72 -30.94 5.24
CA THR B 810 -1.31 -30.36 3.95
C THR B 810 -1.14 -28.85 4.11
N ARG B 811 0.07 -28.37 3.87
CA ARG B 811 0.41 -26.95 4.04
C ARG B 811 -0.12 -26.14 2.85
N ALA B 812 -0.91 -25.12 3.17
CA ALA B 812 -1.48 -24.23 2.16
C ALA B 812 -0.39 -23.42 1.47
N ILE B 813 -0.58 -23.13 0.18
CA ILE B 813 0.44 -22.48 -0.64
C ILE B 813 0.72 -21.04 -0.17
N SER B 814 -0.34 -20.29 0.14
CA SER B 814 -0.23 -18.87 0.51
C SER B 814 0.47 -18.65 1.86
N THR B 815 0.16 -19.50 2.84
CA THR B 815 0.69 -19.37 4.21
C THR B 815 1.88 -20.27 4.51
N GLY B 816 1.93 -21.45 3.88
CA GLY B 816 2.91 -22.47 4.23
C GLY B 816 2.58 -23.26 5.50
N VAL B 817 1.35 -23.12 6.00
CA VAL B 817 0.86 -23.91 7.14
C VAL B 817 -0.49 -24.53 6.79
N ALA B 818 -0.83 -25.63 7.45
CA ALA B 818 -2.10 -26.31 7.21
C ALA B 818 -3.28 -25.57 7.84
N PRO B 819 -4.52 -25.88 7.39
CA PRO B 819 -5.70 -25.44 8.13
C PRO B 819 -5.66 -25.91 9.59
N ASP B 820 -6.18 -25.08 10.49
CA ASP B 820 -6.07 -25.28 11.93
C ASP B 820 -7.44 -25.68 12.50
N PRO B 821 -7.63 -26.98 12.80
CA PRO B 821 -8.91 -27.43 13.34
C PRO B 821 -9.08 -27.25 14.86
N THR B 822 -8.05 -26.78 15.57
CA THR B 822 -8.09 -26.68 17.04
C THR B 822 -8.93 -25.50 17.58
N THR B 823 -9.29 -24.55 16.71
CA THR B 823 -10.17 -23.44 17.07
C THR B 823 -11.44 -23.49 16.21
N ARG B 824 -12.59 -23.43 16.88
CA ARG B 824 -13.90 -23.43 16.22
C ARG B 824 -14.41 -22.00 16.11
N ILE B 825 -14.86 -21.62 14.92
CA ILE B 825 -15.49 -20.30 14.72
C ILE B 825 -16.97 -20.40 15.04
N THR B 826 -17.31 -20.08 16.29
CA THR B 826 -18.71 -20.03 16.74
C THR B 826 -19.34 -18.66 16.50
N LYS B 827 -18.49 -17.63 16.31
CA LYS B 827 -18.95 -16.27 16.05
C LYS B 827 -17.88 -15.50 15.26
N TRP B 828 -18.31 -14.82 14.20
CA TRP B 828 -17.41 -14.03 13.36
C TRP B 828 -17.08 -12.71 14.03
N SER B 829 -15.85 -12.24 13.81
CA SER B 829 -15.39 -10.95 14.33
C SER B 829 -14.21 -10.46 13.49
N ALA B 830 -13.73 -9.25 13.77
CA ALA B 830 -12.65 -8.61 12.99
C ALA B 830 -11.38 -9.45 12.85
N LYS B 831 -11.03 -10.21 13.89
CA LYS B 831 -9.84 -11.10 13.87
C LYS B 831 -9.82 -12.08 12.69
N TYR B 832 -10.99 -12.49 12.21
CA TYR B 832 -11.13 -13.36 11.03
C TYR B 832 -11.49 -12.61 9.74
N GLU B 833 -11.24 -11.29 9.71
CA GLU B 833 -11.69 -10.44 8.61
C GLU B 833 -10.56 -9.54 8.09
N ASN B 834 -10.49 -9.40 6.76
CA ASN B 834 -9.51 -8.52 6.11
C ASN B 834 -9.89 -7.04 6.26
N GLY B 835 -11.19 -6.77 6.26
CA GLY B 835 -11.70 -5.41 6.42
C GLY B 835 -13.15 -5.32 5.99
N THR B 836 -13.57 -4.11 5.60
CA THR B 836 -14.93 -3.88 5.14
C THR B 836 -15.00 -2.73 4.16
N SER B 837 -16.03 -2.72 3.31
CA SER B 837 -16.39 -1.53 2.56
C SER B 837 -16.79 -0.42 3.55
N LEU B 838 -16.65 0.84 3.13
CA LEU B 838 -16.87 1.96 4.03
C LEU B 838 -18.32 1.96 4.54
N GLN B 839 -18.48 2.05 5.87
CA GLN B 839 -19.78 1.88 6.54
C GLN B 839 -20.51 3.20 6.87
N ASN B 840 -20.00 4.33 6.39
CA ASN B 840 -20.63 5.64 6.61
C ASN B 840 -20.72 6.02 8.10
N ILE B 841 -19.64 5.75 8.84
CA ILE B 841 -19.57 6.02 10.29
C ILE B 841 -18.57 7.15 10.63
N GLY B 842 -17.37 7.10 10.06
CA GLY B 842 -16.31 8.08 10.34
C GLY B 842 -15.19 7.53 11.20
N ILE B 843 -14.00 8.10 11.03
CA ILE B 843 -12.76 7.60 11.67
C ILE B 843 -12.35 8.29 12.96
N GLY B 844 -12.76 9.55 13.15
CA GLY B 844 -12.30 10.38 14.27
C GLY B 844 -13.31 10.56 15.38
N LEU B 845 -13.92 9.45 15.82
CA LEU B 845 -14.88 9.46 16.93
C LEU B 845 -14.33 8.79 18.21
N ALA B 846 -13.12 8.26 18.15
CA ALA B 846 -12.56 7.48 19.25
C ALA B 846 -11.89 8.50 20.16
N VAL B 847 -12.57 8.76 21.27
CA VAL B 847 -12.07 9.66 22.35
C VAL B 847 -10.65 9.31 22.83
N LYS B 848 -9.69 10.15 22.48
CA LYS B 848 -8.36 10.16 23.08
C LYS B 848 -8.31 11.22 24.19
N LEU B 849 -7.59 10.90 25.26
CA LEU B 849 -7.35 11.86 26.34
C LEU B 849 -6.28 12.87 25.89
N PRO B 850 -6.16 14.02 26.58
CA PRO B 850 -5.12 15.01 26.21
C PRO B 850 -3.69 14.48 26.23
N ASN B 851 -3.41 13.49 27.08
CA ASN B 851 -2.09 12.84 27.13
C ASN B 851 -1.79 11.92 25.93
N GLY B 852 -2.79 11.64 25.09
CA GLY B 852 -2.59 10.87 23.86
C GLY B 852 -3.22 9.49 23.85
N GLU B 853 -3.34 8.87 25.03
CA GLU B 853 -3.93 7.52 25.13
C GLU B 853 -5.44 7.54 24.89
N TYR B 854 -5.96 6.41 24.42
CA TYR B 854 -7.41 6.25 24.22
C TYR B 854 -8.13 6.16 25.57
N ALA B 855 -9.31 6.76 25.64
CA ALA B 855 -10.19 6.62 26.80
C ALA B 855 -10.71 5.19 26.84
N TYR B 856 -10.60 4.56 28.02
CA TYR B 856 -10.98 3.16 28.18
C TYR B 856 -11.83 2.95 29.43
N LEU B 857 -12.80 2.05 29.34
CA LEU B 857 -13.69 1.73 30.45
C LEU B 857 -13.77 0.22 30.64
N ARG B 858 -13.27 -0.26 31.79
CA ARG B 858 -13.34 -1.69 32.13
C ARG B 858 -14.79 -2.08 32.39
N SER B 859 -15.18 -3.25 31.89
CA SER B 859 -16.58 -3.71 31.95
C SER B 859 -16.73 -5.21 31.76
N SER B 860 -16.20 -5.99 32.70
CA SER B 860 -16.39 -7.45 32.80
C SER B 860 -15.85 -8.28 31.62
N ASP B 861 -16.37 -8.04 30.43
CA ASP B 861 -15.78 -8.56 29.18
C ASP B 861 -14.47 -7.85 28.86
N ASN B 862 -14.48 -6.52 28.99
CA ASN B 862 -13.37 -5.67 28.59
C ASN B 862 -12.37 -5.44 29.75
N LYS B 863 -11.21 -6.08 29.67
CA LYS B 863 -10.13 -5.92 30.66
C LYS B 863 -8.74 -5.74 30.00
N ALA B 864 -8.72 -5.13 28.82
CA ALA B 864 -7.47 -4.93 28.08
C ALA B 864 -6.54 -3.90 28.74
N PHE B 865 -7.13 -2.86 29.32
CA PHE B 865 -6.42 -1.76 29.99
C PHE B 865 -7.11 -1.41 31.30
N ASN B 866 -6.49 -0.50 32.05
CA ASN B 866 -7.13 0.11 33.22
C ASN B 866 -8.18 1.13 32.74
N THR B 867 -9.17 1.40 33.59
CA THR B 867 -10.17 2.43 33.31
C THR B 867 -9.50 3.81 33.37
N THR B 868 -9.52 4.51 32.24
CA THR B 868 -9.02 5.89 32.16
C THR B 868 -10.01 6.71 31.33
N LEU B 869 -10.72 7.61 32.00
CA LEU B 869 -11.75 8.43 31.38
C LEU B 869 -11.38 9.91 31.48
N PRO B 870 -11.95 10.77 30.60
CA PRO B 870 -11.66 12.21 30.67
C PRO B 870 -11.99 12.82 32.03
N GLU B 871 -11.15 13.75 32.49
CA GLU B 871 -11.33 14.46 33.76
C GLU B 871 -12.74 15.04 33.93
N THR B 872 -13.27 15.61 32.85
CA THR B 872 -14.59 16.25 32.83
C THR B 872 -15.73 15.35 33.34
N MET B 873 -15.63 14.04 33.11
CA MET B 873 -16.68 13.09 33.49
C MET B 873 -16.18 11.97 34.41
N SER B 874 -15.17 12.27 35.26
CA SER B 874 -14.53 11.23 36.08
C SER B 874 -13.83 11.74 37.34
N SER B 875 -12.86 12.63 37.15
CA SER B 875 -11.92 13.00 38.23
C SER B 875 -12.51 13.94 39.28
N ALA B 876 -12.60 13.45 40.52
CA ALA B 876 -12.94 14.28 41.68
C ALA B 876 -11.84 15.30 41.95
N ASP B 877 -10.59 14.89 41.76
CA ASP B 877 -9.43 15.76 41.95
C ASP B 877 -9.39 16.93 40.98
N TYR B 878 -9.88 16.73 39.75
CA TYR B 878 -10.06 17.82 38.80
C TYR B 878 -11.05 18.85 39.35
N TYR B 879 -12.23 18.39 39.74
CA TYR B 879 -13.29 19.26 40.25
C TYR B 879 -13.03 19.83 41.66
N ALA B 880 -12.08 19.25 42.40
CA ALA B 880 -11.60 19.83 43.66
C ALA B 880 -10.93 21.21 43.47
N ASN B 881 -10.40 21.47 42.27
CA ASN B 881 -9.87 22.79 41.91
C ASN B 881 -10.90 23.56 41.07
C2 BGC C . 11.30 21.63 -4.53
C3 BGC C . 11.96 20.38 -3.95
C4 BGC C . 13.49 20.47 -3.86
C5 BGC C . 13.92 21.84 -3.32
C6 BGC C . 15.45 22.02 -3.29
C1 BGC C . 11.93 22.93 -4.04
O1 BGC C . 11.47 24.01 -4.87
O2 BGC C . 9.91 21.62 -4.17
O3 BGC C . 11.59 19.26 -4.77
O4 BGC C . 13.98 19.43 -3.00
O5 BGC C . 13.36 22.87 -4.13
O6 BGC C . 15.95 22.23 -4.61
C1 GLC C . 14.33 18.20 -3.62
C2 GLC C . 13.54 17.05 -2.98
C3 GLC C . 13.98 16.81 -1.54
C4 GLC C . 15.49 16.60 -1.48
C5 GLC C . 16.22 17.76 -2.14
C6 GLC C . 17.74 17.54 -2.16
O2 GLC C . 12.14 17.33 -3.01
O3 GLC C . 13.30 15.68 -1.01
O4 GLC C . 15.88 16.45 -0.11
O5 GLC C . 15.74 17.95 -3.49
O6 GLC C . 18.35 18.13 -3.31
C1 AC1 C . 16.12 15.10 0.29
O2 AC1 C . 14.91 15.67 2.31
C2 AC1 C . 16.04 14.94 1.80
C4A AC1 C . 22.54 12.84 2.63
C3 AC1 C . 17.30 15.41 2.53
O3 AC1 C . 17.26 14.97 3.89
C4 AC1 C . 18.56 14.88 1.85
N4A AC1 C . 19.76 15.38 2.48
C5 AC1 C . 18.53 15.28 0.39
O5 AC1 C . 17.39 14.68 -0.24
C6 AC1 C . 19.80 14.86 -0.36
C1B AC1 C . 20.44 14.74 3.61
C2B AC1 C . 21.93 15.09 3.57
O2B AC1 C . 22.11 16.50 3.48
C3B AC1 C . 22.58 14.36 2.41
O3B AC1 C . 23.92 14.80 2.24
O4 AC1 C . 22.71 12.17 1.39
C5B AC1 C . 21.25 12.38 3.28
C7B AC1 C . 20.30 13.24 3.70
C6B AC1 C . 21.03 10.90 3.48
O6B AC1 C . 20.00 10.44 2.60
C2 BGC D . -14.30 -7.71 -19.15
C3 BGC D . -14.49 -7.80 -17.63
C4 BGC D . -15.96 -7.73 -17.24
C5 BGC D . -16.76 -8.74 -18.05
C6 BGC D . -18.23 -8.74 -17.65
C1 BGC D . -15.28 -8.59 -19.92
O1 BGC D . -15.25 -8.23 -21.31
O2 BGC D . -12.97 -8.10 -19.47
O3 BGC D . -13.78 -6.73 -17.01
O4 BGC D . -16.09 -8.00 -15.84
O5 BGC D . -16.62 -8.44 -19.44
O6 BGC D . -19.01 -9.47 -18.61
C1 GLC D . -16.43 -6.88 -15.00
C2 GLC D . -15.53 -6.86 -13.76
C3 GLC D . -15.80 -8.08 -12.89
C4 GLC D . -17.26 -8.10 -12.50
C5 GLC D . -18.15 -8.08 -13.75
C6 GLC D . -19.63 -8.02 -13.36
O2 GLC D . -14.16 -6.83 -14.15
O3 GLC D . -14.95 -8.03 -11.73
O4 GLC D . -17.55 -9.27 -11.73
O5 GLC D . -17.81 -6.98 -14.60
O6 GLC D . -20.42 -7.43 -14.41
C1 AC1 D . -17.51 -9.07 -10.32
O2 AC1 D . -16.17 -11.06 -10.49
C2 AC1 D . -17.10 -10.38 -9.64
C4A AC1 D . -22.94 -10.81 -5.97
C3 AC1 D . -18.25 -11.34 -9.36
O3 AC1 D . -17.83 -12.29 -8.36
C4 AC1 D . -19.51 -10.62 -8.90
N4A AC1 D . -20.63 -11.55 -8.80
C5 AC1 D . -19.84 -9.51 -9.90
O5 AC1 D . -18.78 -8.57 -9.87
C6 AC1 D . -21.14 -8.80 -9.55
C1B AC1 D . -20.93 -12.33 -7.60
C2B AC1 D . -22.41 -12.68 -7.58
O2B AC1 D . -22.77 -13.35 -8.79
C3B AC1 D . -23.23 -11.40 -7.36
O3B AC1 D . -24.62 -11.66 -7.51
O4 AC1 D . -23.25 -9.42 -5.98
C5B AC1 D . -21.50 -10.99 -5.56
C7B AC1 D . -20.59 -11.65 -6.29
C6B AC1 D . -21.04 -10.44 -4.22
O6B AC1 D . -20.55 -11.51 -3.42
CA CA E . 12.90 7.23 7.72
S SO4 F . 38.69 1.17 15.85
O1 SO4 F . 38.51 -0.17 16.44
O2 SO4 F . 38.39 1.12 14.40
O3 SO4 F . 40.08 1.63 16.06
O4 SO4 F . 37.77 2.12 16.52
CA CA G . -12.01 -11.59 -0.44
#